data_3U3P
# 
_entry.id   3U3P 
# 
_audit_conform.dict_name       mmcif_pdbx.dic 
_audit_conform.dict_version    5.398 
_audit_conform.dict_location   http://mmcif.pdb.org/dictionaries/ascii/mmcif_pdbx.dic 
# 
loop_
_database_2.database_id 
_database_2.database_code 
_database_2.pdbx_database_accession 
_database_2.pdbx_DOI 
PDB   3U3P         pdb_00003u3p 10.2210/pdb3u3p/pdb 
RCSB  RCSB068266   ?            ?                   
WWPDB D_1000068266 ?            ?                   
# 
loop_
_pdbx_audit_revision_history.ordinal 
_pdbx_audit_revision_history.data_content_type 
_pdbx_audit_revision_history.major_revision 
_pdbx_audit_revision_history.minor_revision 
_pdbx_audit_revision_history.revision_date 
1 'Structure model' 1 0 2012-05-02 
2 'Structure model' 1 1 2013-07-10 
3 'Structure model' 1 2 2024-11-13 
# 
_pdbx_audit_revision_details.ordinal             1 
_pdbx_audit_revision_details.revision_ordinal    1 
_pdbx_audit_revision_details.data_content_type   'Structure model' 
_pdbx_audit_revision_details.provider            repository 
_pdbx_audit_revision_details.type                'Initial release' 
_pdbx_audit_revision_details.description         ? 
_pdbx_audit_revision_details.details             ? 
# 
loop_
_pdbx_audit_revision_group.ordinal 
_pdbx_audit_revision_group.revision_ordinal 
_pdbx_audit_revision_group.data_content_type 
_pdbx_audit_revision_group.group 
1 2 'Structure model' 'Database references' 
2 3 'Structure model' 'Data collection'     
3 3 'Structure model' 'Database references' 
4 3 'Structure model' 'Structure summary'   
# 
loop_
_pdbx_audit_revision_category.ordinal 
_pdbx_audit_revision_category.revision_ordinal 
_pdbx_audit_revision_category.data_content_type 
_pdbx_audit_revision_category.category 
1 3 'Structure model' chem_comp_atom            
2 3 'Structure model' chem_comp_bond            
3 3 'Structure model' database_2                
4 3 'Structure model' pdbx_entry_details        
5 3 'Structure model' pdbx_modification_feature 
6 3 'Structure model' struct_ref_seq_dif        
# 
loop_
_pdbx_audit_revision_item.ordinal 
_pdbx_audit_revision_item.revision_ordinal 
_pdbx_audit_revision_item.data_content_type 
_pdbx_audit_revision_item.item 
1 3 'Structure model' '_database_2.pdbx_DOI'                
2 3 'Structure model' '_database_2.pdbx_database_accession' 
3 3 'Structure model' '_struct_ref_seq_dif.details'         
# 
_pdbx_database_status.status_code                     REL 
_pdbx_database_status.entry_id                        3U3P 
_pdbx_database_status.recvd_initial_deposition_date   2011-10-06 
_pdbx_database_status.deposit_site                    RCSB 
_pdbx_database_status.process_site                    PDBJ 
_pdbx_database_status.status_code_sf                  REL 
_pdbx_database_status.status_code_mr                  ? 
_pdbx_database_status.SG_entry                        ? 
_pdbx_database_status.status_code_cs                  ? 
_pdbx_database_status.methods_development_category    ? 
_pdbx_database_status.pdb_format_compatible           Y 
_pdbx_database_status.status_code_nmr_data            ? 
# 
loop_
_pdbx_database_related.db_name 
_pdbx_database_related.db_id 
_pdbx_database_related.details 
_pdbx_database_related.content_type 
PDB 3U3Q . unspecified 
PDB 3U3S . unspecified 
PDB 3U3T . unspecified 
PDB 3U3V . unspecified 
# 
loop_
_audit_author.name 
_audit_author.pdbx_ordinal 
'Ru, H.'        1  
'Zhao, L.X.'    2  
'Ding, W.'      3  
'Jiao, L.Y.'    4  
'Shaw, N.'      5  
'Zhang, L.G.'   6  
'Hung, L.W.'    7  
'Matsugaki, N.' 8  
'Wakatsuki, S.' 9  
'Liu, Z.J.'     10 
# 
_citation.id                        primary 
_citation.title                     'S-SAD phasing study of death receptor 6 and its solution conformation revealed by SAXS' 
_citation.journal_abbrev            'Acta Crystallogr.,Sect.D' 
_citation.journal_volume            68 
_citation.page_first                521 
_citation.page_last                 530 
_citation.year                      2012 
_citation.journal_id_ASTM           ABCRE6 
_citation.country                   DK 
_citation.journal_id_ISSN           0907-4449 
_citation.journal_id_CSD            0766 
_citation.book_publisher            ? 
_citation.pdbx_database_id_PubMed   22525750 
_citation.pdbx_database_id_DOI      10.1107/S0907444912004490 
# 
loop_
_citation_author.citation_id 
_citation_author.name 
_citation_author.ordinal 
_citation_author.identifier_ORCID 
primary 'Ru, H.'        1  ? 
primary 'Zhao, L.'      2  ? 
primary 'Ding, W.'      3  ? 
primary 'Jiao, L.'      4  ? 
primary 'Shaw, N.'      5  ? 
primary 'Liang, W.'     6  ? 
primary 'Zhang, L.'     7  ? 
primary 'Hung, L.W.'    8  ? 
primary 'Matsugaki, N.' 9  ? 
primary 'Wakatsuki, S.' 10 ? 
primary 'Liu, Z.J.'     11 ? 
# 
loop_
_entity.id 
_entity.type 
_entity.src_method 
_entity.pdbx_description 
_entity.formula_weight 
_entity.pdbx_number_of_molecules 
_entity.pdbx_ec 
_entity.pdbx_mutation 
_entity.pdbx_fragment 
_entity.details 
1 polymer man 'Tumor necrosis factor receptor superfamily member 21' 34211.570 1   ? ? 'cysteine rich domain' ? 
2 water   nat water                                                  18.015    142 ? ? ?                      ? 
# 
_entity_name_com.entity_id   1 
_entity_name_com.name        'Death receptor 6' 
# 
_entity_poly.entity_id                      1 
_entity_poly.type                           'polypeptide(L)' 
_entity_poly.nstd_linkage                   no 
_entity_poly.nstd_monomer                   no 
_entity_poly.pdbx_seq_one_letter_code       
;QPEQKASNLIGTYRHVDRATGQVLTCDKCPAGTYVSEHCTNTSLRVCSSCPVGTFTRHENGIEKCHDCSQPCPWPMIEKL
PCAALTDRECTCPPGMFQSNATCAPHTVCPVGWGVRKKGTETEDVRCKQCARGTFSDVPSSVMKCKAYTDCLSQNLVVIK
PGTKETDNVCGTLPSFSSSTSPSPGTAIFPRPEHMETHEVPSSTYVPKGMNSTESNSSASVRPKVLSSIQEGTVPDNTSS
ARGKEDVNKTLPNLQVVNHQQGPHHRHILKLLPSMEATGGEKSSTPIKGPKRGHPRQNLHKHFDINEHHHHHH
;
_entity_poly.pdbx_seq_one_letter_code_can   
;QPEQKASNLIGTYRHVDRATGQVLTCDKCPAGTYVSEHCTNTSLRVCSSCPVGTFTRHENGIEKCHDCSQPCPWPMIEKL
PCAALTDRECTCPPGMFQSNATCAPHTVCPVGWGVRKKGTETEDVRCKQCARGTFSDVPSSVMKCKAYTDCLSQNLVVIK
PGTKETDNVCGTLPSFSSSTSPSPGTAIFPRPEHMETHEVPSSTYVPKGMNSTESNSSASVRPKVLSSIQEGTVPDNTSS
ARGKEDVNKTLPNLQVVNHQQGPHHRHILKLLPSMEATGGEKSSTPIKGPKRGHPRQNLHKHFDINEHHHHHH
;
_entity_poly.pdbx_strand_id                 A 
_entity_poly.pdbx_target_identifier         ? 
# 
_pdbx_entity_nonpoly.entity_id   2 
_pdbx_entity_nonpoly.name        water 
_pdbx_entity_nonpoly.comp_id     HOH 
# 
loop_
_entity_poly_seq.entity_id 
_entity_poly_seq.num 
_entity_poly_seq.mon_id 
_entity_poly_seq.hetero 
1 1   GLN n 
1 2   PRO n 
1 3   GLU n 
1 4   GLN n 
1 5   LYS n 
1 6   ALA n 
1 7   SER n 
1 8   ASN n 
1 9   LEU n 
1 10  ILE n 
1 11  GLY n 
1 12  THR n 
1 13  TYR n 
1 14  ARG n 
1 15  HIS n 
1 16  VAL n 
1 17  ASP n 
1 18  ARG n 
1 19  ALA n 
1 20  THR n 
1 21  GLY n 
1 22  GLN n 
1 23  VAL n 
1 24  LEU n 
1 25  THR n 
1 26  CYS n 
1 27  ASP n 
1 28  LYS n 
1 29  CYS n 
1 30  PRO n 
1 31  ALA n 
1 32  GLY n 
1 33  THR n 
1 34  TYR n 
1 35  VAL n 
1 36  SER n 
1 37  GLU n 
1 38  HIS n 
1 39  CYS n 
1 40  THR n 
1 41  ASN n 
1 42  THR n 
1 43  SER n 
1 44  LEU n 
1 45  ARG n 
1 46  VAL n 
1 47  CYS n 
1 48  SER n 
1 49  SER n 
1 50  CYS n 
1 51  PRO n 
1 52  VAL n 
1 53  GLY n 
1 54  THR n 
1 55  PHE n 
1 56  THR n 
1 57  ARG n 
1 58  HIS n 
1 59  GLU n 
1 60  ASN n 
1 61  GLY n 
1 62  ILE n 
1 63  GLU n 
1 64  LYS n 
1 65  CYS n 
1 66  HIS n 
1 67  ASP n 
1 68  CYS n 
1 69  SER n 
1 70  GLN n 
1 71  PRO n 
1 72  CYS n 
1 73  PRO n 
1 74  TRP n 
1 75  PRO n 
1 76  MET n 
1 77  ILE n 
1 78  GLU n 
1 79  LYS n 
1 80  LEU n 
1 81  PRO n 
1 82  CYS n 
1 83  ALA n 
1 84  ALA n 
1 85  LEU n 
1 86  THR n 
1 87  ASP n 
1 88  ARG n 
1 89  GLU n 
1 90  CYS n 
1 91  THR n 
1 92  CYS n 
1 93  PRO n 
1 94  PRO n 
1 95  GLY n 
1 96  MET n 
1 97  PHE n 
1 98  GLN n 
1 99  SER n 
1 100 ASN n 
1 101 ALA n 
1 102 THR n 
1 103 CYS n 
1 104 ALA n 
1 105 PRO n 
1 106 HIS n 
1 107 THR n 
1 108 VAL n 
1 109 CYS n 
1 110 PRO n 
1 111 VAL n 
1 112 GLY n 
1 113 TRP n 
1 114 GLY n 
1 115 VAL n 
1 116 ARG n 
1 117 LYS n 
1 118 LYS n 
1 119 GLY n 
1 120 THR n 
1 121 GLU n 
1 122 THR n 
1 123 GLU n 
1 124 ASP n 
1 125 VAL n 
1 126 ARG n 
1 127 CYS n 
1 128 LYS n 
1 129 GLN n 
1 130 CYS n 
1 131 ALA n 
1 132 ARG n 
1 133 GLY n 
1 134 THR n 
1 135 PHE n 
1 136 SER n 
1 137 ASP n 
1 138 VAL n 
1 139 PRO n 
1 140 SER n 
1 141 SER n 
1 142 VAL n 
1 143 MET n 
1 144 LYS n 
1 145 CYS n 
1 146 LYS n 
1 147 ALA n 
1 148 TYR n 
1 149 THR n 
1 150 ASP n 
1 151 CYS n 
1 152 LEU n 
1 153 SER n 
1 154 GLN n 
1 155 ASN n 
1 156 LEU n 
1 157 VAL n 
1 158 VAL n 
1 159 ILE n 
1 160 LYS n 
1 161 PRO n 
1 162 GLY n 
1 163 THR n 
1 164 LYS n 
1 165 GLU n 
1 166 THR n 
1 167 ASP n 
1 168 ASN n 
1 169 VAL n 
1 170 CYS n 
1 171 GLY n 
1 172 THR n 
1 173 LEU n 
1 174 PRO n 
1 175 SER n 
1 176 PHE n 
1 177 SER n 
1 178 SER n 
1 179 SER n 
1 180 THR n 
1 181 SER n 
1 182 PRO n 
1 183 SER n 
1 184 PRO n 
1 185 GLY n 
1 186 THR n 
1 187 ALA n 
1 188 ILE n 
1 189 PHE n 
1 190 PRO n 
1 191 ARG n 
1 192 PRO n 
1 193 GLU n 
1 194 HIS n 
1 195 MET n 
1 196 GLU n 
1 197 THR n 
1 198 HIS n 
1 199 GLU n 
1 200 VAL n 
1 201 PRO n 
1 202 SER n 
1 203 SER n 
1 204 THR n 
1 205 TYR n 
1 206 VAL n 
1 207 PRO n 
1 208 LYS n 
1 209 GLY n 
1 210 MET n 
1 211 ASN n 
1 212 SER n 
1 213 THR n 
1 214 GLU n 
1 215 SER n 
1 216 ASN n 
1 217 SER n 
1 218 SER n 
1 219 ALA n 
1 220 SER n 
1 221 VAL n 
1 222 ARG n 
1 223 PRO n 
1 224 LYS n 
1 225 VAL n 
1 226 LEU n 
1 227 SER n 
1 228 SER n 
1 229 ILE n 
1 230 GLN n 
1 231 GLU n 
1 232 GLY n 
1 233 THR n 
1 234 VAL n 
1 235 PRO n 
1 236 ASP n 
1 237 ASN n 
1 238 THR n 
1 239 SER n 
1 240 SER n 
1 241 ALA n 
1 242 ARG n 
1 243 GLY n 
1 244 LYS n 
1 245 GLU n 
1 246 ASP n 
1 247 VAL n 
1 248 ASN n 
1 249 LYS n 
1 250 THR n 
1 251 LEU n 
1 252 PRO n 
1 253 ASN n 
1 254 LEU n 
1 255 GLN n 
1 256 VAL n 
1 257 VAL n 
1 258 ASN n 
1 259 HIS n 
1 260 GLN n 
1 261 GLN n 
1 262 GLY n 
1 263 PRO n 
1 264 HIS n 
1 265 HIS n 
1 266 ARG n 
1 267 HIS n 
1 268 ILE n 
1 269 LEU n 
1 270 LYS n 
1 271 LEU n 
1 272 LEU n 
1 273 PRO n 
1 274 SER n 
1 275 MET n 
1 276 GLU n 
1 277 ALA n 
1 278 THR n 
1 279 GLY n 
1 280 GLY n 
1 281 GLU n 
1 282 LYS n 
1 283 SER n 
1 284 SER n 
1 285 THR n 
1 286 PRO n 
1 287 ILE n 
1 288 LYS n 
1 289 GLY n 
1 290 PRO n 
1 291 LYS n 
1 292 ARG n 
1 293 GLY n 
1 294 HIS n 
1 295 PRO n 
1 296 ARG n 
1 297 GLN n 
1 298 ASN n 
1 299 LEU n 
1 300 HIS n 
1 301 LYS n 
1 302 HIS n 
1 303 PHE n 
1 304 ASP n 
1 305 ILE n 
1 306 ASN n 
1 307 GLU n 
1 308 HIS n 
1 309 HIS n 
1 310 HIS n 
1 311 HIS n 
1 312 HIS n 
1 313 HIS n 
# 
_entity_src_gen.entity_id                          1 
_entity_src_gen.pdbx_src_id                        1 
_entity_src_gen.pdbx_alt_source_flag               sample 
_entity_src_gen.pdbx_seq_type                      ? 
_entity_src_gen.pdbx_beg_seq_num                   ? 
_entity_src_gen.pdbx_end_seq_num                   ? 
_entity_src_gen.gene_src_common_name               human 
_entity_src_gen.gene_src_genus                     ? 
_entity_src_gen.pdbx_gene_src_gene                 'TNFRSF21, DR6, UNQ437/PRO868' 
_entity_src_gen.gene_src_species                   ? 
_entity_src_gen.gene_src_strain                    ? 
_entity_src_gen.gene_src_tissue                    ? 
_entity_src_gen.gene_src_tissue_fraction           ? 
_entity_src_gen.gene_src_details                   ? 
_entity_src_gen.pdbx_gene_src_fragment             ? 
_entity_src_gen.pdbx_gene_src_scientific_name      'Homo sapiens' 
_entity_src_gen.pdbx_gene_src_ncbi_taxonomy_id     9606 
_entity_src_gen.pdbx_gene_src_variant              ? 
_entity_src_gen.pdbx_gene_src_cell_line            ? 
_entity_src_gen.pdbx_gene_src_atcc                 ? 
_entity_src_gen.pdbx_gene_src_organ                ? 
_entity_src_gen.pdbx_gene_src_organelle            ? 
_entity_src_gen.pdbx_gene_src_cell                 ? 
_entity_src_gen.pdbx_gene_src_cellular_location    ? 
_entity_src_gen.host_org_common_name               ? 
_entity_src_gen.pdbx_host_org_scientific_name      'Escherichia coli' 
_entity_src_gen.pdbx_host_org_ncbi_taxonomy_id     562 
_entity_src_gen.host_org_genus                     ? 
_entity_src_gen.pdbx_host_org_gene                 ? 
_entity_src_gen.pdbx_host_org_organ                ? 
_entity_src_gen.host_org_species                   ? 
_entity_src_gen.pdbx_host_org_tissue               ? 
_entity_src_gen.pdbx_host_org_tissue_fraction      ? 
_entity_src_gen.pdbx_host_org_strain               ? 
_entity_src_gen.pdbx_host_org_variant              ? 
_entity_src_gen.pdbx_host_org_cell_line            ? 
_entity_src_gen.pdbx_host_org_atcc                 ? 
_entity_src_gen.pdbx_host_org_culture_collection   ? 
_entity_src_gen.pdbx_host_org_cell                 ? 
_entity_src_gen.pdbx_host_org_organelle            ? 
_entity_src_gen.pdbx_host_org_cellular_location    ? 
_entity_src_gen.pdbx_host_org_vector_type          ? 
_entity_src_gen.pdbx_host_org_vector               ? 
_entity_src_gen.host_org_details                   ? 
_entity_src_gen.expression_system_id               ? 
_entity_src_gen.plasmid_name                       ? 
_entity_src_gen.plasmid_details                    ? 
_entity_src_gen.pdbx_description                   ? 
# 
loop_
_chem_comp.id 
_chem_comp.type 
_chem_comp.mon_nstd_flag 
_chem_comp.name 
_chem_comp.pdbx_synonyms 
_chem_comp.formula 
_chem_comp.formula_weight 
ALA 'L-peptide linking' y ALANINE         ? 'C3 H7 N O2'     89.093  
ARG 'L-peptide linking' y ARGININE        ? 'C6 H15 N4 O2 1' 175.209 
ASN 'L-peptide linking' y ASPARAGINE      ? 'C4 H8 N2 O3'    132.118 
ASP 'L-peptide linking' y 'ASPARTIC ACID' ? 'C4 H7 N O4'     133.103 
CYS 'L-peptide linking' y CYSTEINE        ? 'C3 H7 N O2 S'   121.158 
GLN 'L-peptide linking' y GLUTAMINE       ? 'C5 H10 N2 O3'   146.144 
GLU 'L-peptide linking' y 'GLUTAMIC ACID' ? 'C5 H9 N O4'     147.129 
GLY 'peptide linking'   y GLYCINE         ? 'C2 H5 N O2'     75.067  
HIS 'L-peptide linking' y HISTIDINE       ? 'C6 H10 N3 O2 1' 156.162 
HOH non-polymer         . WATER           ? 'H2 O'           18.015  
ILE 'L-peptide linking' y ISOLEUCINE      ? 'C6 H13 N O2'    131.173 
LEU 'L-peptide linking' y LEUCINE         ? 'C6 H13 N O2'    131.173 
LYS 'L-peptide linking' y LYSINE          ? 'C6 H15 N2 O2 1' 147.195 
MET 'L-peptide linking' y METHIONINE      ? 'C5 H11 N O2 S'  149.211 
PHE 'L-peptide linking' y PHENYLALANINE   ? 'C9 H11 N O2'    165.189 
PRO 'L-peptide linking' y PROLINE         ? 'C5 H9 N O2'     115.130 
SER 'L-peptide linking' y SERINE          ? 'C3 H7 N O3'     105.093 
THR 'L-peptide linking' y THREONINE       ? 'C4 H9 N O3'     119.119 
TRP 'L-peptide linking' y TRYPTOPHAN      ? 'C11 H12 N2 O2'  204.225 
TYR 'L-peptide linking' y TYROSINE        ? 'C9 H11 N O3'    181.189 
VAL 'L-peptide linking' y VALINE          ? 'C5 H11 N O2'    117.146 
# 
loop_
_pdbx_poly_seq_scheme.asym_id 
_pdbx_poly_seq_scheme.entity_id 
_pdbx_poly_seq_scheme.seq_id 
_pdbx_poly_seq_scheme.mon_id 
_pdbx_poly_seq_scheme.ndb_seq_num 
_pdbx_poly_seq_scheme.pdb_seq_num 
_pdbx_poly_seq_scheme.auth_seq_num 
_pdbx_poly_seq_scheme.pdb_mon_id 
_pdbx_poly_seq_scheme.auth_mon_id 
_pdbx_poly_seq_scheme.pdb_strand_id 
_pdbx_poly_seq_scheme.pdb_ins_code 
_pdbx_poly_seq_scheme.hetero 
A 1 1   GLN 1   42  ?   ?   ?   A . n 
A 1 2   PRO 2   43  ?   ?   ?   A . n 
A 1 3   GLU 3   44  ?   ?   ?   A . n 
A 1 4   GLN 4   45  ?   ?   ?   A . n 
A 1 5   LYS 5   46  ?   ?   ?   A . n 
A 1 6   ALA 6   47  ?   ?   ?   A . n 
A 1 7   SER 7   48  ?   ?   ?   A . n 
A 1 8   ASN 8   49  ?   ?   ?   A . n 
A 1 9   LEU 9   50  ?   ?   ?   A . n 
A 1 10  ILE 10  51  51  ILE ILE A . n 
A 1 11  GLY 11  52  52  GLY GLY A . n 
A 1 12  THR 12  53  53  THR THR A . n 
A 1 13  TYR 13  54  54  TYR TYR A . n 
A 1 14  ARG 14  55  55  ARG ARG A . n 
A 1 15  HIS 15  56  56  HIS HIS A . n 
A 1 16  VAL 16  57  57  VAL VAL A . n 
A 1 17  ASP 17  58  58  ASP ASP A . n 
A 1 18  ARG 18  59  59  ARG ARG A . n 
A 1 19  ALA 19  60  60  ALA ALA A . n 
A 1 20  THR 20  61  61  THR THR A . n 
A 1 21  GLY 21  62  62  GLY GLY A . n 
A 1 22  GLN 22  63  63  GLN GLN A . n 
A 1 23  VAL 23  64  64  VAL VAL A . n 
A 1 24  LEU 24  65  65  LEU LEU A . n 
A 1 25  THR 25  66  66  THR THR A . n 
A 1 26  CYS 26  67  67  CYS CYS A . n 
A 1 27  ASP 27  68  68  ASP ASP A . n 
A 1 28  LYS 28  69  69  LYS LYS A . n 
A 1 29  CYS 29  70  70  CYS CYS A . n 
A 1 30  PRO 30  71  71  PRO PRO A . n 
A 1 31  ALA 31  72  72  ALA ALA A . n 
A 1 32  GLY 32  73  73  GLY GLY A . n 
A 1 33  THR 33  74  74  THR THR A . n 
A 1 34  TYR 34  75  75  TYR TYR A . n 
A 1 35  VAL 35  76  76  VAL VAL A . n 
A 1 36  SER 36  77  77  SER SER A . n 
A 1 37  GLU 37  78  78  GLU GLU A . n 
A 1 38  HIS 38  79  79  HIS HIS A . n 
A 1 39  CYS 39  80  80  CYS CYS A . n 
A 1 40  THR 40  81  81  THR THR A . n 
A 1 41  ASN 41  82  82  ASN ASN A . n 
A 1 42  THR 42  83  83  THR THR A . n 
A 1 43  SER 43  84  84  SER SER A . n 
A 1 44  LEU 44  85  85  LEU LEU A . n 
A 1 45  ARG 45  86  86  ARG ARG A . n 
A 1 46  VAL 46  87  87  VAL VAL A . n 
A 1 47  CYS 47  88  88  CYS CYS A . n 
A 1 48  SER 48  89  89  SER SER A . n 
A 1 49  SER 49  90  90  SER SER A . n 
A 1 50  CYS 50  91  91  CYS CYS A . n 
A 1 51  PRO 51  92  92  PRO PRO A . n 
A 1 52  VAL 52  93  93  VAL VAL A . n 
A 1 53  GLY 53  94  94  GLY GLY A . n 
A 1 54  THR 54  95  95  THR THR A . n 
A 1 55  PHE 55  96  96  PHE PHE A . n 
A 1 56  THR 56  97  97  THR THR A . n 
A 1 57  ARG 57  98  98  ARG ARG A . n 
A 1 58  HIS 58  99  99  HIS HIS A . n 
A 1 59  GLU 59  100 100 GLU GLU A . n 
A 1 60  ASN 60  101 101 ASN ASN A . n 
A 1 61  GLY 61  102 102 GLY GLY A . n 
A 1 62  ILE 62  103 103 ILE ILE A . n 
A 1 63  GLU 63  104 104 GLU GLU A . n 
A 1 64  LYS 64  105 105 LYS LYS A . n 
A 1 65  CYS 65  106 106 CYS CYS A . n 
A 1 66  HIS 66  107 107 HIS HIS A . n 
A 1 67  ASP 67  108 108 ASP ASP A . n 
A 1 68  CYS 68  109 109 CYS CYS A . n 
A 1 69  SER 69  110 110 SER SER A . n 
A 1 70  GLN 70  111 111 GLN GLN A . n 
A 1 71  PRO 71  112 112 PRO PRO A . n 
A 1 72  CYS 72  113 113 CYS CYS A . n 
A 1 73  PRO 73  114 114 PRO PRO A . n 
A 1 74  TRP 74  115 115 TRP TRP A . n 
A 1 75  PRO 75  116 116 PRO PRO A . n 
A 1 76  MET 76  117 117 MET MET A . n 
A 1 77  ILE 77  118 118 ILE ILE A . n 
A 1 78  GLU 78  119 119 GLU GLU A . n 
A 1 79  LYS 79  120 120 LYS LYS A . n 
A 1 80  LEU 80  121 121 LEU LEU A . n 
A 1 81  PRO 81  122 122 PRO PRO A . n 
A 1 82  CYS 82  123 123 CYS CYS A . n 
A 1 83  ALA 83  124 124 ALA ALA A . n 
A 1 84  ALA 84  125 125 ALA ALA A . n 
A 1 85  LEU 85  126 126 LEU LEU A . n 
A 1 86  THR 86  127 127 THR THR A . n 
A 1 87  ASP 87  128 128 ASP ASP A . n 
A 1 88  ARG 88  129 129 ARG ARG A . n 
A 1 89  GLU 89  130 130 GLU GLU A . n 
A 1 90  CYS 90  131 131 CYS CYS A . n 
A 1 91  THR 91  132 132 THR THR A . n 
A 1 92  CYS 92  133 133 CYS CYS A . n 
A 1 93  PRO 93  134 134 PRO PRO A . n 
A 1 94  PRO 94  135 135 PRO PRO A . n 
A 1 95  GLY 95  136 136 GLY GLY A . n 
A 1 96  MET 96  137 137 MET MET A . n 
A 1 97  PHE 97  138 138 PHE PHE A . n 
A 1 98  GLN 98  139 139 GLN GLN A . n 
A 1 99  SER 99  140 140 SER SER A . n 
A 1 100 ASN 100 141 141 ASN ASN A . n 
A 1 101 ALA 101 142 142 ALA ALA A . n 
A 1 102 THR 102 143 143 THR THR A . n 
A 1 103 CYS 103 144 144 CYS CYS A . n 
A 1 104 ALA 104 145 145 ALA ALA A . n 
A 1 105 PRO 105 146 146 PRO PRO A . n 
A 1 106 HIS 106 147 147 HIS HIS A . n 
A 1 107 THR 107 148 148 THR THR A . n 
A 1 108 VAL 108 149 149 VAL VAL A . n 
A 1 109 CYS 109 150 150 CYS CYS A . n 
A 1 110 PRO 110 151 151 PRO PRO A . n 
A 1 111 VAL 111 152 152 VAL VAL A . n 
A 1 112 GLY 112 153 153 GLY GLY A . n 
A 1 113 TRP 113 154 154 TRP TRP A . n 
A 1 114 GLY 114 155 155 GLY GLY A . n 
A 1 115 VAL 115 156 156 VAL VAL A . n 
A 1 116 ARG 116 157 157 ARG ARG A . n 
A 1 117 LYS 117 158 158 LYS LYS A . n 
A 1 118 LYS 118 159 159 LYS LYS A . n 
A 1 119 GLY 119 160 160 GLY GLY A . n 
A 1 120 THR 120 161 161 THR THR A . n 
A 1 121 GLU 121 162 162 GLU GLU A . n 
A 1 122 THR 122 163 163 THR THR A . n 
A 1 123 GLU 123 164 164 GLU GLU A . n 
A 1 124 ASP 124 165 165 ASP ASP A . n 
A 1 125 VAL 125 166 166 VAL VAL A . n 
A 1 126 ARG 126 167 167 ARG ARG A . n 
A 1 127 CYS 127 168 168 CYS CYS A . n 
A 1 128 LYS 128 169 169 LYS LYS A . n 
A 1 129 GLN 129 170 170 GLN GLN A . n 
A 1 130 CYS 130 171 171 CYS CYS A . n 
A 1 131 ALA 131 172 172 ALA ALA A . n 
A 1 132 ARG 132 173 173 ARG ARG A . n 
A 1 133 GLY 133 174 174 GLY GLY A . n 
A 1 134 THR 134 175 175 THR THR A . n 
A 1 135 PHE 135 176 176 PHE PHE A . n 
A 1 136 SER 136 177 177 SER SER A . n 
A 1 137 ASP 137 178 178 ASP ASP A . n 
A 1 138 VAL 138 179 179 VAL VAL A . n 
A 1 139 PRO 139 180 180 PRO PRO A . n 
A 1 140 SER 140 181 181 SER SER A . n 
A 1 141 SER 141 182 182 SER SER A . n 
A 1 142 VAL 142 183 183 VAL VAL A . n 
A 1 143 MET 143 184 184 MET MET A . n 
A 1 144 LYS 144 185 185 LYS LYS A . n 
A 1 145 CYS 145 186 186 CYS CYS A . n 
A 1 146 LYS 146 187 187 LYS LYS A . n 
A 1 147 ALA 147 188 188 ALA ALA A . n 
A 1 148 TYR 148 189 189 TYR TYR A . n 
A 1 149 THR 149 190 190 THR THR A . n 
A 1 150 ASP 150 191 191 ASP ASP A . n 
A 1 151 CYS 151 192 192 CYS CYS A . n 
A 1 152 LEU 152 193 193 LEU LEU A . n 
A 1 153 SER 153 194 194 SER SER A . n 
A 1 154 GLN 154 195 195 GLN GLN A . n 
A 1 155 ASN 155 196 196 ASN ASN A . n 
A 1 156 LEU 156 197 197 LEU LEU A . n 
A 1 157 VAL 157 198 198 VAL VAL A . n 
A 1 158 VAL 158 199 199 VAL VAL A . n 
A 1 159 ILE 159 200 200 ILE ILE A . n 
A 1 160 LYS 160 201 201 LYS LYS A . n 
A 1 161 PRO 161 202 202 PRO PRO A . n 
A 1 162 GLY 162 203 203 GLY GLY A . n 
A 1 163 THR 163 204 204 THR THR A . n 
A 1 164 LYS 164 205 205 LYS LYS A . n 
A 1 165 GLU 165 206 206 GLU GLU A . n 
A 1 166 THR 166 207 207 THR THR A . n 
A 1 167 ASP 167 208 208 ASP ASP A . n 
A 1 168 ASN 168 209 209 ASN ASN A . n 
A 1 169 VAL 169 210 210 VAL VAL A . n 
A 1 170 CYS 170 211 211 CYS CYS A . n 
A 1 171 GLY 171 212 212 GLY GLY A . n 
A 1 172 THR 172 213 213 THR THR A . n 
A 1 173 LEU 173 214 214 LEU LEU A . n 
A 1 174 PRO 174 215 ?   ?   ?   A . n 
A 1 175 SER 175 216 ?   ?   ?   A . n 
A 1 176 PHE 176 217 ?   ?   ?   A . n 
A 1 177 SER 177 218 ?   ?   ?   A . n 
A 1 178 SER 178 219 ?   ?   ?   A . n 
A 1 179 SER 179 220 ?   ?   ?   A . n 
A 1 180 THR 180 221 ?   ?   ?   A . n 
A 1 181 SER 181 222 ?   ?   ?   A . n 
A 1 182 PRO 182 223 ?   ?   ?   A . n 
A 1 183 SER 183 224 ?   ?   ?   A . n 
A 1 184 PRO 184 225 ?   ?   ?   A . n 
A 1 185 GLY 185 226 ?   ?   ?   A . n 
A 1 186 THR 186 227 ?   ?   ?   A . n 
A 1 187 ALA 187 228 ?   ?   ?   A . n 
A 1 188 ILE 188 229 ?   ?   ?   A . n 
A 1 189 PHE 189 230 ?   ?   ?   A . n 
A 1 190 PRO 190 231 ?   ?   ?   A . n 
A 1 191 ARG 191 232 ?   ?   ?   A . n 
A 1 192 PRO 192 233 ?   ?   ?   A . n 
A 1 193 GLU 193 234 ?   ?   ?   A . n 
A 1 194 HIS 194 235 ?   ?   ?   A . n 
A 1 195 MET 195 236 ?   ?   ?   A . n 
A 1 196 GLU 196 237 ?   ?   ?   A . n 
A 1 197 THR 197 238 ?   ?   ?   A . n 
A 1 198 HIS 198 239 ?   ?   ?   A . n 
A 1 199 GLU 199 240 ?   ?   ?   A . n 
A 1 200 VAL 200 241 ?   ?   ?   A . n 
A 1 201 PRO 201 242 ?   ?   ?   A . n 
A 1 202 SER 202 243 ?   ?   ?   A . n 
A 1 203 SER 203 244 ?   ?   ?   A . n 
A 1 204 THR 204 245 ?   ?   ?   A . n 
A 1 205 TYR 205 246 ?   ?   ?   A . n 
A 1 206 VAL 206 247 ?   ?   ?   A . n 
A 1 207 PRO 207 248 ?   ?   ?   A . n 
A 1 208 LYS 208 249 ?   ?   ?   A . n 
A 1 209 GLY 209 250 ?   ?   ?   A . n 
A 1 210 MET 210 251 ?   ?   ?   A . n 
A 1 211 ASN 211 252 ?   ?   ?   A . n 
A 1 212 SER 212 253 ?   ?   ?   A . n 
A 1 213 THR 213 254 ?   ?   ?   A . n 
A 1 214 GLU 214 255 ?   ?   ?   A . n 
A 1 215 SER 215 256 ?   ?   ?   A . n 
A 1 216 ASN 216 257 ?   ?   ?   A . n 
A 1 217 SER 217 258 ?   ?   ?   A . n 
A 1 218 SER 218 259 ?   ?   ?   A . n 
A 1 219 ALA 219 260 ?   ?   ?   A . n 
A 1 220 SER 220 261 ?   ?   ?   A . n 
A 1 221 VAL 221 262 ?   ?   ?   A . n 
A 1 222 ARG 222 263 ?   ?   ?   A . n 
A 1 223 PRO 223 264 ?   ?   ?   A . n 
A 1 224 LYS 224 265 ?   ?   ?   A . n 
A 1 225 VAL 225 266 ?   ?   ?   A . n 
A 1 226 LEU 226 267 ?   ?   ?   A . n 
A 1 227 SER 227 268 ?   ?   ?   A . n 
A 1 228 SER 228 269 ?   ?   ?   A . n 
A 1 229 ILE 229 270 ?   ?   ?   A . n 
A 1 230 GLN 230 271 ?   ?   ?   A . n 
A 1 231 GLU 231 272 ?   ?   ?   A . n 
A 1 232 GLY 232 273 ?   ?   ?   A . n 
A 1 233 THR 233 274 ?   ?   ?   A . n 
A 1 234 VAL 234 275 ?   ?   ?   A . n 
A 1 235 PRO 235 276 ?   ?   ?   A . n 
A 1 236 ASP 236 277 ?   ?   ?   A . n 
A 1 237 ASN 237 278 ?   ?   ?   A . n 
A 1 238 THR 238 279 ?   ?   ?   A . n 
A 1 239 SER 239 280 ?   ?   ?   A . n 
A 1 240 SER 240 281 ?   ?   ?   A . n 
A 1 241 ALA 241 282 ?   ?   ?   A . n 
A 1 242 ARG 242 283 ?   ?   ?   A . n 
A 1 243 GLY 243 284 ?   ?   ?   A . n 
A 1 244 LYS 244 285 ?   ?   ?   A . n 
A 1 245 GLU 245 286 ?   ?   ?   A . n 
A 1 246 ASP 246 287 ?   ?   ?   A . n 
A 1 247 VAL 247 288 ?   ?   ?   A . n 
A 1 248 ASN 248 289 ?   ?   ?   A . n 
A 1 249 LYS 249 290 ?   ?   ?   A . n 
A 1 250 THR 250 291 ?   ?   ?   A . n 
A 1 251 LEU 251 292 ?   ?   ?   A . n 
A 1 252 PRO 252 293 ?   ?   ?   A . n 
A 1 253 ASN 253 294 ?   ?   ?   A . n 
A 1 254 LEU 254 295 ?   ?   ?   A . n 
A 1 255 GLN 255 296 ?   ?   ?   A . n 
A 1 256 VAL 256 297 ?   ?   ?   A . n 
A 1 257 VAL 257 298 ?   ?   ?   A . n 
A 1 258 ASN 258 299 ?   ?   ?   A . n 
A 1 259 HIS 259 300 ?   ?   ?   A . n 
A 1 260 GLN 260 301 ?   ?   ?   A . n 
A 1 261 GLN 261 302 ?   ?   ?   A . n 
A 1 262 GLY 262 303 ?   ?   ?   A . n 
A 1 263 PRO 263 304 ?   ?   ?   A . n 
A 1 264 HIS 264 305 ?   ?   ?   A . n 
A 1 265 HIS 265 306 ?   ?   ?   A . n 
A 1 266 ARG 266 307 ?   ?   ?   A . n 
A 1 267 HIS 267 308 ?   ?   ?   A . n 
A 1 268 ILE 268 309 ?   ?   ?   A . n 
A 1 269 LEU 269 310 ?   ?   ?   A . n 
A 1 270 LYS 270 311 ?   ?   ?   A . n 
A 1 271 LEU 271 312 ?   ?   ?   A . n 
A 1 272 LEU 272 313 ?   ?   ?   A . n 
A 1 273 PRO 273 314 ?   ?   ?   A . n 
A 1 274 SER 274 315 ?   ?   ?   A . n 
A 1 275 MET 275 316 ?   ?   ?   A . n 
A 1 276 GLU 276 317 ?   ?   ?   A . n 
A 1 277 ALA 277 318 ?   ?   ?   A . n 
A 1 278 THR 278 319 ?   ?   ?   A . n 
A 1 279 GLY 279 320 ?   ?   ?   A . n 
A 1 280 GLY 280 321 ?   ?   ?   A . n 
A 1 281 GLU 281 322 ?   ?   ?   A . n 
A 1 282 LYS 282 323 ?   ?   ?   A . n 
A 1 283 SER 283 324 ?   ?   ?   A . n 
A 1 284 SER 284 325 ?   ?   ?   A . n 
A 1 285 THR 285 326 ?   ?   ?   A . n 
A 1 286 PRO 286 327 ?   ?   ?   A . n 
A 1 287 ILE 287 328 ?   ?   ?   A . n 
A 1 288 LYS 288 329 ?   ?   ?   A . n 
A 1 289 GLY 289 330 ?   ?   ?   A . n 
A 1 290 PRO 290 331 ?   ?   ?   A . n 
A 1 291 LYS 291 332 ?   ?   ?   A . n 
A 1 292 ARG 292 333 ?   ?   ?   A . n 
A 1 293 GLY 293 334 ?   ?   ?   A . n 
A 1 294 HIS 294 335 ?   ?   ?   A . n 
A 1 295 PRO 295 336 ?   ?   ?   A . n 
A 1 296 ARG 296 337 ?   ?   ?   A . n 
A 1 297 GLN 297 338 ?   ?   ?   A . n 
A 1 298 ASN 298 339 ?   ?   ?   A . n 
A 1 299 LEU 299 340 ?   ?   ?   A . n 
A 1 300 HIS 300 341 ?   ?   ?   A . n 
A 1 301 LYS 301 342 ?   ?   ?   A . n 
A 1 302 HIS 302 343 ?   ?   ?   A . n 
A 1 303 PHE 303 344 ?   ?   ?   A . n 
A 1 304 ASP 304 345 ?   ?   ?   A . n 
A 1 305 ILE 305 346 ?   ?   ?   A . n 
A 1 306 ASN 306 347 ?   ?   ?   A . n 
A 1 307 GLU 307 348 ?   ?   ?   A . n 
A 1 308 HIS 308 349 ?   ?   ?   A . n 
A 1 309 HIS 309 350 ?   ?   ?   A . n 
A 1 310 HIS 310 351 ?   ?   ?   A . n 
A 1 311 HIS 311 352 ?   ?   ?   A . n 
A 1 312 HIS 312 353 ?   ?   ?   A . n 
A 1 313 HIS 313 354 ?   ?   ?   A . n 
# 
loop_
_pdbx_nonpoly_scheme.asym_id 
_pdbx_nonpoly_scheme.entity_id 
_pdbx_nonpoly_scheme.mon_id 
_pdbx_nonpoly_scheme.ndb_seq_num 
_pdbx_nonpoly_scheme.pdb_seq_num 
_pdbx_nonpoly_scheme.auth_seq_num 
_pdbx_nonpoly_scheme.pdb_mon_id 
_pdbx_nonpoly_scheme.auth_mon_id 
_pdbx_nonpoly_scheme.pdb_strand_id 
_pdbx_nonpoly_scheme.pdb_ins_code 
B 2 HOH 1   401 1   HOH HOH A . 
B 2 HOH 2   402 2   HOH HOH A . 
B 2 HOH 3   403 3   HOH HOH A . 
B 2 HOH 4   404 4   HOH HOH A . 
B 2 HOH 5   405 5   HOH HOH A . 
B 2 HOH 6   406 6   HOH HOH A . 
B 2 HOH 7   407 7   HOH HOH A . 
B 2 HOH 8   408 8   HOH HOH A . 
B 2 HOH 9   409 9   HOH HOH A . 
B 2 HOH 10  410 10  HOH HOH A . 
B 2 HOH 11  411 11  HOH HOH A . 
B 2 HOH 12  412 12  HOH HOH A . 
B 2 HOH 13  413 13  HOH HOH A . 
B 2 HOH 14  414 14  HOH HOH A . 
B 2 HOH 15  415 15  HOH HOH A . 
B 2 HOH 16  416 16  HOH HOH A . 
B 2 HOH 17  417 17  HOH HOH A . 
B 2 HOH 18  418 18  HOH HOH A . 
B 2 HOH 19  419 19  HOH HOH A . 
B 2 HOH 20  420 20  HOH HOH A . 
B 2 HOH 21  421 21  HOH HOH A . 
B 2 HOH 22  422 22  HOH HOH A . 
B 2 HOH 23  423 23  HOH HOH A . 
B 2 HOH 24  424 24  HOH HOH A . 
B 2 HOH 25  425 25  HOH HOH A . 
B 2 HOH 26  426 26  HOH HOH A . 
B 2 HOH 27  427 27  HOH HOH A . 
B 2 HOH 28  428 28  HOH HOH A . 
B 2 HOH 29  429 29  HOH HOH A . 
B 2 HOH 30  430 30  HOH HOH A . 
B 2 HOH 31  431 31  HOH HOH A . 
B 2 HOH 32  432 32  HOH HOH A . 
B 2 HOH 33  433 33  HOH HOH A . 
B 2 HOH 34  434 34  HOH HOH A . 
B 2 HOH 35  435 35  HOH HOH A . 
B 2 HOH 36  436 36  HOH HOH A . 
B 2 HOH 37  437 37  HOH HOH A . 
B 2 HOH 38  438 38  HOH HOH A . 
B 2 HOH 39  439 39  HOH HOH A . 
B 2 HOH 40  440 40  HOH HOH A . 
B 2 HOH 41  441 41  HOH HOH A . 
B 2 HOH 42  442 42  HOH HOH A . 
B 2 HOH 43  443 43  HOH HOH A . 
B 2 HOH 44  444 44  HOH HOH A . 
B 2 HOH 45  445 45  HOH HOH A . 
B 2 HOH 46  446 46  HOH HOH A . 
B 2 HOH 47  447 47  HOH HOH A . 
B 2 HOH 48  448 48  HOH HOH A . 
B 2 HOH 49  449 49  HOH HOH A . 
B 2 HOH 50  450 50  HOH HOH A . 
B 2 HOH 51  451 51  HOH HOH A . 
B 2 HOH 52  452 52  HOH HOH A . 
B 2 HOH 53  453 53  HOH HOH A . 
B 2 HOH 54  454 54  HOH HOH A . 
B 2 HOH 55  455 55  HOH HOH A . 
B 2 HOH 56  456 56  HOH HOH A . 
B 2 HOH 57  457 57  HOH HOH A . 
B 2 HOH 58  458 58  HOH HOH A . 
B 2 HOH 59  459 59  HOH HOH A . 
B 2 HOH 60  460 60  HOH HOH A . 
B 2 HOH 61  461 61  HOH HOH A . 
B 2 HOH 62  462 62  HOH HOH A . 
B 2 HOH 63  463 63  HOH HOH A . 
B 2 HOH 64  464 64  HOH HOH A . 
B 2 HOH 65  465 65  HOH HOH A . 
B 2 HOH 66  466 66  HOH HOH A . 
B 2 HOH 67  467 67  HOH HOH A . 
B 2 HOH 68  468 68  HOH HOH A . 
B 2 HOH 69  469 69  HOH HOH A . 
B 2 HOH 70  470 70  HOH HOH A . 
B 2 HOH 71  471 71  HOH HOH A . 
B 2 HOH 72  472 72  HOH HOH A . 
B 2 HOH 73  473 73  HOH HOH A . 
B 2 HOH 74  474 74  HOH HOH A . 
B 2 HOH 75  475 75  HOH HOH A . 
B 2 HOH 76  476 76  HOH HOH A . 
B 2 HOH 77  477 77  HOH HOH A . 
B 2 HOH 78  478 78  HOH HOH A . 
B 2 HOH 79  479 79  HOH HOH A . 
B 2 HOH 80  480 80  HOH HOH A . 
B 2 HOH 81  481 81  HOH HOH A . 
B 2 HOH 82  482 82  HOH HOH A . 
B 2 HOH 83  483 83  HOH HOH A . 
B 2 HOH 84  484 85  HOH HOH A . 
B 2 HOH 85  485 86  HOH HOH A . 
B 2 HOH 86  486 87  HOH HOH A . 
B 2 HOH 87  487 89  HOH HOH A . 
B 2 HOH 88  488 91  HOH HOH A . 
B 2 HOH 89  489 92  HOH HOH A . 
B 2 HOH 90  490 93  HOH HOH A . 
B 2 HOH 91  491 94  HOH HOH A . 
B 2 HOH 92  492 95  HOH HOH A . 
B 2 HOH 93  493 96  HOH HOH A . 
B 2 HOH 94  494 97  HOH HOH A . 
B 2 HOH 95  495 98  HOH HOH A . 
B 2 HOH 96  496 99  HOH HOH A . 
B 2 HOH 97  497 101 HOH HOH A . 
B 2 HOH 98  498 102 HOH HOH A . 
B 2 HOH 99  499 103 HOH HOH A . 
B 2 HOH 100 500 104 HOH HOH A . 
B 2 HOH 101 501 105 HOH HOH A . 
B 2 HOH 102 502 107 HOH HOH A . 
B 2 HOH 103 503 109 HOH HOH A . 
B 2 HOH 104 504 110 HOH HOH A . 
B 2 HOH 105 505 111 HOH HOH A . 
B 2 HOH 106 506 112 HOH HOH A . 
B 2 HOH 107 507 114 HOH HOH A . 
B 2 HOH 108 508 115 HOH HOH A . 
B 2 HOH 109 509 117 HOH HOH A . 
B 2 HOH 110 510 119 HOH HOH A . 
B 2 HOH 111 511 121 HOH HOH A . 
B 2 HOH 112 512 122 HOH HOH A . 
B 2 HOH 113 513 123 HOH HOH A . 
B 2 HOH 114 514 124 HOH HOH A . 
B 2 HOH 115 515 126 HOH HOH A . 
B 2 HOH 116 516 127 HOH HOH A . 
B 2 HOH 117 517 128 HOH HOH A . 
B 2 HOH 118 518 129 HOH HOH A . 
B 2 HOH 119 519 131 HOH HOH A . 
B 2 HOH 120 520 132 HOH HOH A . 
B 2 HOH 121 521 133 HOH HOH A . 
B 2 HOH 122 522 134 HOH HOH A . 
B 2 HOH 123 523 135 HOH HOH A . 
B 2 HOH 124 524 136 HOH HOH A . 
B 2 HOH 125 525 137 HOH HOH A . 
B 2 HOH 126 526 138 HOH HOH A . 
B 2 HOH 127 527 139 HOH HOH A . 
B 2 HOH 128 528 141 HOH HOH A . 
B 2 HOH 129 529 142 HOH HOH A . 
B 2 HOH 130 530 146 HOH HOH A . 
B 2 HOH 131 531 147 HOH HOH A . 
B 2 HOH 132 532 150 HOH HOH A . 
B 2 HOH 133 533 162 HOH HOH A . 
B 2 HOH 134 534 165 HOH HOH A . 
B 2 HOH 135 535 166 HOH HOH A . 
B 2 HOH 136 536 167 HOH HOH A . 
B 2 HOH 137 537 168 HOH HOH A . 
B 2 HOH 138 538 170 HOH HOH A . 
B 2 HOH 139 539 174 HOH HOH A . 
B 2 HOH 140 540 178 HOH HOH A . 
B 2 HOH 141 541 180 HOH HOH A . 
B 2 HOH 142 542 185 HOH HOH A . 
# 
loop_
_software.name 
_software.classification 
_software.version 
_software.citation_id 
_software.pdbx_ordinal 
HKL-2000 'data collection' .        ? 1 
SHELXS   phasing           .        ? 2 
REFMAC   refinement        5.6.0117 ? 3 
HKL-2000 'data reduction'  .        ? 4 
HKL-2000 'data scaling'    .        ? 5 
# 
_cell.entry_id           3U3P 
_cell.length_a           77.857 
_cell.length_b           77.857 
_cell.length_c           186.381 
_cell.angle_alpha        90.00 
_cell.angle_beta         90.00 
_cell.angle_gamma        120.00 
_cell.Z_PDB              12 
_cell.pdbx_unique_axis   ? 
_cell.length_a_esd       ? 
_cell.length_b_esd       ? 
_cell.length_c_esd       ? 
_cell.angle_alpha_esd    ? 
_cell.angle_beta_esd     ? 
_cell.angle_gamma_esd    ? 
# 
_symmetry.entry_id                         3U3P 
_symmetry.space_group_name_H-M             'P 61 2 2' 
_symmetry.pdbx_full_space_group_name_H-M   ? 
_symmetry.cell_setting                     ? 
_symmetry.Int_Tables_number                178 
_symmetry.space_group_name_Hall            ? 
# 
_exptl.entry_id          3U3P 
_exptl.method            'X-RAY DIFFRACTION' 
_exptl.crystals_number   1 
# 
_exptl_crystal.id                    1 
_exptl_crystal.density_meas          ? 
_exptl_crystal.density_Matthews      2.44 
_exptl_crystal.density_percent_sol   49.64 
_exptl_crystal.description           ? 
_exptl_crystal.F_000                 ? 
_exptl_crystal.preparation           ? 
# 
_exptl_crystal_grow.crystal_id      1 
_exptl_crystal_grow.method          'VAPOR DIFFUSION, HANGING DROP' 
_exptl_crystal_grow.temp            289 
_exptl_crystal_grow.temp_details    ? 
_exptl_crystal_grow.pH              ? 
_exptl_crystal_grow.pdbx_details    
;0.2M ammonium acetate, 0.1M sodium citrate tribasic dehydrate (pH5.0-6.0), 25-30% PEG 4000, VAPOR DIFFUSION, HANGING DROP, temperature 289K
;
_exptl_crystal_grow.pdbx_pH_range   5.0-6.0 
# 
_diffrn.id                     1 
_diffrn.ambient_temp           100 
_diffrn.ambient_temp_details   ? 
_diffrn.crystal_id             1 
# 
_diffrn_detector.diffrn_id              1 
_diffrn_detector.detector               CCD 
_diffrn_detector.type                   'ADSC QUANTUM 315' 
_diffrn_detector.pdbx_collection_date   2011-02-11 
_diffrn_detector.details                ? 
# 
_diffrn_radiation.diffrn_id                        1 
_diffrn_radiation.wavelength_id                    1 
_diffrn_radiation.pdbx_monochromatic_or_laue_m_l   M 
_diffrn_radiation.monochromator                    'Si 111 CHANNEL' 
_diffrn_radiation.pdbx_diffrn_protocol             'SINGLE WAVELENGTH' 
_diffrn_radiation.pdbx_scattering_type             x-ray 
# 
_diffrn_radiation_wavelength.id           1 
_diffrn_radiation_wavelength.wavelength   0.9794 
_diffrn_radiation_wavelength.wt           1.0 
# 
_diffrn_source.diffrn_id                   1 
_diffrn_source.source                      SYNCHROTRON 
_diffrn_source.type                        'PHOTON FACTORY BEAMLINE BL-17A' 
_diffrn_source.pdbx_synchrotron_site       'Photon Factory' 
_diffrn_source.pdbx_synchrotron_beamline   BL-17A 
_diffrn_source.pdbx_wavelength             ? 
_diffrn_source.pdbx_wavelength_list        0.9794 
# 
_reflns.entry_id                     3U3P 
_reflns.observed_criterion_sigma_I   2.0 
_reflns.observed_criterion_sigma_F   2.0 
_reflns.d_resolution_low             38.11 
_reflns.d_resolution_high            2.09 
_reflns.number_obs                   20449 
_reflns.number_all                   ? 
_reflns.percent_possible_obs         99.9 
_reflns.pdbx_Rmerge_I_obs            ? 
_reflns.pdbx_Rsym_value              ? 
_reflns.pdbx_netI_over_sigmaI        ? 
_reflns.B_iso_Wilson_estimate        ? 
_reflns.pdbx_redundancy              ? 
_reflns.R_free_details               ? 
_reflns.limit_h_max                  ? 
_reflns.limit_h_min                  ? 
_reflns.limit_k_max                  ? 
_reflns.limit_k_min                  ? 
_reflns.limit_l_max                  ? 
_reflns.limit_l_min                  ? 
_reflns.observed_criterion_F_max     ? 
_reflns.observed_criterion_F_min     ? 
_reflns.pdbx_chi_squared             ? 
_reflns.pdbx_scaling_rejects         ? 
_reflns.pdbx_ordinal                 1 
_reflns.pdbx_diffrn_id               1 
# 
_refine.entry_id                                 3U3P 
_refine.ls_number_reflns_obs                     19478 
_refine.ls_number_reflns_all                     19507 
_refine.pdbx_ls_sigma_I                          ? 
_refine.pdbx_ls_sigma_F                          ? 
_refine.pdbx_data_cutoff_high_absF               ? 
_refine.pdbx_data_cutoff_low_absF                ? 
_refine.pdbx_data_cutoff_high_rms_absF           ? 
_refine.ls_d_res_low                             38.11 
_refine.ls_d_res_high                            2.09 
_refine.ls_percent_reflns_obs                    99.85 
_refine.ls_R_factor_obs                          0.22746 
_refine.ls_R_factor_all                          ? 
_refine.ls_R_factor_R_work                       0.22527 
_refine.ls_R_factor_R_free                       0.27054 
_refine.ls_R_factor_R_free_error                 ? 
_refine.ls_R_factor_R_free_error_details         ? 
_refine.ls_percent_reflns_R_free                 5.1 
_refine.ls_number_reflns_R_free                  1053 
_refine.ls_number_parameters                     ? 
_refine.ls_number_restraints                     ? 
_refine.occupancy_min                            ? 
_refine.occupancy_max                            ? 
_refine.correlation_coeff_Fo_to_Fc               0.932 
_refine.correlation_coeff_Fo_to_Fc_free          0.901 
_refine.B_iso_mean                               35.296 
_refine.aniso_B[1][1]                            0.06 
_refine.aniso_B[2][2]                            0.06 
_refine.aniso_B[3][3]                            -0.09 
_refine.aniso_B[1][2]                            0.03 
_refine.aniso_B[1][3]                            0.00 
_refine.aniso_B[2][3]                            0.00 
_refine.solvent_model_details                    MASK 
_refine.solvent_model_param_ksol                 ? 
_refine.solvent_model_param_bsol                 ? 
_refine.pdbx_solvent_vdw_probe_radii             1.20 
_refine.pdbx_solvent_ion_probe_radii             0.80 
_refine.pdbx_solvent_shrinkage_radii             0.80 
_refine.pdbx_ls_cross_valid_method               THROUGHOUT 
_refine.details                                  'HYDROGENS HAVE BEEN USED IF PRESENT IN THE INPUT' 
_refine.pdbx_starting_model                      ? 
_refine.pdbx_method_to_determine_struct          SAD 
_refine.pdbx_isotropic_thermal_model             ? 
_refine.pdbx_stereochemistry_target_values       'MAXIMUM LIKELIHOOD' 
_refine.pdbx_stereochem_target_val_spec_case     ? 
_refine.pdbx_R_Free_selection_details            RANDOM 
_refine.pdbx_overall_ESU_R_Free                  0.153 
_refine.overall_SU_ML                            0.095 
_refine.pdbx_overall_phase_error                 ? 
_refine.overall_SU_B                             3.535 
_refine.overall_SU_R_Cruickshank_DPI             ? 
_refine.ls_redundancy_reflns_obs                 ? 
_refine.B_iso_min                                ? 
_refine.B_iso_max                                ? 
_refine.overall_SU_R_free                        ? 
_refine.ls_wR_factor_R_free                      ? 
_refine.ls_wR_factor_R_work                      ? 
_refine.overall_FOM_free_R_set                   ? 
_refine.overall_FOM_work_R_set                   ? 
_refine.pdbx_overall_ESU_R                       0.151 
_refine.pdbx_diffrn_id                           1 
_refine.pdbx_refine_id                           'X-RAY DIFFRACTION' 
_refine.pdbx_TLS_residual_ADP_flag               ? 
_refine.pdbx_overall_SU_R_free_Cruickshank_DPI   ? 
_refine.pdbx_overall_SU_R_Blow_DPI               ? 
_refine.pdbx_overall_SU_R_free_Blow_DPI          ? 
# 
_refine_hist.pdbx_refine_id                   'X-RAY DIFFRACTION' 
_refine_hist.cycle_id                         LAST 
_refine_hist.pdbx_number_atoms_protein        1229 
_refine_hist.pdbx_number_atoms_nucleic_acid   0 
_refine_hist.pdbx_number_atoms_ligand         0 
_refine_hist.number_atoms_solvent             142 
_refine_hist.number_atoms_total               1371 
_refine_hist.d_res_high                       2.09 
_refine_hist.d_res_low                        38.11 
# 
loop_
_refine_ls_restr.type 
_refine_ls_restr.dev_ideal 
_refine_ls_restr.dev_ideal_target 
_refine_ls_restr.weight 
_refine_ls_restr.number 
_refine_ls_restr.pdbx_refine_id 
_refine_ls_restr.pdbx_restraint_function 
r_bond_refined_d             0.023  0.020  ? 1269 'X-RAY DIFFRACTION' ? 
r_bond_other_d               ?      ?      ? ?    'X-RAY DIFFRACTION' ? 
r_angle_refined_deg          2.417  1.955  ? 1733 'X-RAY DIFFRACTION' ? 
r_angle_other_deg            ?      ?      ? ?    'X-RAY DIFFRACTION' ? 
r_dihedral_angle_1_deg       7.873  5.000  ? 165  'X-RAY DIFFRACTION' ? 
r_dihedral_angle_2_deg       33.393 23.830 ? 47   'X-RAY DIFFRACTION' ? 
r_dihedral_angle_3_deg       19.585 15.000 ? 209  'X-RAY DIFFRACTION' ? 
r_dihedral_angle_4_deg       18.459 15.000 ? 8    'X-RAY DIFFRACTION' ? 
r_chiral_restr               0.180  0.200  ? 198  'X-RAY DIFFRACTION' ? 
r_gen_planes_refined         0.013  0.022  ? 943  'X-RAY DIFFRACTION' ? 
r_gen_planes_other           ?      ?      ? ?    'X-RAY DIFFRACTION' ? 
r_nbd_refined                ?      ?      ? ?    'X-RAY DIFFRACTION' ? 
r_nbd_other                  ?      ?      ? ?    'X-RAY DIFFRACTION' ? 
r_nbtor_refined              ?      ?      ? ?    'X-RAY DIFFRACTION' ? 
r_nbtor_other                ?      ?      ? ?    'X-RAY DIFFRACTION' ? 
r_xyhbond_nbd_refined        ?      ?      ? ?    'X-RAY DIFFRACTION' ? 
r_xyhbond_nbd_other          ?      ?      ? ?    'X-RAY DIFFRACTION' ? 
r_metal_ion_refined          ?      ?      ? ?    'X-RAY DIFFRACTION' ? 
r_metal_ion_other            ?      ?      ? ?    'X-RAY DIFFRACTION' ? 
r_symmetry_vdw_refined       ?      ?      ? ?    'X-RAY DIFFRACTION' ? 
r_symmetry_vdw_other         ?      ?      ? ?    'X-RAY DIFFRACTION' ? 
r_symmetry_hbond_refined     ?      ?      ? ?    'X-RAY DIFFRACTION' ? 
r_symmetry_hbond_other       ?      ?      ? ?    'X-RAY DIFFRACTION' ? 
r_symmetry_metal_ion_refined ?      ?      ? ?    'X-RAY DIFFRACTION' ? 
r_symmetry_metal_ion_other   ?      ?      ? ?    'X-RAY DIFFRACTION' ? 
r_mcbond_it                  ?      ?      ? ?    'X-RAY DIFFRACTION' ? 
r_mcbond_other               ?      ?      ? ?    'X-RAY DIFFRACTION' ? 
r_mcangle_it                 ?      ?      ? ?    'X-RAY DIFFRACTION' ? 
r_scbond_it                  ?      ?      ? ?    'X-RAY DIFFRACTION' ? 
r_scangle_it                 ?      ?      ? ?    'X-RAY DIFFRACTION' ? 
r_rigid_bond_restr           ?      ?      ? ?    'X-RAY DIFFRACTION' ? 
r_sphericity_free            ?      ?      ? ?    'X-RAY DIFFRACTION' ? 
r_sphericity_bonded          ?      ?      ? ?    'X-RAY DIFFRACTION' ? 
# 
_refine_ls_shell.pdbx_refine_id                   'X-RAY DIFFRACTION' 
_refine_ls_shell.pdbx_total_number_of_bins_used   20 
_refine_ls_shell.d_res_high                       2.092 
_refine_ls_shell.d_res_low                        2.146 
_refine_ls_shell.number_reflns_R_work             1380 
_refine_ls_shell.R_factor_R_work                  0.234 
_refine_ls_shell.percent_reflns_obs               99.32 
_refine_ls_shell.R_factor_R_free                  0.270 
_refine_ls_shell.R_factor_R_free_error            ? 
_refine_ls_shell.percent_reflns_R_free            ? 
_refine_ls_shell.number_reflns_R_free             82 
_refine_ls_shell.number_reflns_all                ? 
_refine_ls_shell.R_factor_all                     ? 
_refine_ls_shell.number_reflns_obs                ? 
_refine_ls_shell.redundancy_reflns_obs            ? 
# 
_struct.entry_id                  3U3P 
_struct.title                     'The S-SAD phased crystal structure of the ecto-domain of Death Receptor 6 (DR6)' 
_struct.pdbx_model_details        ? 
_struct.pdbx_CASP_flag            ? 
_struct.pdbx_model_type_details   ? 
# 
_struct_keywords.entry_id        3U3P 
_struct_keywords.pdbx_keywords   APOPTOSIS 
_struct_keywords.text            'trigger apoptosis, apoptosis' 
# 
loop_
_struct_asym.id 
_struct_asym.pdbx_blank_PDB_chainid_flag 
_struct_asym.pdbx_modified 
_struct_asym.entity_id 
_struct_asym.details 
A N N 1 ? 
B N N 2 ? 
# 
_struct_ref.id                         1 
_struct_ref.db_name                    UNP 
_struct_ref.db_code                    TNR21_HUMAN 
_struct_ref.pdbx_db_accession          O75509 
_struct_ref.entity_id                  1 
_struct_ref.pdbx_seq_one_letter_code   
;QPEQKASNLIGTYRHVDRATGQVLTCDKCPAGTYVSEHCTNTSLRVCSSCPVGTFTRHENGIEKCHDCSQPCPWPMIEKL
PCAALTDRECTCPPGMFQSNATCAPHTVCPVGWGVRKKGTETEDVRCKQCARGTFSDVPSSVMKCKAYTDCLSQNLVVIK
PGTKETDNVCGTLPSFSSSTSPSPGTAIFPRPEHMETHEVPSSTYVPKGMNSTESNSSASVRPKVLSSIQEGTVPDNTSS
ARGKEDVNKTLPNLQVVNHQQGPHHRHILKLLPSMEATGGEKSSTPIKGPKRGHPRQNLHKHFDINE
;
_struct_ref.pdbx_align_begin           42 
_struct_ref.pdbx_db_isoform            ? 
# 
_struct_ref_seq.align_id                      1 
_struct_ref_seq.ref_id                        1 
_struct_ref_seq.pdbx_PDB_id_code              3U3P 
_struct_ref_seq.pdbx_strand_id                A 
_struct_ref_seq.seq_align_beg                 1 
_struct_ref_seq.pdbx_seq_align_beg_ins_code   ? 
_struct_ref_seq.seq_align_end                 307 
_struct_ref_seq.pdbx_seq_align_end_ins_code   ? 
_struct_ref_seq.pdbx_db_accession             O75509 
_struct_ref_seq.db_align_beg                  42 
_struct_ref_seq.pdbx_db_align_beg_ins_code    ? 
_struct_ref_seq.db_align_end                  348 
_struct_ref_seq.pdbx_db_align_end_ins_code    ? 
_struct_ref_seq.pdbx_auth_seq_align_beg       42 
_struct_ref_seq.pdbx_auth_seq_align_end       348 
# 
loop_
_struct_ref_seq_dif.align_id 
_struct_ref_seq_dif.pdbx_pdb_id_code 
_struct_ref_seq_dif.mon_id 
_struct_ref_seq_dif.pdbx_pdb_strand_id 
_struct_ref_seq_dif.seq_num 
_struct_ref_seq_dif.pdbx_pdb_ins_code 
_struct_ref_seq_dif.pdbx_seq_db_name 
_struct_ref_seq_dif.pdbx_seq_db_accession_code 
_struct_ref_seq_dif.db_mon_id 
_struct_ref_seq_dif.pdbx_seq_db_seq_num 
_struct_ref_seq_dif.details 
_struct_ref_seq_dif.pdbx_auth_seq_num 
_struct_ref_seq_dif.pdbx_ordinal 
1 3U3P HIS A 308 ? UNP O75509 ? ? 'expression tag' 349 1 
1 3U3P HIS A 309 ? UNP O75509 ? ? 'expression tag' 350 2 
1 3U3P HIS A 310 ? UNP O75509 ? ? 'expression tag' 351 3 
1 3U3P HIS A 311 ? UNP O75509 ? ? 'expression tag' 352 4 
1 3U3P HIS A 312 ? UNP O75509 ? ? 'expression tag' 353 5 
1 3U3P HIS A 313 ? UNP O75509 ? ? 'expression tag' 354 6 
# 
_pdbx_struct_assembly.id                   1 
_pdbx_struct_assembly.details              author_and_software_defined_assembly 
_pdbx_struct_assembly.method_details       PISA 
_pdbx_struct_assembly.oligomeric_details   dimeric 
_pdbx_struct_assembly.oligomeric_count     2 
# 
loop_
_pdbx_struct_assembly_prop.biol_id 
_pdbx_struct_assembly_prop.type 
_pdbx_struct_assembly_prop.value 
_pdbx_struct_assembly_prop.details 
1 'ABSA (A^2)' 1520  ? 
1 MORE         -15   ? 
1 'SSA (A^2)'  20210 ? 
# 
_pdbx_struct_assembly_gen.assembly_id       1 
_pdbx_struct_assembly_gen.oper_expression   1,2 
_pdbx_struct_assembly_gen.asym_id_list      A,B 
# 
loop_
_pdbx_struct_oper_list.id 
_pdbx_struct_oper_list.type 
_pdbx_struct_oper_list.name 
_pdbx_struct_oper_list.symmetry_operation 
_pdbx_struct_oper_list.matrix[1][1] 
_pdbx_struct_oper_list.matrix[1][2] 
_pdbx_struct_oper_list.matrix[1][3] 
_pdbx_struct_oper_list.vector[1] 
_pdbx_struct_oper_list.matrix[2][1] 
_pdbx_struct_oper_list.matrix[2][2] 
_pdbx_struct_oper_list.matrix[2][3] 
_pdbx_struct_oper_list.vector[2] 
_pdbx_struct_oper_list.matrix[3][1] 
_pdbx_struct_oper_list.matrix[3][2] 
_pdbx_struct_oper_list.matrix[3][3] 
_pdbx_struct_oper_list.vector[3] 
1 'identity operation'         1_555  x,y,z          1.0000000000  0.0000000000 0.0000000000  0.0000000000   0.0000000000 1.0000000000  0.0000000000  0.0000000000  0.0000000000  0.0000000000  1.0000000000 0.0000000000  
2 'crystal symmetry operation' 12_585 x,x-y+3,-z+1/6 -0.8943124338 0.0030106696 -0.4474329074 -34.4925748108 0.0030106696 -0.9999142365 -0.0127458007 11.0549118849 -0.4474329074 -0.0127458007 0.8942266704 -8.0730619855 
# 
_struct_biol.id        1 
_struct_biol.details   ? 
# 
_struct_conf.conf_type_id            HELX_P 
_struct_conf.id                      HELX_P1 
_struct_conf.pdbx_PDB_helix_id       1 
_struct_conf.beg_label_comp_id       CYS 
_struct_conf.beg_label_asym_id       A 
_struct_conf.beg_label_seq_id        151 
_struct_conf.pdbx_beg_PDB_ins_code   ? 
_struct_conf.end_label_comp_id       ASN 
_struct_conf.end_label_asym_id       A 
_struct_conf.end_label_seq_id        155 
_struct_conf.pdbx_end_PDB_ins_code   ? 
_struct_conf.beg_auth_comp_id        CYS 
_struct_conf.beg_auth_asym_id        A 
_struct_conf.beg_auth_seq_id         192 
_struct_conf.end_auth_comp_id        ASN 
_struct_conf.end_auth_asym_id        A 
_struct_conf.end_auth_seq_id         196 
_struct_conf.pdbx_PDB_helix_class    5 
_struct_conf.details                 ? 
_struct_conf.pdbx_PDB_helix_length   5 
# 
_struct_conf_type.id          HELX_P 
_struct_conf_type.criteria    ? 
_struct_conf_type.reference   ? 
# 
loop_
_struct_conn.id 
_struct_conn.conn_type_id 
_struct_conn.pdbx_leaving_atom_flag 
_struct_conn.pdbx_PDB_id 
_struct_conn.ptnr1_label_asym_id 
_struct_conn.ptnr1_label_comp_id 
_struct_conn.ptnr1_label_seq_id 
_struct_conn.ptnr1_label_atom_id 
_struct_conn.pdbx_ptnr1_label_alt_id 
_struct_conn.pdbx_ptnr1_PDB_ins_code 
_struct_conn.pdbx_ptnr1_standard_comp_id 
_struct_conn.ptnr1_symmetry 
_struct_conn.ptnr2_label_asym_id 
_struct_conn.ptnr2_label_comp_id 
_struct_conn.ptnr2_label_seq_id 
_struct_conn.ptnr2_label_atom_id 
_struct_conn.pdbx_ptnr2_label_alt_id 
_struct_conn.pdbx_ptnr2_PDB_ins_code 
_struct_conn.ptnr1_auth_asym_id 
_struct_conn.ptnr1_auth_comp_id 
_struct_conn.ptnr1_auth_seq_id 
_struct_conn.ptnr2_auth_asym_id 
_struct_conn.ptnr2_auth_comp_id 
_struct_conn.ptnr2_auth_seq_id 
_struct_conn.ptnr2_symmetry 
_struct_conn.pdbx_ptnr3_label_atom_id 
_struct_conn.pdbx_ptnr3_label_seq_id 
_struct_conn.pdbx_ptnr3_label_comp_id 
_struct_conn.pdbx_ptnr3_label_asym_id 
_struct_conn.pdbx_ptnr3_label_alt_id 
_struct_conn.pdbx_ptnr3_PDB_ins_code 
_struct_conn.details 
_struct_conn.pdbx_dist_value 
_struct_conn.pdbx_value_order 
_struct_conn.pdbx_role 
disulf1 disulf ? ? A CYS 26  SG ? ? ? 1_555 A CYS 39  SG ? ? A CYS 67  A CYS 80  1_555 ? ? ? ? ? ? ? 2.080 ? ? 
disulf2 disulf ? ? A CYS 29  SG ? ? ? 1_555 A CYS 47  SG ? ? A CYS 70  A CYS 88  1_555 ? ? ? ? ? ? ? 2.068 ? ? 
disulf3 disulf ? ? A CYS 50  SG ? ? ? 1_555 A CYS 65  SG ? ? A CYS 91  A CYS 106 1_555 ? ? ? ? ? ? ? 2.121 ? ? 
disulf4 disulf ? ? A CYS 68  SG ? ? ? 1_555 A CYS 82  SG ? ? A CYS 109 A CYS 123 1_555 ? ? ? ? ? ? ? 1.996 ? ? 
disulf5 disulf ? ? A CYS 72  SG ? ? ? 1_555 A CYS 90  SG ? ? A CYS 113 A CYS 131 1_555 ? ? ? ? ? ? ? 1.985 ? ? 
disulf6 disulf ? ? A CYS 92  SG ? ? ? 1_555 A CYS 103 SG ? ? A CYS 133 A CYS 144 1_555 ? ? ? ? ? ? ? 2.043 ? ? 
disulf7 disulf ? ? A CYS 109 SG ? ? ? 1_555 A CYS 127 SG ? ? A CYS 150 A CYS 168 1_555 ? ? ? ? ? ? ? 2.050 ? ? 
disulf8 disulf ? ? A CYS 130 SG ? ? ? 1_555 A CYS 145 SG ? ? A CYS 171 A CYS 186 1_555 ? ? ? ? ? ? ? 2.137 ? ? 
disulf9 disulf ? ? A CYS 151 SG ? ? ? 1_555 A CYS 170 SG ? ? A CYS 192 A CYS 211 1_555 ? ? ? ? ? ? ? 1.981 ? ? 
# 
_struct_conn_type.id          disulf 
_struct_conn_type.criteria    ? 
_struct_conn_type.reference   ? 
# 
loop_
_pdbx_modification_feature.ordinal 
_pdbx_modification_feature.label_comp_id 
_pdbx_modification_feature.label_asym_id 
_pdbx_modification_feature.label_seq_id 
_pdbx_modification_feature.label_alt_id 
_pdbx_modification_feature.modified_residue_label_comp_id 
_pdbx_modification_feature.modified_residue_label_asym_id 
_pdbx_modification_feature.modified_residue_label_seq_id 
_pdbx_modification_feature.modified_residue_label_alt_id 
_pdbx_modification_feature.auth_comp_id 
_pdbx_modification_feature.auth_asym_id 
_pdbx_modification_feature.auth_seq_id 
_pdbx_modification_feature.PDB_ins_code 
_pdbx_modification_feature.symmetry 
_pdbx_modification_feature.modified_residue_auth_comp_id 
_pdbx_modification_feature.modified_residue_auth_asym_id 
_pdbx_modification_feature.modified_residue_auth_seq_id 
_pdbx_modification_feature.modified_residue_PDB_ins_code 
_pdbx_modification_feature.modified_residue_symmetry 
_pdbx_modification_feature.comp_id_linking_atom 
_pdbx_modification_feature.modified_residue_id_linking_atom 
_pdbx_modification_feature.modified_residue_id 
_pdbx_modification_feature.ref_pcm_id 
_pdbx_modification_feature.ref_comp_id 
_pdbx_modification_feature.type 
_pdbx_modification_feature.category 
1 CYS A 26  ? CYS A 39  ? CYS A 67  ? 1_555 CYS A 80  ? 1_555 SG SG . . . None 'Disulfide bridge' 
2 CYS A 29  ? CYS A 47  ? CYS A 70  ? 1_555 CYS A 88  ? 1_555 SG SG . . . None 'Disulfide bridge' 
3 CYS A 50  ? CYS A 65  ? CYS A 91  ? 1_555 CYS A 106 ? 1_555 SG SG . . . None 'Disulfide bridge' 
4 CYS A 68  ? CYS A 82  ? CYS A 109 ? 1_555 CYS A 123 ? 1_555 SG SG . . . None 'Disulfide bridge' 
5 CYS A 72  ? CYS A 90  ? CYS A 113 ? 1_555 CYS A 131 ? 1_555 SG SG . . . None 'Disulfide bridge' 
6 CYS A 92  ? CYS A 103 ? CYS A 133 ? 1_555 CYS A 144 ? 1_555 SG SG . . . None 'Disulfide bridge' 
7 CYS A 109 ? CYS A 127 ? CYS A 150 ? 1_555 CYS A 168 ? 1_555 SG SG . . . None 'Disulfide bridge' 
8 CYS A 130 ? CYS A 145 ? CYS A 171 ? 1_555 CYS A 186 ? 1_555 SG SG . . . None 'Disulfide bridge' 
9 CYS A 151 ? CYS A 170 ? CYS A 192 ? 1_555 CYS A 211 ? 1_555 SG SG . . . None 'Disulfide bridge' 
# 
_struct_mon_prot_cis.pdbx_id                1 
_struct_mon_prot_cis.label_comp_id          TRP 
_struct_mon_prot_cis.label_seq_id           74 
_struct_mon_prot_cis.label_asym_id          A 
_struct_mon_prot_cis.label_alt_id           . 
_struct_mon_prot_cis.pdbx_PDB_ins_code      ? 
_struct_mon_prot_cis.auth_comp_id           TRP 
_struct_mon_prot_cis.auth_seq_id            115 
_struct_mon_prot_cis.auth_asym_id           A 
_struct_mon_prot_cis.pdbx_label_comp_id_2   PRO 
_struct_mon_prot_cis.pdbx_label_seq_id_2    75 
_struct_mon_prot_cis.pdbx_label_asym_id_2   A 
_struct_mon_prot_cis.pdbx_PDB_ins_code_2    ? 
_struct_mon_prot_cis.pdbx_auth_comp_id_2    PRO 
_struct_mon_prot_cis.pdbx_auth_seq_id_2     116 
_struct_mon_prot_cis.pdbx_auth_asym_id_2    A 
_struct_mon_prot_cis.pdbx_PDB_model_num     1 
_struct_mon_prot_cis.pdbx_omega_angle       3.58 
# 
loop_
_struct_sheet.id 
_struct_sheet.type 
_struct_sheet.number_strands 
_struct_sheet.details 
A ? 2 ? 
B ? 2 ? 
C ? 2 ? 
D ? 2 ? 
E ? 2 ? 
F ? 2 ? 
G ? 2 ? 
H ? 2 ? 
# 
loop_
_struct_sheet_order.sheet_id 
_struct_sheet_order.range_id_1 
_struct_sheet_order.range_id_2 
_struct_sheet_order.offset 
_struct_sheet_order.sense 
A 1 2 ? anti-parallel 
B 1 2 ? anti-parallel 
C 1 2 ? anti-parallel 
D 1 2 ? anti-parallel 
E 1 2 ? anti-parallel 
F 1 2 ? anti-parallel 
G 1 2 ? anti-parallel 
H 1 2 ? anti-parallel 
# 
loop_
_struct_sheet_range.sheet_id 
_struct_sheet_range.id 
_struct_sheet_range.beg_label_comp_id 
_struct_sheet_range.beg_label_asym_id 
_struct_sheet_range.beg_label_seq_id 
_struct_sheet_range.pdbx_beg_PDB_ins_code 
_struct_sheet_range.end_label_comp_id 
_struct_sheet_range.end_label_asym_id 
_struct_sheet_range.end_label_seq_id 
_struct_sheet_range.pdbx_end_PDB_ins_code 
_struct_sheet_range.beg_auth_comp_id 
_struct_sheet_range.beg_auth_asym_id 
_struct_sheet_range.beg_auth_seq_id 
_struct_sheet_range.end_auth_comp_id 
_struct_sheet_range.end_auth_asym_id 
_struct_sheet_range.end_auth_seq_id 
A 1 THR A 12  ? VAL A 16  ? THR A 53  VAL A 57  
A 2 VAL A 23  ? ASP A 27  ? VAL A 64  ASP A 68  
B 1 THR A 33  ? GLU A 37  ? THR A 74  GLU A 78  
B 2 VAL A 46  ? SER A 49  ? VAL A 87  SER A 90  
C 1 THR A 54  ? PHE A 55  ? THR A 95  PHE A 96  
C 2 HIS A 66  ? ASP A 67  ? HIS A 107 ASP A 108 
D 1 ILE A 77  ? LEU A 80  ? ILE A 118 LEU A 121 
D 2 GLU A 89  ? THR A 91  ? GLU A 130 THR A 132 
E 1 MET A 96  ? SER A 99  ? MET A 137 SER A 140 
E 2 THR A 102 ? PRO A 105 ? THR A 143 PRO A 146 
F 1 TRP A 113 ? LYS A 117 ? TRP A 154 LYS A 158 
F 2 ARG A 126 ? GLN A 129 ? ARG A 167 GLN A 170 
G 1 THR A 134 ? PHE A 135 ? THR A 175 PHE A 176 
G 2 LYS A 146 ? ALA A 147 ? LYS A 187 ALA A 188 
H 1 VAL A 157 ? LYS A 160 ? VAL A 198 LYS A 201 
H 2 VAL A 169 ? GLY A 171 ? VAL A 210 GLY A 212 
# 
loop_
_pdbx_struct_sheet_hbond.sheet_id 
_pdbx_struct_sheet_hbond.range_id_1 
_pdbx_struct_sheet_hbond.range_id_2 
_pdbx_struct_sheet_hbond.range_1_label_atom_id 
_pdbx_struct_sheet_hbond.range_1_label_comp_id 
_pdbx_struct_sheet_hbond.range_1_label_asym_id 
_pdbx_struct_sheet_hbond.range_1_label_seq_id 
_pdbx_struct_sheet_hbond.range_1_PDB_ins_code 
_pdbx_struct_sheet_hbond.range_1_auth_atom_id 
_pdbx_struct_sheet_hbond.range_1_auth_comp_id 
_pdbx_struct_sheet_hbond.range_1_auth_asym_id 
_pdbx_struct_sheet_hbond.range_1_auth_seq_id 
_pdbx_struct_sheet_hbond.range_2_label_atom_id 
_pdbx_struct_sheet_hbond.range_2_label_comp_id 
_pdbx_struct_sheet_hbond.range_2_label_asym_id 
_pdbx_struct_sheet_hbond.range_2_label_seq_id 
_pdbx_struct_sheet_hbond.range_2_PDB_ins_code 
_pdbx_struct_sheet_hbond.range_2_auth_atom_id 
_pdbx_struct_sheet_hbond.range_2_auth_comp_id 
_pdbx_struct_sheet_hbond.range_2_auth_asym_id 
_pdbx_struct_sheet_hbond.range_2_auth_seq_id 
A 1 2 N TYR A 13  ? N TYR A 54  O CYS A 26  ? O CYS A 67  
B 1 2 N GLU A 37  ? N GLU A 78  O VAL A 46  ? O VAL A 87  
C 1 2 N PHE A 55  ? N PHE A 96  O HIS A 66  ? O HIS A 107 
D 1 2 N ILE A 77  ? N ILE A 118 O THR A 91  ? O THR A 132 
E 1 2 N SER A 99  ? N SER A 140 O THR A 102 ? O THR A 143 
F 1 2 N ARG A 116 ? N ARG A 157 O ARG A 126 ? O ARG A 167 
G 1 2 N PHE A 135 ? N PHE A 176 O LYS A 146 ? O LYS A 187 
H 1 2 N VAL A 157 ? N VAL A 198 O GLY A 171 ? O GLY A 212 
# 
_pdbx_entry_details.entry_id                   3U3P 
_pdbx_entry_details.compound_details           ? 
_pdbx_entry_details.source_details             ? 
_pdbx_entry_details.nonpolymer_details         ? 
_pdbx_entry_details.sequence_details           ? 
_pdbx_entry_details.has_ligand_of_interest     ? 
_pdbx_entry_details.has_protein_modification   Y 
# 
loop_
_pdbx_validate_rmsd_angle.id 
_pdbx_validate_rmsd_angle.PDB_model_num 
_pdbx_validate_rmsd_angle.auth_atom_id_1 
_pdbx_validate_rmsd_angle.auth_asym_id_1 
_pdbx_validate_rmsd_angle.auth_comp_id_1 
_pdbx_validate_rmsd_angle.auth_seq_id_1 
_pdbx_validate_rmsd_angle.PDB_ins_code_1 
_pdbx_validate_rmsd_angle.label_alt_id_1 
_pdbx_validate_rmsd_angle.auth_atom_id_2 
_pdbx_validate_rmsd_angle.auth_asym_id_2 
_pdbx_validate_rmsd_angle.auth_comp_id_2 
_pdbx_validate_rmsd_angle.auth_seq_id_2 
_pdbx_validate_rmsd_angle.PDB_ins_code_2 
_pdbx_validate_rmsd_angle.label_alt_id_2 
_pdbx_validate_rmsd_angle.auth_atom_id_3 
_pdbx_validate_rmsd_angle.auth_asym_id_3 
_pdbx_validate_rmsd_angle.auth_comp_id_3 
_pdbx_validate_rmsd_angle.auth_seq_id_3 
_pdbx_validate_rmsd_angle.PDB_ins_code_3 
_pdbx_validate_rmsd_angle.label_alt_id_3 
_pdbx_validate_rmsd_angle.angle_value 
_pdbx_validate_rmsd_angle.angle_target_value 
_pdbx_validate_rmsd_angle.angle_deviation 
_pdbx_validate_rmsd_angle.angle_standard_deviation 
_pdbx_validate_rmsd_angle.linker_flag 
1 1 NE A ARG 98  ? ? CZ A ARG 98  ? ? NH2 A ARG 98  ? ? 117.02 120.30 -3.28 0.50 N 
2 1 CB A ASP 128 ? ? CG A ASP 128 ? ? OD2 A ASP 128 ? ? 112.35 118.30 -5.95 0.90 N 
3 1 NE A ARG 129 ? ? CZ A ARG 129 ? ? NH1 A ARG 129 ? ? 126.41 120.30 6.11  0.50 N 
4 1 NE A ARG 129 ? ? CZ A ARG 129 ? ? NH2 A ARG 129 ? ? 113.49 120.30 -6.81 0.50 N 
# 
loop_
_pdbx_validate_torsion.id 
_pdbx_validate_torsion.PDB_model_num 
_pdbx_validate_torsion.auth_comp_id 
_pdbx_validate_torsion.auth_asym_id 
_pdbx_validate_torsion.auth_seq_id 
_pdbx_validate_torsion.PDB_ins_code 
_pdbx_validate_torsion.label_alt_id 
_pdbx_validate_torsion.phi 
_pdbx_validate_torsion.psi 
1 1 THR A 81  ? ? -129.68 -169.23 
2 1 ASN A 141 ? ? 54.44   -104.15 
3 1 THR A 143 ? ? -130.23 -142.74 
4 1 LEU A 193 ? ? -40.72  -74.62  
5 1 SER A 194 ? ? -56.04  5.80    
6 1 ASN A 196 ? ? 68.95   -10.20  
# 
loop_
_pdbx_struct_special_symmetry.id 
_pdbx_struct_special_symmetry.PDB_model_num 
_pdbx_struct_special_symmetry.auth_asym_id 
_pdbx_struct_special_symmetry.auth_comp_id 
_pdbx_struct_special_symmetry.auth_seq_id 
_pdbx_struct_special_symmetry.PDB_ins_code 
_pdbx_struct_special_symmetry.label_asym_id 
_pdbx_struct_special_symmetry.label_comp_id 
_pdbx_struct_special_symmetry.label_seq_id 
1 1 A HOH 406 ? B HOH . 
2 1 A HOH 434 ? B HOH . 
# 
loop_
_pdbx_unobs_or_zero_occ_residues.id 
_pdbx_unobs_or_zero_occ_residues.PDB_model_num 
_pdbx_unobs_or_zero_occ_residues.polymer_flag 
_pdbx_unobs_or_zero_occ_residues.occupancy_flag 
_pdbx_unobs_or_zero_occ_residues.auth_asym_id 
_pdbx_unobs_or_zero_occ_residues.auth_comp_id 
_pdbx_unobs_or_zero_occ_residues.auth_seq_id 
_pdbx_unobs_or_zero_occ_residues.PDB_ins_code 
_pdbx_unobs_or_zero_occ_residues.label_asym_id 
_pdbx_unobs_or_zero_occ_residues.label_comp_id 
_pdbx_unobs_or_zero_occ_residues.label_seq_id 
1   1 Y 1 A GLN 42  ? A GLN 1   
2   1 Y 1 A PRO 43  ? A PRO 2   
3   1 Y 1 A GLU 44  ? A GLU 3   
4   1 Y 1 A GLN 45  ? A GLN 4   
5   1 Y 1 A LYS 46  ? A LYS 5   
6   1 Y 1 A ALA 47  ? A ALA 6   
7   1 Y 1 A SER 48  ? A SER 7   
8   1 Y 1 A ASN 49  ? A ASN 8   
9   1 Y 1 A LEU 50  ? A LEU 9   
10  1 Y 1 A PRO 215 ? A PRO 174 
11  1 Y 1 A SER 216 ? A SER 175 
12  1 Y 1 A PHE 217 ? A PHE 176 
13  1 Y 1 A SER 218 ? A SER 177 
14  1 Y 1 A SER 219 ? A SER 178 
15  1 Y 1 A SER 220 ? A SER 179 
16  1 Y 1 A THR 221 ? A THR 180 
17  1 Y 1 A SER 222 ? A SER 181 
18  1 Y 1 A PRO 223 ? A PRO 182 
19  1 Y 1 A SER 224 ? A SER 183 
20  1 Y 1 A PRO 225 ? A PRO 184 
21  1 Y 1 A GLY 226 ? A GLY 185 
22  1 Y 1 A THR 227 ? A THR 186 
23  1 Y 1 A ALA 228 ? A ALA 187 
24  1 Y 1 A ILE 229 ? A ILE 188 
25  1 Y 1 A PHE 230 ? A PHE 189 
26  1 Y 1 A PRO 231 ? A PRO 190 
27  1 Y 1 A ARG 232 ? A ARG 191 
28  1 Y 1 A PRO 233 ? A PRO 192 
29  1 Y 1 A GLU 234 ? A GLU 193 
30  1 Y 1 A HIS 235 ? A HIS 194 
31  1 Y 1 A MET 236 ? A MET 195 
32  1 Y 1 A GLU 237 ? A GLU 196 
33  1 Y 1 A THR 238 ? A THR 197 
34  1 Y 1 A HIS 239 ? A HIS 198 
35  1 Y 1 A GLU 240 ? A GLU 199 
36  1 Y 1 A VAL 241 ? A VAL 200 
37  1 Y 1 A PRO 242 ? A PRO 201 
38  1 Y 1 A SER 243 ? A SER 202 
39  1 Y 1 A SER 244 ? A SER 203 
40  1 Y 1 A THR 245 ? A THR 204 
41  1 Y 1 A TYR 246 ? A TYR 205 
42  1 Y 1 A VAL 247 ? A VAL 206 
43  1 Y 1 A PRO 248 ? A PRO 207 
44  1 Y 1 A LYS 249 ? A LYS 208 
45  1 Y 1 A GLY 250 ? A GLY 209 
46  1 Y 1 A MET 251 ? A MET 210 
47  1 Y 1 A ASN 252 ? A ASN 211 
48  1 Y 1 A SER 253 ? A SER 212 
49  1 Y 1 A THR 254 ? A THR 213 
50  1 Y 1 A GLU 255 ? A GLU 214 
51  1 Y 1 A SER 256 ? A SER 215 
52  1 Y 1 A ASN 257 ? A ASN 216 
53  1 Y 1 A SER 258 ? A SER 217 
54  1 Y 1 A SER 259 ? A SER 218 
55  1 Y 1 A ALA 260 ? A ALA 219 
56  1 Y 1 A SER 261 ? A SER 220 
57  1 Y 1 A VAL 262 ? A VAL 221 
58  1 Y 1 A ARG 263 ? A ARG 222 
59  1 Y 1 A PRO 264 ? A PRO 223 
60  1 Y 1 A LYS 265 ? A LYS 224 
61  1 Y 1 A VAL 266 ? A VAL 225 
62  1 Y 1 A LEU 267 ? A LEU 226 
63  1 Y 1 A SER 268 ? A SER 227 
64  1 Y 1 A SER 269 ? A SER 228 
65  1 Y 1 A ILE 270 ? A ILE 229 
66  1 Y 1 A GLN 271 ? A GLN 230 
67  1 Y 1 A GLU 272 ? A GLU 231 
68  1 Y 1 A GLY 273 ? A GLY 232 
69  1 Y 1 A THR 274 ? A THR 233 
70  1 Y 1 A VAL 275 ? A VAL 234 
71  1 Y 1 A PRO 276 ? A PRO 235 
72  1 Y 1 A ASP 277 ? A ASP 236 
73  1 Y 1 A ASN 278 ? A ASN 237 
74  1 Y 1 A THR 279 ? A THR 238 
75  1 Y 1 A SER 280 ? A SER 239 
76  1 Y 1 A SER 281 ? A SER 240 
77  1 Y 1 A ALA 282 ? A ALA 241 
78  1 Y 1 A ARG 283 ? A ARG 242 
79  1 Y 1 A GLY 284 ? A GLY 243 
80  1 Y 1 A LYS 285 ? A LYS 244 
81  1 Y 1 A GLU 286 ? A GLU 245 
82  1 Y 1 A ASP 287 ? A ASP 246 
83  1 Y 1 A VAL 288 ? A VAL 247 
84  1 Y 1 A ASN 289 ? A ASN 248 
85  1 Y 1 A LYS 290 ? A LYS 249 
86  1 Y 1 A THR 291 ? A THR 250 
87  1 Y 1 A LEU 292 ? A LEU 251 
88  1 Y 1 A PRO 293 ? A PRO 252 
89  1 Y 1 A ASN 294 ? A ASN 253 
90  1 Y 1 A LEU 295 ? A LEU 254 
91  1 Y 1 A GLN 296 ? A GLN 255 
92  1 Y 1 A VAL 297 ? A VAL 256 
93  1 Y 1 A VAL 298 ? A VAL 257 
94  1 Y 1 A ASN 299 ? A ASN 258 
95  1 Y 1 A HIS 300 ? A HIS 259 
96  1 Y 1 A GLN 301 ? A GLN 260 
97  1 Y 1 A GLN 302 ? A GLN 261 
98  1 Y 1 A GLY 303 ? A GLY 262 
99  1 Y 1 A PRO 304 ? A PRO 263 
100 1 Y 1 A HIS 305 ? A HIS 264 
101 1 Y 1 A HIS 306 ? A HIS 265 
102 1 Y 1 A ARG 307 ? A ARG 266 
103 1 Y 1 A HIS 308 ? A HIS 267 
104 1 Y 1 A ILE 309 ? A ILE 268 
105 1 Y 1 A LEU 310 ? A LEU 269 
106 1 Y 1 A LYS 311 ? A LYS 270 
107 1 Y 1 A LEU 312 ? A LEU 271 
108 1 Y 1 A LEU 313 ? A LEU 272 
109 1 Y 1 A PRO 314 ? A PRO 273 
110 1 Y 1 A SER 315 ? A SER 274 
111 1 Y 1 A MET 316 ? A MET 275 
112 1 Y 1 A GLU 317 ? A GLU 276 
113 1 Y 1 A ALA 318 ? A ALA 277 
114 1 Y 1 A THR 319 ? A THR 278 
115 1 Y 1 A GLY 320 ? A GLY 279 
116 1 Y 1 A GLY 321 ? A GLY 280 
117 1 Y 1 A GLU 322 ? A GLU 281 
118 1 Y 1 A LYS 323 ? A LYS 282 
119 1 Y 1 A SER 324 ? A SER 283 
120 1 Y 1 A SER 325 ? A SER 284 
121 1 Y 1 A THR 326 ? A THR 285 
122 1 Y 1 A PRO 327 ? A PRO 286 
123 1 Y 1 A ILE 328 ? A ILE 287 
124 1 Y 1 A LYS 329 ? A LYS 288 
125 1 Y 1 A GLY 330 ? A GLY 289 
126 1 Y 1 A PRO 331 ? A PRO 290 
127 1 Y 1 A LYS 332 ? A LYS 291 
128 1 Y 1 A ARG 333 ? A ARG 292 
129 1 Y 1 A GLY 334 ? A GLY 293 
130 1 Y 1 A HIS 335 ? A HIS 294 
131 1 Y 1 A PRO 336 ? A PRO 295 
132 1 Y 1 A ARG 337 ? A ARG 296 
133 1 Y 1 A GLN 338 ? A GLN 297 
134 1 Y 1 A ASN 339 ? A ASN 298 
135 1 Y 1 A LEU 340 ? A LEU 299 
136 1 Y 1 A HIS 341 ? A HIS 300 
137 1 Y 1 A LYS 342 ? A LYS 301 
138 1 Y 1 A HIS 343 ? A HIS 302 
139 1 Y 1 A PHE 344 ? A PHE 303 
140 1 Y 1 A ASP 345 ? A ASP 304 
141 1 Y 1 A ILE 346 ? A ILE 305 
142 1 Y 1 A ASN 347 ? A ASN 306 
143 1 Y 1 A GLU 348 ? A GLU 307 
144 1 Y 1 A HIS 349 ? A HIS 308 
145 1 Y 1 A HIS 350 ? A HIS 309 
146 1 Y 1 A HIS 351 ? A HIS 310 
147 1 Y 1 A HIS 352 ? A HIS 311 
148 1 Y 1 A HIS 353 ? A HIS 312 
149 1 Y 1 A HIS 354 ? A HIS 313 
# 
loop_
_chem_comp_atom.comp_id 
_chem_comp_atom.atom_id 
_chem_comp_atom.type_symbol 
_chem_comp_atom.pdbx_aromatic_flag 
_chem_comp_atom.pdbx_stereo_config 
_chem_comp_atom.pdbx_ordinal 
ALA N    N N N 1   
ALA CA   C N S 2   
ALA C    C N N 3   
ALA O    O N N 4   
ALA CB   C N N 5   
ALA OXT  O N N 6   
ALA H    H N N 7   
ALA H2   H N N 8   
ALA HA   H N N 9   
ALA HB1  H N N 10  
ALA HB2  H N N 11  
ALA HB3  H N N 12  
ALA HXT  H N N 13  
ARG N    N N N 14  
ARG CA   C N S 15  
ARG C    C N N 16  
ARG O    O N N 17  
ARG CB   C N N 18  
ARG CG   C N N 19  
ARG CD   C N N 20  
ARG NE   N N N 21  
ARG CZ   C N N 22  
ARG NH1  N N N 23  
ARG NH2  N N N 24  
ARG OXT  O N N 25  
ARG H    H N N 26  
ARG H2   H N N 27  
ARG HA   H N N 28  
ARG HB2  H N N 29  
ARG HB3  H N N 30  
ARG HG2  H N N 31  
ARG HG3  H N N 32  
ARG HD2  H N N 33  
ARG HD3  H N N 34  
ARG HE   H N N 35  
ARG HH11 H N N 36  
ARG HH12 H N N 37  
ARG HH21 H N N 38  
ARG HH22 H N N 39  
ARG HXT  H N N 40  
ASN N    N N N 41  
ASN CA   C N S 42  
ASN C    C N N 43  
ASN O    O N N 44  
ASN CB   C N N 45  
ASN CG   C N N 46  
ASN OD1  O N N 47  
ASN ND2  N N N 48  
ASN OXT  O N N 49  
ASN H    H N N 50  
ASN H2   H N N 51  
ASN HA   H N N 52  
ASN HB2  H N N 53  
ASN HB3  H N N 54  
ASN HD21 H N N 55  
ASN HD22 H N N 56  
ASN HXT  H N N 57  
ASP N    N N N 58  
ASP CA   C N S 59  
ASP C    C N N 60  
ASP O    O N N 61  
ASP CB   C N N 62  
ASP CG   C N N 63  
ASP OD1  O N N 64  
ASP OD2  O N N 65  
ASP OXT  O N N 66  
ASP H    H N N 67  
ASP H2   H N N 68  
ASP HA   H N N 69  
ASP HB2  H N N 70  
ASP HB3  H N N 71  
ASP HD2  H N N 72  
ASP HXT  H N N 73  
CYS N    N N N 74  
CYS CA   C N R 75  
CYS C    C N N 76  
CYS O    O N N 77  
CYS CB   C N N 78  
CYS SG   S N N 79  
CYS OXT  O N N 80  
CYS H    H N N 81  
CYS H2   H N N 82  
CYS HA   H N N 83  
CYS HB2  H N N 84  
CYS HB3  H N N 85  
CYS HG   H N N 86  
CYS HXT  H N N 87  
GLN N    N N N 88  
GLN CA   C N S 89  
GLN C    C N N 90  
GLN O    O N N 91  
GLN CB   C N N 92  
GLN CG   C N N 93  
GLN CD   C N N 94  
GLN OE1  O N N 95  
GLN NE2  N N N 96  
GLN OXT  O N N 97  
GLN H    H N N 98  
GLN H2   H N N 99  
GLN HA   H N N 100 
GLN HB2  H N N 101 
GLN HB3  H N N 102 
GLN HG2  H N N 103 
GLN HG3  H N N 104 
GLN HE21 H N N 105 
GLN HE22 H N N 106 
GLN HXT  H N N 107 
GLU N    N N N 108 
GLU CA   C N S 109 
GLU C    C N N 110 
GLU O    O N N 111 
GLU CB   C N N 112 
GLU CG   C N N 113 
GLU CD   C N N 114 
GLU OE1  O N N 115 
GLU OE2  O N N 116 
GLU OXT  O N N 117 
GLU H    H N N 118 
GLU H2   H N N 119 
GLU HA   H N N 120 
GLU HB2  H N N 121 
GLU HB3  H N N 122 
GLU HG2  H N N 123 
GLU HG3  H N N 124 
GLU HE2  H N N 125 
GLU HXT  H N N 126 
GLY N    N N N 127 
GLY CA   C N N 128 
GLY C    C N N 129 
GLY O    O N N 130 
GLY OXT  O N N 131 
GLY H    H N N 132 
GLY H2   H N N 133 
GLY HA2  H N N 134 
GLY HA3  H N N 135 
GLY HXT  H N N 136 
HIS N    N N N 137 
HIS CA   C N S 138 
HIS C    C N N 139 
HIS O    O N N 140 
HIS CB   C N N 141 
HIS CG   C Y N 142 
HIS ND1  N Y N 143 
HIS CD2  C Y N 144 
HIS CE1  C Y N 145 
HIS NE2  N Y N 146 
HIS OXT  O N N 147 
HIS H    H N N 148 
HIS H2   H N N 149 
HIS HA   H N N 150 
HIS HB2  H N N 151 
HIS HB3  H N N 152 
HIS HD1  H N N 153 
HIS HD2  H N N 154 
HIS HE1  H N N 155 
HIS HE2  H N N 156 
HIS HXT  H N N 157 
HOH O    O N N 158 
HOH H1   H N N 159 
HOH H2   H N N 160 
ILE N    N N N 161 
ILE CA   C N S 162 
ILE C    C N N 163 
ILE O    O N N 164 
ILE CB   C N S 165 
ILE CG1  C N N 166 
ILE CG2  C N N 167 
ILE CD1  C N N 168 
ILE OXT  O N N 169 
ILE H    H N N 170 
ILE H2   H N N 171 
ILE HA   H N N 172 
ILE HB   H N N 173 
ILE HG12 H N N 174 
ILE HG13 H N N 175 
ILE HG21 H N N 176 
ILE HG22 H N N 177 
ILE HG23 H N N 178 
ILE HD11 H N N 179 
ILE HD12 H N N 180 
ILE HD13 H N N 181 
ILE HXT  H N N 182 
LEU N    N N N 183 
LEU CA   C N S 184 
LEU C    C N N 185 
LEU O    O N N 186 
LEU CB   C N N 187 
LEU CG   C N N 188 
LEU CD1  C N N 189 
LEU CD2  C N N 190 
LEU OXT  O N N 191 
LEU H    H N N 192 
LEU H2   H N N 193 
LEU HA   H N N 194 
LEU HB2  H N N 195 
LEU HB3  H N N 196 
LEU HG   H N N 197 
LEU HD11 H N N 198 
LEU HD12 H N N 199 
LEU HD13 H N N 200 
LEU HD21 H N N 201 
LEU HD22 H N N 202 
LEU HD23 H N N 203 
LEU HXT  H N N 204 
LYS N    N N N 205 
LYS CA   C N S 206 
LYS C    C N N 207 
LYS O    O N N 208 
LYS CB   C N N 209 
LYS CG   C N N 210 
LYS CD   C N N 211 
LYS CE   C N N 212 
LYS NZ   N N N 213 
LYS OXT  O N N 214 
LYS H    H N N 215 
LYS H2   H N N 216 
LYS HA   H N N 217 
LYS HB2  H N N 218 
LYS HB3  H N N 219 
LYS HG2  H N N 220 
LYS HG3  H N N 221 
LYS HD2  H N N 222 
LYS HD3  H N N 223 
LYS HE2  H N N 224 
LYS HE3  H N N 225 
LYS HZ1  H N N 226 
LYS HZ2  H N N 227 
LYS HZ3  H N N 228 
LYS HXT  H N N 229 
MET N    N N N 230 
MET CA   C N S 231 
MET C    C N N 232 
MET O    O N N 233 
MET CB   C N N 234 
MET CG   C N N 235 
MET SD   S N N 236 
MET CE   C N N 237 
MET OXT  O N N 238 
MET H    H N N 239 
MET H2   H N N 240 
MET HA   H N N 241 
MET HB2  H N N 242 
MET HB3  H N N 243 
MET HG2  H N N 244 
MET HG3  H N N 245 
MET HE1  H N N 246 
MET HE2  H N N 247 
MET HE3  H N N 248 
MET HXT  H N N 249 
PHE N    N N N 250 
PHE CA   C N S 251 
PHE C    C N N 252 
PHE O    O N N 253 
PHE CB   C N N 254 
PHE CG   C Y N 255 
PHE CD1  C Y N 256 
PHE CD2  C Y N 257 
PHE CE1  C Y N 258 
PHE CE2  C Y N 259 
PHE CZ   C Y N 260 
PHE OXT  O N N 261 
PHE H    H N N 262 
PHE H2   H N N 263 
PHE HA   H N N 264 
PHE HB2  H N N 265 
PHE HB3  H N N 266 
PHE HD1  H N N 267 
PHE HD2  H N N 268 
PHE HE1  H N N 269 
PHE HE2  H N N 270 
PHE HZ   H N N 271 
PHE HXT  H N N 272 
PRO N    N N N 273 
PRO CA   C N S 274 
PRO C    C N N 275 
PRO O    O N N 276 
PRO CB   C N N 277 
PRO CG   C N N 278 
PRO CD   C N N 279 
PRO OXT  O N N 280 
PRO H    H N N 281 
PRO HA   H N N 282 
PRO HB2  H N N 283 
PRO HB3  H N N 284 
PRO HG2  H N N 285 
PRO HG3  H N N 286 
PRO HD2  H N N 287 
PRO HD3  H N N 288 
PRO HXT  H N N 289 
SER N    N N N 290 
SER CA   C N S 291 
SER C    C N N 292 
SER O    O N N 293 
SER CB   C N N 294 
SER OG   O N N 295 
SER OXT  O N N 296 
SER H    H N N 297 
SER H2   H N N 298 
SER HA   H N N 299 
SER HB2  H N N 300 
SER HB3  H N N 301 
SER HG   H N N 302 
SER HXT  H N N 303 
THR N    N N N 304 
THR CA   C N S 305 
THR C    C N N 306 
THR O    O N N 307 
THR CB   C N R 308 
THR OG1  O N N 309 
THR CG2  C N N 310 
THR OXT  O N N 311 
THR H    H N N 312 
THR H2   H N N 313 
THR HA   H N N 314 
THR HB   H N N 315 
THR HG1  H N N 316 
THR HG21 H N N 317 
THR HG22 H N N 318 
THR HG23 H N N 319 
THR HXT  H N N 320 
TRP N    N N N 321 
TRP CA   C N S 322 
TRP C    C N N 323 
TRP O    O N N 324 
TRP CB   C N N 325 
TRP CG   C Y N 326 
TRP CD1  C Y N 327 
TRP CD2  C Y N 328 
TRP NE1  N Y N 329 
TRP CE2  C Y N 330 
TRP CE3  C Y N 331 
TRP CZ2  C Y N 332 
TRP CZ3  C Y N 333 
TRP CH2  C Y N 334 
TRP OXT  O N N 335 
TRP H    H N N 336 
TRP H2   H N N 337 
TRP HA   H N N 338 
TRP HB2  H N N 339 
TRP HB3  H N N 340 
TRP HD1  H N N 341 
TRP HE1  H N N 342 
TRP HE3  H N N 343 
TRP HZ2  H N N 344 
TRP HZ3  H N N 345 
TRP HH2  H N N 346 
TRP HXT  H N N 347 
TYR N    N N N 348 
TYR CA   C N S 349 
TYR C    C N N 350 
TYR O    O N N 351 
TYR CB   C N N 352 
TYR CG   C Y N 353 
TYR CD1  C Y N 354 
TYR CD2  C Y N 355 
TYR CE1  C Y N 356 
TYR CE2  C Y N 357 
TYR CZ   C Y N 358 
TYR OH   O N N 359 
TYR OXT  O N N 360 
TYR H    H N N 361 
TYR H2   H N N 362 
TYR HA   H N N 363 
TYR HB2  H N N 364 
TYR HB3  H N N 365 
TYR HD1  H N N 366 
TYR HD2  H N N 367 
TYR HE1  H N N 368 
TYR HE2  H N N 369 
TYR HH   H N N 370 
TYR HXT  H N N 371 
VAL N    N N N 372 
VAL CA   C N S 373 
VAL C    C N N 374 
VAL O    O N N 375 
VAL CB   C N N 376 
VAL CG1  C N N 377 
VAL CG2  C N N 378 
VAL OXT  O N N 379 
VAL H    H N N 380 
VAL H2   H N N 381 
VAL HA   H N N 382 
VAL HB   H N N 383 
VAL HG11 H N N 384 
VAL HG12 H N N 385 
VAL HG13 H N N 386 
VAL HG21 H N N 387 
VAL HG22 H N N 388 
VAL HG23 H N N 389 
VAL HXT  H N N 390 
# 
loop_
_chem_comp_bond.comp_id 
_chem_comp_bond.atom_id_1 
_chem_comp_bond.atom_id_2 
_chem_comp_bond.value_order 
_chem_comp_bond.pdbx_aromatic_flag 
_chem_comp_bond.pdbx_stereo_config 
_chem_comp_bond.pdbx_ordinal 
ALA N   CA   sing N N 1   
ALA N   H    sing N N 2   
ALA N   H2   sing N N 3   
ALA CA  C    sing N N 4   
ALA CA  CB   sing N N 5   
ALA CA  HA   sing N N 6   
ALA C   O    doub N N 7   
ALA C   OXT  sing N N 8   
ALA CB  HB1  sing N N 9   
ALA CB  HB2  sing N N 10  
ALA CB  HB3  sing N N 11  
ALA OXT HXT  sing N N 12  
ARG N   CA   sing N N 13  
ARG N   H    sing N N 14  
ARG N   H2   sing N N 15  
ARG CA  C    sing N N 16  
ARG CA  CB   sing N N 17  
ARG CA  HA   sing N N 18  
ARG C   O    doub N N 19  
ARG C   OXT  sing N N 20  
ARG CB  CG   sing N N 21  
ARG CB  HB2  sing N N 22  
ARG CB  HB3  sing N N 23  
ARG CG  CD   sing N N 24  
ARG CG  HG2  sing N N 25  
ARG CG  HG3  sing N N 26  
ARG CD  NE   sing N N 27  
ARG CD  HD2  sing N N 28  
ARG CD  HD3  sing N N 29  
ARG NE  CZ   sing N N 30  
ARG NE  HE   sing N N 31  
ARG CZ  NH1  sing N N 32  
ARG CZ  NH2  doub N N 33  
ARG NH1 HH11 sing N N 34  
ARG NH1 HH12 sing N N 35  
ARG NH2 HH21 sing N N 36  
ARG NH2 HH22 sing N N 37  
ARG OXT HXT  sing N N 38  
ASN N   CA   sing N N 39  
ASN N   H    sing N N 40  
ASN N   H2   sing N N 41  
ASN CA  C    sing N N 42  
ASN CA  CB   sing N N 43  
ASN CA  HA   sing N N 44  
ASN C   O    doub N N 45  
ASN C   OXT  sing N N 46  
ASN CB  CG   sing N N 47  
ASN CB  HB2  sing N N 48  
ASN CB  HB3  sing N N 49  
ASN CG  OD1  doub N N 50  
ASN CG  ND2  sing N N 51  
ASN ND2 HD21 sing N N 52  
ASN ND2 HD22 sing N N 53  
ASN OXT HXT  sing N N 54  
ASP N   CA   sing N N 55  
ASP N   H    sing N N 56  
ASP N   H2   sing N N 57  
ASP CA  C    sing N N 58  
ASP CA  CB   sing N N 59  
ASP CA  HA   sing N N 60  
ASP C   O    doub N N 61  
ASP C   OXT  sing N N 62  
ASP CB  CG   sing N N 63  
ASP CB  HB2  sing N N 64  
ASP CB  HB3  sing N N 65  
ASP CG  OD1  doub N N 66  
ASP CG  OD2  sing N N 67  
ASP OD2 HD2  sing N N 68  
ASP OXT HXT  sing N N 69  
CYS N   CA   sing N N 70  
CYS N   H    sing N N 71  
CYS N   H2   sing N N 72  
CYS CA  C    sing N N 73  
CYS CA  CB   sing N N 74  
CYS CA  HA   sing N N 75  
CYS C   O    doub N N 76  
CYS C   OXT  sing N N 77  
CYS CB  SG   sing N N 78  
CYS CB  HB2  sing N N 79  
CYS CB  HB3  sing N N 80  
CYS SG  HG   sing N N 81  
CYS OXT HXT  sing N N 82  
GLN N   CA   sing N N 83  
GLN N   H    sing N N 84  
GLN N   H2   sing N N 85  
GLN CA  C    sing N N 86  
GLN CA  CB   sing N N 87  
GLN CA  HA   sing N N 88  
GLN C   O    doub N N 89  
GLN C   OXT  sing N N 90  
GLN CB  CG   sing N N 91  
GLN CB  HB2  sing N N 92  
GLN CB  HB3  sing N N 93  
GLN CG  CD   sing N N 94  
GLN CG  HG2  sing N N 95  
GLN CG  HG3  sing N N 96  
GLN CD  OE1  doub N N 97  
GLN CD  NE2  sing N N 98  
GLN NE2 HE21 sing N N 99  
GLN NE2 HE22 sing N N 100 
GLN OXT HXT  sing N N 101 
GLU N   CA   sing N N 102 
GLU N   H    sing N N 103 
GLU N   H2   sing N N 104 
GLU CA  C    sing N N 105 
GLU CA  CB   sing N N 106 
GLU CA  HA   sing N N 107 
GLU C   O    doub N N 108 
GLU C   OXT  sing N N 109 
GLU CB  CG   sing N N 110 
GLU CB  HB2  sing N N 111 
GLU CB  HB3  sing N N 112 
GLU CG  CD   sing N N 113 
GLU CG  HG2  sing N N 114 
GLU CG  HG3  sing N N 115 
GLU CD  OE1  doub N N 116 
GLU CD  OE2  sing N N 117 
GLU OE2 HE2  sing N N 118 
GLU OXT HXT  sing N N 119 
GLY N   CA   sing N N 120 
GLY N   H    sing N N 121 
GLY N   H2   sing N N 122 
GLY CA  C    sing N N 123 
GLY CA  HA2  sing N N 124 
GLY CA  HA3  sing N N 125 
GLY C   O    doub N N 126 
GLY C   OXT  sing N N 127 
GLY OXT HXT  sing N N 128 
HIS N   CA   sing N N 129 
HIS N   H    sing N N 130 
HIS N   H2   sing N N 131 
HIS CA  C    sing N N 132 
HIS CA  CB   sing N N 133 
HIS CA  HA   sing N N 134 
HIS C   O    doub N N 135 
HIS C   OXT  sing N N 136 
HIS CB  CG   sing N N 137 
HIS CB  HB2  sing N N 138 
HIS CB  HB3  sing N N 139 
HIS CG  ND1  sing Y N 140 
HIS CG  CD2  doub Y N 141 
HIS ND1 CE1  doub Y N 142 
HIS ND1 HD1  sing N N 143 
HIS CD2 NE2  sing Y N 144 
HIS CD2 HD2  sing N N 145 
HIS CE1 NE2  sing Y N 146 
HIS CE1 HE1  sing N N 147 
HIS NE2 HE2  sing N N 148 
HIS OXT HXT  sing N N 149 
HOH O   H1   sing N N 150 
HOH O   H2   sing N N 151 
ILE N   CA   sing N N 152 
ILE N   H    sing N N 153 
ILE N   H2   sing N N 154 
ILE CA  C    sing N N 155 
ILE CA  CB   sing N N 156 
ILE CA  HA   sing N N 157 
ILE C   O    doub N N 158 
ILE C   OXT  sing N N 159 
ILE CB  CG1  sing N N 160 
ILE CB  CG2  sing N N 161 
ILE CB  HB   sing N N 162 
ILE CG1 CD1  sing N N 163 
ILE CG1 HG12 sing N N 164 
ILE CG1 HG13 sing N N 165 
ILE CG2 HG21 sing N N 166 
ILE CG2 HG22 sing N N 167 
ILE CG2 HG23 sing N N 168 
ILE CD1 HD11 sing N N 169 
ILE CD1 HD12 sing N N 170 
ILE CD1 HD13 sing N N 171 
ILE OXT HXT  sing N N 172 
LEU N   CA   sing N N 173 
LEU N   H    sing N N 174 
LEU N   H2   sing N N 175 
LEU CA  C    sing N N 176 
LEU CA  CB   sing N N 177 
LEU CA  HA   sing N N 178 
LEU C   O    doub N N 179 
LEU C   OXT  sing N N 180 
LEU CB  CG   sing N N 181 
LEU CB  HB2  sing N N 182 
LEU CB  HB3  sing N N 183 
LEU CG  CD1  sing N N 184 
LEU CG  CD2  sing N N 185 
LEU CG  HG   sing N N 186 
LEU CD1 HD11 sing N N 187 
LEU CD1 HD12 sing N N 188 
LEU CD1 HD13 sing N N 189 
LEU CD2 HD21 sing N N 190 
LEU CD2 HD22 sing N N 191 
LEU CD2 HD23 sing N N 192 
LEU OXT HXT  sing N N 193 
LYS N   CA   sing N N 194 
LYS N   H    sing N N 195 
LYS N   H2   sing N N 196 
LYS CA  C    sing N N 197 
LYS CA  CB   sing N N 198 
LYS CA  HA   sing N N 199 
LYS C   O    doub N N 200 
LYS C   OXT  sing N N 201 
LYS CB  CG   sing N N 202 
LYS CB  HB2  sing N N 203 
LYS CB  HB3  sing N N 204 
LYS CG  CD   sing N N 205 
LYS CG  HG2  sing N N 206 
LYS CG  HG3  sing N N 207 
LYS CD  CE   sing N N 208 
LYS CD  HD2  sing N N 209 
LYS CD  HD3  sing N N 210 
LYS CE  NZ   sing N N 211 
LYS CE  HE2  sing N N 212 
LYS CE  HE3  sing N N 213 
LYS NZ  HZ1  sing N N 214 
LYS NZ  HZ2  sing N N 215 
LYS NZ  HZ3  sing N N 216 
LYS OXT HXT  sing N N 217 
MET N   CA   sing N N 218 
MET N   H    sing N N 219 
MET N   H2   sing N N 220 
MET CA  C    sing N N 221 
MET CA  CB   sing N N 222 
MET CA  HA   sing N N 223 
MET C   O    doub N N 224 
MET C   OXT  sing N N 225 
MET CB  CG   sing N N 226 
MET CB  HB2  sing N N 227 
MET CB  HB3  sing N N 228 
MET CG  SD   sing N N 229 
MET CG  HG2  sing N N 230 
MET CG  HG3  sing N N 231 
MET SD  CE   sing N N 232 
MET CE  HE1  sing N N 233 
MET CE  HE2  sing N N 234 
MET CE  HE3  sing N N 235 
MET OXT HXT  sing N N 236 
PHE N   CA   sing N N 237 
PHE N   H    sing N N 238 
PHE N   H2   sing N N 239 
PHE CA  C    sing N N 240 
PHE CA  CB   sing N N 241 
PHE CA  HA   sing N N 242 
PHE C   O    doub N N 243 
PHE C   OXT  sing N N 244 
PHE CB  CG   sing N N 245 
PHE CB  HB2  sing N N 246 
PHE CB  HB3  sing N N 247 
PHE CG  CD1  doub Y N 248 
PHE CG  CD2  sing Y N 249 
PHE CD1 CE1  sing Y N 250 
PHE CD1 HD1  sing N N 251 
PHE CD2 CE2  doub Y N 252 
PHE CD2 HD2  sing N N 253 
PHE CE1 CZ   doub Y N 254 
PHE CE1 HE1  sing N N 255 
PHE CE2 CZ   sing Y N 256 
PHE CE2 HE2  sing N N 257 
PHE CZ  HZ   sing N N 258 
PHE OXT HXT  sing N N 259 
PRO N   CA   sing N N 260 
PRO N   CD   sing N N 261 
PRO N   H    sing N N 262 
PRO CA  C    sing N N 263 
PRO CA  CB   sing N N 264 
PRO CA  HA   sing N N 265 
PRO C   O    doub N N 266 
PRO C   OXT  sing N N 267 
PRO CB  CG   sing N N 268 
PRO CB  HB2  sing N N 269 
PRO CB  HB3  sing N N 270 
PRO CG  CD   sing N N 271 
PRO CG  HG2  sing N N 272 
PRO CG  HG3  sing N N 273 
PRO CD  HD2  sing N N 274 
PRO CD  HD3  sing N N 275 
PRO OXT HXT  sing N N 276 
SER N   CA   sing N N 277 
SER N   H    sing N N 278 
SER N   H2   sing N N 279 
SER CA  C    sing N N 280 
SER CA  CB   sing N N 281 
SER CA  HA   sing N N 282 
SER C   O    doub N N 283 
SER C   OXT  sing N N 284 
SER CB  OG   sing N N 285 
SER CB  HB2  sing N N 286 
SER CB  HB3  sing N N 287 
SER OG  HG   sing N N 288 
SER OXT HXT  sing N N 289 
THR N   CA   sing N N 290 
THR N   H    sing N N 291 
THR N   H2   sing N N 292 
THR CA  C    sing N N 293 
THR CA  CB   sing N N 294 
THR CA  HA   sing N N 295 
THR C   O    doub N N 296 
THR C   OXT  sing N N 297 
THR CB  OG1  sing N N 298 
THR CB  CG2  sing N N 299 
THR CB  HB   sing N N 300 
THR OG1 HG1  sing N N 301 
THR CG2 HG21 sing N N 302 
THR CG2 HG22 sing N N 303 
THR CG2 HG23 sing N N 304 
THR OXT HXT  sing N N 305 
TRP N   CA   sing N N 306 
TRP N   H    sing N N 307 
TRP N   H2   sing N N 308 
TRP CA  C    sing N N 309 
TRP CA  CB   sing N N 310 
TRP CA  HA   sing N N 311 
TRP C   O    doub N N 312 
TRP C   OXT  sing N N 313 
TRP CB  CG   sing N N 314 
TRP CB  HB2  sing N N 315 
TRP CB  HB3  sing N N 316 
TRP CG  CD1  doub Y N 317 
TRP CG  CD2  sing Y N 318 
TRP CD1 NE1  sing Y N 319 
TRP CD1 HD1  sing N N 320 
TRP CD2 CE2  doub Y N 321 
TRP CD2 CE3  sing Y N 322 
TRP NE1 CE2  sing Y N 323 
TRP NE1 HE1  sing N N 324 
TRP CE2 CZ2  sing Y N 325 
TRP CE3 CZ3  doub Y N 326 
TRP CE3 HE3  sing N N 327 
TRP CZ2 CH2  doub Y N 328 
TRP CZ2 HZ2  sing N N 329 
TRP CZ3 CH2  sing Y N 330 
TRP CZ3 HZ3  sing N N 331 
TRP CH2 HH2  sing N N 332 
TRP OXT HXT  sing N N 333 
TYR N   CA   sing N N 334 
TYR N   H    sing N N 335 
TYR N   H2   sing N N 336 
TYR CA  C    sing N N 337 
TYR CA  CB   sing N N 338 
TYR CA  HA   sing N N 339 
TYR C   O    doub N N 340 
TYR C   OXT  sing N N 341 
TYR CB  CG   sing N N 342 
TYR CB  HB2  sing N N 343 
TYR CB  HB3  sing N N 344 
TYR CG  CD1  doub Y N 345 
TYR CG  CD2  sing Y N 346 
TYR CD1 CE1  sing Y N 347 
TYR CD1 HD1  sing N N 348 
TYR CD2 CE2  doub Y N 349 
TYR CD2 HD2  sing N N 350 
TYR CE1 CZ   doub Y N 351 
TYR CE1 HE1  sing N N 352 
TYR CE2 CZ   sing Y N 353 
TYR CE2 HE2  sing N N 354 
TYR CZ  OH   sing N N 355 
TYR OH  HH   sing N N 356 
TYR OXT HXT  sing N N 357 
VAL N   CA   sing N N 358 
VAL N   H    sing N N 359 
VAL N   H2   sing N N 360 
VAL CA  C    sing N N 361 
VAL CA  CB   sing N N 362 
VAL CA  HA   sing N N 363 
VAL C   O    doub N N 364 
VAL C   OXT  sing N N 365 
VAL CB  CG1  sing N N 366 
VAL CB  CG2  sing N N 367 
VAL CB  HB   sing N N 368 
VAL CG1 HG11 sing N N 369 
VAL CG1 HG12 sing N N 370 
VAL CG1 HG13 sing N N 371 
VAL CG2 HG21 sing N N 372 
VAL CG2 HG22 sing N N 373 
VAL CG2 HG23 sing N N 374 
VAL OXT HXT  sing N N 375 
# 
_atom_sites.entry_id                    3U3P 
_atom_sites.fract_transf_matrix[1][1]   -0.00340970 
_atom_sites.fract_transf_matrix[1][2]   -0.00009683 
_atom_sites.fract_transf_matrix[1][3]   0.01443364 
_atom_sites.fract_transf_matrix[2][1]   -0.01117786 
_atom_sites.fract_transf_matrix[2][2]   0.00834607 
_atom_sites.fract_transf_matrix[2][3]   0.00503558 
_atom_sites.fract_transf_matrix[3][1]   -0.00340652 
_atom_sites.fract_transf_matrix[3][2]   -0.00406038 
_atom_sites.fract_transf_matrix[3][3]   -0.00083197 
_atom_sites.fract_transf_vector[1]      0.169222 
_atom_sites.fract_transf_vector[2]      1.366000 
_atom_sites.fract_transf_vector[3]      0.043663 
# 
loop_
_atom_type.symbol 
C 
N 
O 
S 
# 
loop_
_atom_site.group_PDB 
_atom_site.id 
_atom_site.type_symbol 
_atom_site.label_atom_id 
_atom_site.label_alt_id 
_atom_site.label_comp_id 
_atom_site.label_asym_id 
_atom_site.label_entity_id 
_atom_site.label_seq_id 
_atom_site.pdbx_PDB_ins_code 
_atom_site.Cartn_x 
_atom_site.Cartn_y 
_atom_site.Cartn_z 
_atom_site.occupancy 
_atom_site.B_iso_or_equiv 
_atom_site.pdbx_formal_charge 
_atom_site.auth_seq_id 
_atom_site.auth_comp_id 
_atom_site.auth_asym_id 
_atom_site.auth_atom_id 
_atom_site.pdbx_PDB_model_num 
ATOM   1    N N   . ILE A 1 10  ? -28.715 10.516  -1.776  1.00 36.71  ? 51  ILE A N   1 
ATOM   2    C CA  . ILE A 1 10  ? -27.696 11.381  -2.548  1.00 41.87  ? 51  ILE A CA  1 
ATOM   3    C C   . ILE A 1 10  ? -27.972 12.827  -2.159  1.00 34.46  ? 51  ILE A C   1 
ATOM   4    O O   . ILE A 1 10  ? -29.077 13.190  -2.081  1.00 35.39  ? 51  ILE A O   1 
ATOM   5    C CB  . ILE A 1 10  ? -27.593 11.135  -4.116  1.00 41.05  ? 51  ILE A CB  1 
ATOM   6    C CG1 . ILE A 1 10  ? -26.298 11.743  -4.688  1.00 44.59  ? 51  ILE A CG1 1 
ATOM   7    C CG2 . ILE A 1 10  ? -28.724 11.735  -4.935  1.00 37.51  ? 51  ILE A CG2 1 
ATOM   8    C CD1 . ILE A 1 10  ? -25.855 11.224  -6.052  1.00 40.65  ? 51  ILE A CD1 1 
ATOM   9    N N   . GLY A 1 11  ? -26.953 13.587  -1.781  1.00 33.55  ? 52  GLY A N   1 
ATOM   10   C CA  . GLY A 1 11  ? -27.099 14.972  -1.319  1.00 32.19  ? 52  GLY A CA  1 
ATOM   11   C C   . GLY A 1 11  ? -27.559 15.901  -2.463  1.00 26.79  ? 52  GLY A C   1 
ATOM   12   O O   . GLY A 1 11  ? -27.834 15.451  -3.557  1.00 27.49  ? 52  GLY A O   1 
ATOM   13   N N   . THR A 1 12  ? -27.576 17.212  -2.233  1.00 28.66  ? 53  THR A N   1 
ATOM   14   C CA  . THR A 1 12  ? -28.070 18.149  -3.301  1.00 25.64  ? 53  THR A CA  1 
ATOM   15   C C   . THR A 1 12  ? -27.218 19.392  -3.251  1.00 25.16  ? 53  THR A C   1 
ATOM   16   O O   . THR A 1 12  ? -26.471 19.589  -2.277  1.00 24.25  ? 53  THR A O   1 
ATOM   17   C CB  . THR A 1 12  ? -29.527 18.562  -3.013  1.00 24.11  ? 53  THR A CB  1 
ATOM   18   O OG1 . THR A 1 12  ? -29.581 19.147  -1.714  1.00 21.67  ? 53  THR A OG1 1 
ATOM   19   C CG2 . THR A 1 12  ? -30.496 17.376  -3.066  1.00 26.97  ? 53  THR A CG2 1 
ATOM   20   N N   . TYR A 1 13  ? -27.292 20.251  -4.263  1.00 22.30  ? 54  TYR A N   1 
ATOM   21   C CA  . TYR A 1 13  ? -26.502 21.496  -4.151  1.00 22.09  ? 54  TYR A CA  1 
ATOM   22   C C   . TYR A 1 13  ? -27.393 22.590  -4.787  1.00 23.09  ? 54  TYR A C   1 
ATOM   23   O O   . TYR A 1 13  ? -28.328 22.256  -5.546  1.00 23.11  ? 54  TYR A O   1 
ATOM   24   C CB  . TYR A 1 13  ? -25.180 21.354  -4.925  1.00 19.94  ? 54  TYR A CB  1 
ATOM   25   C CG  . TYR A 1 13  ? -25.395 21.092  -6.451  1.00 20.01  ? 54  TYR A CG  1 
ATOM   26   C CD1 . TYR A 1 13  ? -25.749 19.832  -6.947  1.00 19.05  ? 54  TYR A CD1 1 
ATOM   27   C CD2 . TYR A 1 13  ? -25.228 22.127  -7.369  1.00 21.73  ? 54  TYR A CD2 1 
ATOM   28   C CE1 . TYR A 1 13  ? -25.945 19.617  -8.329  1.00 19.90  ? 54  TYR A CE1 1 
ATOM   29   C CE2 . TYR A 1 13  ? -25.483 21.981  -8.721  1.00 20.48  ? 54  TYR A CE2 1 
ATOM   30   C CZ  . TYR A 1 13  ? -25.796 20.696  -9.218  1.00 21.06  ? 54  TYR A CZ  1 
ATOM   31   O OH  . TYR A 1 13  ? -26.058 20.548  -10.564 1.00 22.15  ? 54  TYR A OH  1 
ATOM   32   N N   . ARG A 1 14  ? -27.115 23.846  -4.487  1.00 21.87  ? 55  ARG A N   1 
ATOM   33   C CA  . ARG A 1 14  ? -27.906 24.961  -5.086  1.00 24.11  ? 55  ARG A CA  1 
ATOM   34   C C   . ARG A 1 14  ? -27.277 25.470  -6.363  1.00 23.75  ? 55  ARG A C   1 
ATOM   35   O O   . ARG A 1 14  ? -26.059 25.612  -6.467  1.00 23.76  ? 55  ARG A O   1 
ATOM   36   C CB  . ARG A 1 14  ? -27.947 26.067  -4.085  1.00 24.00  ? 55  ARG A CB  1 
ATOM   37   C CG  . ARG A 1 14  ? -28.858 25.699  -2.879  1.00 26.20  ? 55  ARG A CG  1 
ATOM   38   C CD  . ARG A 1 14  ? -28.618 26.680  -1.710  1.00 28.14  ? 55  ARG A CD  1 
ATOM   39   N NE  . ARG A 1 14  ? -29.564 26.336  -0.679  1.00 43.04  ? 55  ARG A NE  1 
ATOM   40   C CZ  . ARG A 1 14  ? -29.259 25.620  0.407   1.00 44.11  ? 55  ARG A CZ  1 
ATOM   41   N NH1 . ARG A 1 14  ? -28.043 25.262  0.605   1.00 35.63  ? 55  ARG A NH1 1 
ATOM   42   N NH2 . ARG A 1 14  ? -30.179 25.300  1.310   1.00 50.29  ? 55  ARG A NH2 1 
ATOM   43   N N   . HIS A 1 15  ? -28.078 25.850  -7.327  1.00 21.13  ? 56  HIS A N   1 
ATOM   44   C CA  . HIS A 1 15  ? -27.521 26.342  -8.564  1.00 20.26  ? 56  HIS A CA  1 
ATOM   45   C C   . HIS A 1 15  ? -28.416 27.479  -9.044  1.00 23.51  ? 56  HIS A C   1 
ATOM   46   O O   . HIS A 1 15  ? -29.659 27.347  -9.044  1.00 18.39  ? 56  HIS A O   1 
ATOM   47   C CB  . HIS A 1 15  ? -27.618 25.208  -9.516  1.00 19.85  ? 56  HIS A CB  1 
ATOM   48   C CG  . HIS A 1 15  ? -27.151 25.557  -10.904 1.00 20.26  ? 56  HIS A CG  1 
ATOM   49   N ND1 . HIS A 1 15  ? -25.854 25.832  -11.171 1.00 20.74  ? 56  HIS A ND1 1 
ATOM   50   C CD2 . HIS A 1 15  ? -27.863 25.763  -12.072 1.00 16.82  ? 56  HIS A CD2 1 
ATOM   51   C CE1 . HIS A 1 15  ? -25.753 26.205  -12.485 1.00 20.60  ? 56  HIS A CE1 1 
ATOM   52   N NE2 . HIS A 1 15  ? -26.978 26.138  -13.037 1.00 18.49  ? 56  HIS A NE2 1 
ATOM   53   N N   . VAL A 1 16  ? -27.806 28.537  -9.541  1.00 18.68  ? 57  VAL A N   1 
ATOM   54   C CA  . VAL A 1 16  ? -28.542 29.641  -10.148 1.00 18.71  ? 57  VAL A CA  1 
ATOM   55   C C   . VAL A 1 16  ? -28.805 29.247  -11.604 1.00 20.38  ? 57  VAL A C   1 
ATOM   56   O O   . VAL A 1 16  ? -27.875 29.015  -12.372 1.00 17.99  ? 57  VAL A O   1 
ATOM   57   C CB  . VAL A 1 16  ? -27.673 30.909  -10.119 1.00 17.97  ? 57  VAL A CB  1 
ATOM   58   C CG1 . VAL A 1 16  ? -28.369 32.024  -10.901 1.00 19.04  ? 57  VAL A CG1 1 
ATOM   59   C CG2 . VAL A 1 16  ? -27.546 31.283  -8.673  1.00 16.93  ? 57  VAL A CG2 1 
ATOM   60   N N   . ASP A 1 17  ? -30.072 29.125  -11.978 1.00 18.05  ? 58  ASP A N   1 
ATOM   61   C CA  . ASP A 1 17  ? -30.430 28.796  -13.377 1.00 18.94  ? 58  ASP A CA  1 
ATOM   62   C C   . ASP A 1 17  ? -30.093 29.986  -14.284 1.00 20.04  ? 58  ASP A C   1 
ATOM   63   O O   . ASP A 1 17  ? -30.502 31.128  -14.021 1.00 17.88  ? 58  ASP A O   1 
ATOM   64   C CB  . ASP A 1 17  ? -31.927 28.398  -13.457 1.00 19.78  ? 58  ASP A CB  1 
ATOM   65   C CG  . ASP A 1 17  ? -32.382 28.088  -14.861 1.00 25.19  ? 58  ASP A CG  1 
ATOM   66   O OD1 . ASP A 1 17  ? -31.778 27.178  -15.464 1.00 25.24  ? 58  ASP A OD1 1 
ATOM   67   O OD2 . ASP A 1 17  ? -33.237 28.839  -15.411 1.00 25.92  ? 58  ASP A OD2 1 
ATOM   68   N N   . ARG A 1 18  ? -29.367 29.745  -15.393 1.00 20.61  ? 59  ARG A N   1 
ATOM   69   C CA  . ARG A 1 18  ? -28.901 30.839  -16.184 1.00 20.48  ? 59  ARG A CA  1 
ATOM   70   C C   . ARG A 1 18  ? -30.123 31.535  -16.772 1.00 22.28  ? 59  ARG A C   1 
ATOM   71   O O   . ARG A 1 18  ? -30.166 32.718  -16.768 1.00 21.73  ? 59  ARG A O   1 
ATOM   72   C CB  . ARG A 1 18  ? -28.025 30.361  -17.409 1.00 23.02  ? 59  ARG A CB  1 
ATOM   73   C CG  . ARG A 1 18  ? -27.688 31.572  -18.324 1.00 22.75  ? 59  ARG A CG  1 
ATOM   74   C CD  . ARG A 1 18  ? -26.879 31.119  -19.565 1.00 26.73  ? 59  ARG A CD  1 
ATOM   75   N NE  . ARG A 1 18  ? -27.607 30.032  -20.256 1.00 27.95  ? 59  ARG A NE  1 
ATOM   76   C CZ  . ARG A 1 18  ? -28.676 30.259  -21.021 1.00 31.76  ? 59  ARG A CZ  1 
ATOM   77   N NH1 . ARG A 1 18  ? -29.115 31.482  -21.212 1.00 32.01  ? 59  ARG A NH1 1 
ATOM   78   N NH2 . ARG A 1 18  ? -29.346 29.275  -21.551 1.00 39.54  ? 59  ARG A NH2 1 
ATOM   79   N N   . ALA A 1 19  ? -31.041 30.822  -17.396 1.00 19.75  ? 60  ALA A N   1 
ATOM   80   C CA  . ALA A 1 19  ? -32.075 31.538  -18.144 1.00 23.34  ? 60  ALA A CA  1 
ATOM   81   C C   . ALA A 1 19  ? -33.090 32.289  -17.243 1.00 25.16  ? 60  ALA A C   1 
ATOM   82   O O   . ALA A 1 19  ? -33.580 33.318  -17.654 1.00 26.33  ? 60  ALA A O   1 
ATOM   83   C CB  . ALA A 1 19  ? -32.823 30.602  -19.101 1.00 25.48  ? 60  ALA A CB  1 
ATOM   84   N N   . THR A 1 20  ? -33.350 31.855  -16.019 1.00 23.52  ? 61  THR A N   1 
ATOM   85   C CA  . THR A 1 20  ? -34.386 32.523  -15.195 1.00 21.75  ? 61  THR A CA  1 
ATOM   86   C C   . THR A 1 20  ? -33.866 33.172  -13.953 1.00 22.74  ? 61  THR A C   1 
ATOM   87   O O   . THR A 1 20  ? -34.561 33.951  -13.316 1.00 20.67  ? 61  THR A O   1 
ATOM   88   C CB  . THR A 1 20  ? -35.379 31.488  -14.776 1.00 22.76  ? 61  THR A CB  1 
ATOM   89   O OG1 . THR A 1 20  ? -34.675 30.492  -14.016 1.00 20.84  ? 61  THR A OG1 1 
ATOM   90   C CG2 . THR A 1 20  ? -36.012 30.819  -16.040 1.00 25.82  ? 61  THR A CG2 1 
ATOM   91   N N   . GLY A 1 21  ? -32.639 32.869  -13.552 1.00 17.78  ? 62  GLY A N   1 
ATOM   92   C CA  . GLY A 1 21  ? -32.138 33.390  -12.315 1.00 17.03  ? 62  GLY A CA  1 
ATOM   93   C C   . GLY A 1 21  ? -32.747 32.692  -11.079 1.00 18.89  ? 62  GLY A C   1 
ATOM   94   O O   . GLY A 1 21  ? -32.464 33.085  -9.931  1.00 18.91  ? 62  GLY A O   1 
ATOM   95   N N   . GLN A 1 22  ? -33.525 31.634  -11.280 1.00 18.52  ? 63  GLN A N   1 
ATOM   96   C CA  . GLN A 1 22  ? -34.074 30.817  -10.171 1.00 18.72  ? 63  GLN A CA  1 
ATOM   97   C C   . GLN A 1 22  ? -32.947 30.072  -9.451  1.00 19.79  ? 63  GLN A C   1 
ATOM   98   O O   . GLN A 1 22  ? -31.974 29.589  -10.104 1.00 23.29  ? 63  GLN A O   1 
ATOM   99   C CB  . GLN A 1 22  ? -35.073 29.799  -10.710 1.00 21.23  ? 63  GLN A CB  1 
ATOM   100  C CG  . GLN A 1 22  ? -35.689 28.911  -9.620  1.00 20.54  ? 63  GLN A CG  1 
ATOM   101  C CD  . GLN A 1 22  ? -36.768 28.035  -10.191 1.00 26.56  ? 63  GLN A CD  1 
ATOM   102  O OE1 . GLN A 1 22  ? -36.900 27.929  -11.403 1.00 26.46  ? 63  GLN A OE1 1 
ATOM   103  N NE2 . GLN A 1 22  ? -37.551 27.408  -9.335  1.00 26.50  ? 63  GLN A NE2 1 
ATOM   104  N N   . VAL A 1 23  ? -32.998 30.024  -8.138  1.00 18.41  ? 64  VAL A N   1 
ATOM   105  C CA  . VAL A 1 23  ? -31.976 29.260  -7.336  1.00 19.40  ? 64  VAL A CA  1 
ATOM   106  C C   . VAL A 1 23  ? -32.650 27.908  -7.161  1.00 22.05  ? 64  VAL A C   1 
ATOM   107  O O   . VAL A 1 23  ? -33.730 27.806  -6.514  1.00 23.63  ? 64  VAL A O   1 
ATOM   108  C CB  . VAL A 1 23  ? -31.753 29.932  -5.972  1.00 19.59  ? 64  VAL A CB  1 
ATOM   109  C CG1 . VAL A 1 23  ? -30.873 29.040  -5.095  1.00 19.21  ? 64  VAL A CG1 1 
ATOM   110  C CG2 . VAL A 1 23  ? -31.085 31.332  -6.181  1.00 15.28  ? 64  VAL A CG2 1 
ATOM   111  N N   . LEU A 1 24  ? -32.099 26.889  -7.820  1.00 22.00  ? 65  LEU A N   1 
ATOM   112  C CA  . LEU A 1 24  ? -32.623 25.540  -7.762  1.00 21.48  ? 65  LEU A CA  1 
ATOM   113  C C   . LEU A 1 24  ? -31.831 24.657  -6.768  1.00 26.49  ? 65  LEU A C   1 
ATOM   114  O O   . LEU A 1 24  ? -30.663 24.922  -6.463  1.00 21.71  ? 65  LEU A O   1 
ATOM   115  C CB  . LEU A 1 24  ? -32.440 24.979  -9.170  1.00 23.04  ? 65  LEU A CB  1 
ATOM   116  C CG  . LEU A 1 24  ? -33.227 25.725  -10.288 1.00 22.59  ? 65  LEU A CG  1 
ATOM   117  C CD1 . LEU A 1 24  ? -32.674 25.308  -11.639 1.00 22.42  ? 65  LEU A CD1 1 
ATOM   118  C CD2 . LEU A 1 24  ? -34.725 25.411  -10.273 1.00 22.79  ? 65  LEU A CD2 1 
ATOM   119  N N   . THR A 1 25  ? -32.442 23.574  -6.309  1.00 27.30  ? 66  THR A N   1 
ATOM   120  C CA  . THR A 1 25  ? -31.755 22.564  -5.479  1.00 25.93  ? 66  THR A CA  1 
ATOM   121  C C   . THR A 1 25  ? -31.625 21.379  -6.404  1.00 27.85  ? 66  THR A C   1 
ATOM   122  O O   . THR A 1 25  ? -32.666 20.823  -6.792  1.00 26.49  ? 66  THR A O   1 
ATOM   123  C CB  . THR A 1 25  ? -32.672 22.201  -4.321  1.00 28.20  ? 66  THR A CB  1 
ATOM   124  O OG1 . THR A 1 25  ? -32.702 23.316  -3.382  1.00 27.33  ? 66  THR A OG1 1 
ATOM   125  C CG2 . THR A 1 25  ? -32.129 20.998  -3.603  1.00 32.17  ? 66  THR A CG2 1 
ATOM   126  N N   . CYS A 1 26  ? -30.409 21.064  -6.862  1.00 22.19  ? 67  CYS A N   1 
ATOM   127  C CA  . CYS A 1 26  ? -30.261 19.939  -7.775  1.00 24.68  ? 67  CYS A CA  1 
ATOM   128  C C   . CYS A 1 26  ? -29.637 18.733  -7.011  1.00 22.72  ? 67  CYS A C   1 
ATOM   129  O O   . CYS A 1 26  ? -29.007 18.917  -5.974  1.00 26.66  ? 67  CYS A O   1 
ATOM   130  C CB  . CYS A 1 26  ? -29.330 20.248  -8.979  1.00 22.18  ? 67  CYS A CB  1 
ATOM   131  S SG  . CYS A 1 26  ? -29.711 21.750  -9.978  1.00 29.06  ? 67  CYS A SG  1 
ATOM   132  N N   . ASP A 1 27  ? -29.783 17.522  -7.578  1.00 24.85  ? 68  ASP A N   1 
ATOM   133  C CA  . ASP A 1 27  ? -29.145 16.349  -6.994  1.00 25.55  ? 68  ASP A CA  1 
ATOM   134  C C   . ASP A 1 27  ? -27.680 16.389  -7.349  1.00 19.60  ? 68  ASP A C   1 
ATOM   135  O O   . ASP A 1 27  ? -27.313 16.614  -8.492  1.00 19.79  ? 68  ASP A O   1 
ATOM   136  C CB  . ASP A 1 27  ? -29.720 15.077  -7.598  1.00 27.82  ? 68  ASP A CB  1 
ATOM   137  C CG  . ASP A 1 27  ? -31.026 14.658  -6.914  1.00 34.76  ? 68  ASP A CG  1 
ATOM   138  O OD1 . ASP A 1 27  ? -31.401 15.274  -5.902  1.00 32.68  ? 68  ASP A OD1 1 
ATOM   139  O OD2 . ASP A 1 27  ? -31.618 13.690  -7.404  1.00 41.20  ? 68  ASP A OD2 1 
ATOM   140  N N   . LYS A 1 28  ? -26.863 16.258  -6.338  1.00 20.29  ? 69  LYS A N   1 
ATOM   141  C CA  . LYS A 1 28  ? -25.466 15.901  -6.571  1.00 24.41  ? 69  LYS A CA  1 
ATOM   142  C C   . LYS A 1 28  ? -25.290 14.692  -7.474  1.00 25.55  ? 69  LYS A C   1 
ATOM   143  O O   . LYS A 1 28  ? -26.197 13.895  -7.697  1.00 26.01  ? 69  LYS A O   1 
ATOM   144  C CB  . LYS A 1 28  ? -24.783 15.654  -5.248  1.00 26.67  ? 69  LYS A CB  1 
ATOM   145  C CG  . LYS A 1 28  ? -24.347 16.950  -4.608  1.00 29.27  ? 69  LYS A CG  1 
ATOM   146  C CD  . LYS A 1 28  ? -23.822 16.675  -3.205  1.00 30.22  ? 69  LYS A CD  1 
ATOM   147  C CE  . LYS A 1 28  ? -22.942 17.830  -2.841  1.00 35.08  ? 69  LYS A CE  1 
ATOM   148  N NZ  . LYS A 1 28  ? -22.756 17.909  -1.384  1.00 40.83  ? 69  LYS A NZ  1 
ATOM   149  N N   . CYS A 1 29  ? -24.126 14.642  -8.094  1.00 24.05  ? 70  CYS A N   1 
ATOM   150  C CA  . CYS A 1 29  ? -23.703 13.537  -8.906  1.00 26.64  ? 70  CYS A CA  1 
ATOM   151  C C   . CYS A 1 29  ? -22.724 12.630  -8.107  1.00 24.92  ? 70  CYS A C   1 
ATOM   152  O O   . CYS A 1 29  ? -21.853 13.141  -7.391  1.00 26.74  ? 70  CYS A O   1 
ATOM   153  C CB  . CYS A 1 29  ? -22.954 14.105  -10.092 1.00 25.64  ? 70  CYS A CB  1 
ATOM   154  S SG  . CYS A 1 29  ? -24.005 14.720  -11.433 1.00 27.29  ? 70  CYS A SG  1 
ATOM   155  N N   . PRO A 1 30  ? -22.830 11.291  -8.279  1.00 27.66  ? 71  PRO A N   1 
ATOM   156  C CA  . PRO A 1 30  ? -22.014 10.414  -7.444  1.00 30.05  ? 71  PRO A CA  1 
ATOM   157  C C   . PRO A 1 30  ? -20.470 10.546  -7.764  1.00 25.50  ? 71  PRO A C   1 
ATOM   158  O O   . PRO A 1 30  ? -20.073 10.995  -8.869  1.00 29.03  ? 71  PRO A O   1 
ATOM   159  C CB  . PRO A 1 30  ? -22.524 9.021   -7.843  1.00 30.93  ? 71  PRO A CB  1 
ATOM   160  C CG  . PRO A 1 30  ? -22.896 9.168   -9.272  1.00 34.98  ? 71  PRO A CG  1 
ATOM   161  C CD  . PRO A 1 30  ? -23.629 10.519  -9.264  1.00 27.74  ? 71  PRO A CD  1 
ATOM   162  N N   . ALA A 1 31  ? -19.650 10.135  -6.820  1.00 25.45  ? 72  ALA A N   1 
ATOM   163  C CA  . ALA A 1 31  ? -18.156 10.083  -7.005  1.00 26.30  ? 72  ALA A CA  1 
ATOM   164  C C   . ALA A 1 31  ? -17.855 9.341   -8.252  1.00 26.10  ? 72  ALA A C   1 
ATOM   165  O O   . ALA A 1 31  ? -18.538 8.352   -8.545  1.00 32.62  ? 72  ALA A O   1 
ATOM   166  C CB  . ALA A 1 31  ? -17.519 9.396   -5.805  1.00 30.35  ? 72  ALA A CB  1 
ATOM   167  N N   . GLY A 1 32  ? -16.942 9.838   -9.071  1.00 23.37  ? 73  GLY A N   1 
ATOM   168  C CA  . GLY A 1 32  ? -16.651 9.210   -10.340 1.00 22.44  ? 73  GLY A CA  1 
ATOM   169  C C   . GLY A 1 32  ? -17.298 9.873   -11.520 1.00 26.29  ? 73  GLY A C   1 
ATOM   170  O O   . GLY A 1 32  ? -17.007 9.519   -12.672 1.00 27.42  ? 73  GLY A O   1 
ATOM   171  N N   . THR A 1 33  ? -18.204 10.838  -11.252 1.00 23.87  ? 74  THR A N   1 
ATOM   172  C CA  . THR A 1 33  ? -18.903 11.555  -12.366 1.00 25.66  ? 74  THR A CA  1 
ATOM   173  C C   . THR A 1 33  ? -18.888 13.066  -11.970 1.00 25.06  ? 74  THR A C   1 
ATOM   174  O O   . THR A 1 33  ? -18.465 13.422  -10.872 1.00 23.54  ? 74  THR A O   1 
ATOM   175  C CB  . THR A 1 33  ? -20.369 11.147  -12.458 1.00 26.08  ? 74  THR A CB  1 
ATOM   176  O OG1 . THR A 1 33  ? -21.011 11.455  -11.192 1.00 26.20  ? 74  THR A OG1 1 
ATOM   177  C CG2 . THR A 1 33  ? -20.465 9.599   -12.660 1.00 31.05  ? 74  THR A CG2 1 
ATOM   178  N N   . TYR A 1 34  ? -19.282 13.913  -12.907 1.00 27.40  ? 75  TYR A N   1 
ATOM   179  C CA  . TYR A 1 34  ? -19.380 15.313  -12.621 1.00 25.99  ? 75  TYR A CA  1 
ATOM   180  C C   . TYR A 1 34  ? -20.743 15.675  -13.286 1.00 29.02  ? 75  TYR A C   1 
ATOM   181  O O   . TYR A 1 34  ? -21.355 14.820  -14.049 1.00 27.77  ? 75  TYR A O   1 
ATOM   182  C CB  . TYR A 1 34  ? -18.262 16.019  -13.330 1.00 21.34  ? 75  TYR A CB  1 
ATOM   183  C CG  . TYR A 1 34  ? -18.314 15.947  -14.832 1.00 26.67  ? 75  TYR A CG  1 
ATOM   184  C CD1 . TYR A 1 34  ? -17.848 14.820  -15.515 1.00 28.99  ? 75  TYR A CD1 1 
ATOM   185  C CD2 . TYR A 1 34  ? -18.810 17.031  -15.608 1.00 25.84  ? 75  TYR A CD2 1 
ATOM   186  C CE1 . TYR A 1 34  ? -17.881 14.769  -16.905 1.00 25.87  ? 75  TYR A CE1 1 
ATOM   187  C CE2 . TYR A 1 34  ? -18.851 16.984  -17.004 1.00 26.61  ? 75  TYR A CE2 1 
ATOM   188  C CZ  . TYR A 1 34  ? -18.376 15.837  -17.638 1.00 29.64  ? 75  TYR A CZ  1 
ATOM   189  O OH  . TYR A 1 34  ? -18.424 15.740  -19.005 1.00 26.96  ? 75  TYR A OH  1 
ATOM   190  N N   . VAL A 1 35  ? -21.182 16.924  -13.029 1.00 25.98  ? 76  VAL A N   1 
ATOM   191  C CA  . VAL A 1 35  ? -22.475 17.447  -13.577 1.00 21.17  ? 76  VAL A CA  1 
ATOM   192  C C   . VAL A 1 35  ? -22.239 17.923  -14.978 1.00 21.76  ? 76  VAL A C   1 
ATOM   193  O O   . VAL A 1 35  ? -21.549 18.902  -15.181 1.00 23.50  ? 76  VAL A O   1 
ATOM   194  C CB  . VAL A 1 35  ? -22.949 18.640  -12.705 1.00 22.56  ? 76  VAL A CB  1 
ATOM   195  C CG1 . VAL A 1 35  ? -24.241 19.202  -13.348 1.00 20.14  ? 76  VAL A CG1 1 
ATOM   196  C CG2 . VAL A 1 35  ? -23.221 18.151  -11.248 1.00 20.21  ? 76  VAL A CG2 1 
ATOM   197  N N   . SER A 1 36  ? -22.722 17.219  -15.967 1.00 21.84  ? 77  SER A N   1 
ATOM   198  C CA  . SER A 1 36  ? -22.575 17.721  -17.280 1.00 22.19  ? 77  SER A CA  1 
ATOM   199  C C   . SER A 1 36  ? -23.800 18.564  -17.715 1.00 24.61  ? 77  SER A C   1 
ATOM   200  O O   . SER A 1 36  ? -23.718 19.200  -18.751 1.00 26.77  ? 77  SER A O   1 
ATOM   201  C CB  . SER A 1 36  ? -22.396 16.562  -18.304 1.00 24.57  ? 77  SER A CB  1 
ATOM   202  O OG  . SER A 1 36  ? -23.487 15.624  -18.126 1.00 26.69  ? 77  SER A OG  1 
ATOM   203  N N   . GLU A 1 37  ? -24.900 18.577  -16.958 1.00 24.50  ? 78  GLU A N   1 
ATOM   204  C CA  . GLU A 1 37  ? -25.967 19.565  -17.216 1.00 24.40  ? 78  GLU A CA  1 
ATOM   205  C C   . GLU A 1 37  ? -26.647 19.728  -15.903 1.00 22.53  ? 78  GLU A C   1 
ATOM   206  O O   . GLU A 1 37  ? -27.088 18.754  -15.316 1.00 24.59  ? 78  GLU A O   1 
ATOM   207  C CB  . GLU A 1 37  ? -27.020 19.039  -18.161 1.00 30.59  ? 78  GLU A CB  1 
ATOM   208  C CG  . GLU A 1 37  ? -26.685 18.905  -19.631 1.00 43.48  ? 78  GLU A CG  1 
ATOM   209  C CD  . GLU A 1 37  ? -27.734 17.994  -20.287 1.00 55.49  ? 78  GLU A CD  1 
ATOM   210  O OE1 . GLU A 1 37  ? -28.945 18.410  -20.254 1.00 57.84  ? 78  GLU A OE1 1 
ATOM   211  O OE2 . GLU A 1 37  ? -27.366 16.830  -20.731 1.00 51.65  ? 78  GLU A OE2 1 
ATOM   212  N N   . HIS A 1 38  ? -26.684 20.944  -15.403 1.00 18.91  ? 79  HIS A N   1 
ATOM   213  C CA  . HIS A 1 38  ? -27.426 21.256  -14.204 1.00 20.97  ? 79  HIS A CA  1 
ATOM   214  C C   . HIS A 1 38  ? -28.922 21.059  -14.327 1.00 17.45  ? 79  HIS A C   1 
ATOM   215  O O   . HIS A 1 38  ? -29.424 20.970  -15.428 1.00 20.05  ? 79  HIS A O   1 
ATOM   216  C CB  . HIS A 1 38  ? -27.158 22.729  -13.833 1.00 23.74  ? 79  HIS A CB  1 
ATOM   217  C CG  . HIS A 1 38  ? -25.743 22.973  -13.398 1.00 21.72  ? 79  HIS A CG  1 
ATOM   218  N ND1 . HIS A 1 38  ? -25.285 22.550  -12.193 1.00 19.26  ? 79  HIS A ND1 1 
ATOM   219  C CD2 . HIS A 1 38  ? -24.642 23.499  -14.100 1.00 19.47  ? 79  HIS A CD2 1 
ATOM   220  C CE1 . HIS A 1 38  ? -23.946 22.897  -12.084 1.00 20.84  ? 79  HIS A CE1 1 
ATOM   221  N NE2 . HIS A 1 38  ? -23.577 23.494  -13.234 1.00 19.07  ? 79  HIS A NE2 1 
ATOM   222  N N   . CYS A 1 39  ? -29.609 20.866  -13.209 1.00 17.46  ? 80  CYS A N   1 
ATOM   223  C CA  . CYS A 1 39  ? -31.062 20.684  -13.303 1.00 20.28  ? 80  CYS A CA  1 
ATOM   224  C C   . CYS A 1 39  ? -31.615 22.074  -13.733 1.00 22.88  ? 80  CYS A C   1 
ATOM   225  O O   . CYS A 1 39  ? -30.846 23.092  -13.648 1.00 20.47  ? 80  CYS A O   1 
ATOM   226  C CB  . CYS A 1 39  ? -31.650 20.281  -11.970 1.00 21.35  ? 80  CYS A CB  1 
ATOM   227  S SG  . CYS A 1 39  ? -31.670 21.470  -10.620 1.00 27.76  ? 80  CYS A SG  1 
ATOM   228  N N   . THR A 1 40  ? -32.842 22.110  -14.275 1.00 25.98  ? 81  THR A N   1 
ATOM   229  C CA  . THR A 1 40  ? -33.576 23.415  -14.477 1.00 25.40  ? 81  THR A CA  1 
ATOM   230  C C   . THR A 1 40  ? -34.962 23.182  -13.861 1.00 32.93  ? 81  THR A C   1 
ATOM   231  O O   . THR A 1 40  ? -35.207 22.123  -13.232 1.00 28.37  ? 81  THR A O   1 
ATOM   232  C CB  . THR A 1 40  ? -33.895 23.684  -15.937 1.00 22.84  ? 81  THR A CB  1 
ATOM   233  O OG1 . THR A 1 40  ? -34.772 22.623  -16.332 1.00 26.56  ? 81  THR A OG1 1 
ATOM   234  C CG2 . THR A 1 40  ? -32.642 23.620  -16.843 1.00 21.43  ? 81  THR A CG2 1 
ATOM   235  N N   . ASN A 1 41  ? -35.910 24.109  -14.093 1.00 31.93  ? 82  ASN A N   1 
ATOM   236  C CA  . ASN A 1 41  ? -37.151 23.967  -13.324 1.00 37.82  ? 82  ASN A CA  1 
ATOM   237  C C   . ASN A 1 41  ? -37.909 22.811  -13.928 1.00 35.90  ? 82  ASN A C   1 
ATOM   238  O O   . ASN A 1 41  ? -38.639 22.143  -13.225 1.00 38.61  ? 82  ASN A O   1 
ATOM   239  C CB  . ASN A 1 41  ? -38.083 25.241  -13.189 1.00 36.87  ? 82  ASN A CB  1 
ATOM   240  C CG  . ASN A 1 41  ? -39.185 25.027  -12.108 1.00 48.94  ? 82  ASN A CG  1 
ATOM   241  O OD1 . ASN A 1 41  ? -38.910 24.804  -10.903 1.00 47.32  ? 82  ASN A OD1 1 
ATOM   242  N ND2 . ASN A 1 41  ? -40.441 25.056  -12.550 1.00 46.83  ? 82  ASN A ND2 1 
ATOM   243  N N   . THR A 1 42  ? -37.661 22.499  -15.194 1.00 35.43  ? 83  THR A N   1 
ATOM   244  C CA  . THR A 1 42  ? -38.298 21.286  -15.760 1.00 36.17  ? 83  THR A CA  1 
ATOM   245  C C   . THR A 1 42  ? -37.437 20.025  -16.115 1.00 34.75  ? 83  THR A C   1 
ATOM   246  O O   . THR A 1 42  ? -37.912 19.221  -16.838 1.00 32.48  ? 83  THR A O   1 
ATOM   247  C CB  . THR A 1 42  ? -39.025 21.633  -17.047 1.00 37.69  ? 83  THR A CB  1 
ATOM   248  O OG1 . THR A 1 42  ? -38.076 22.191  -17.973 1.00 41.83  ? 83  THR A OG1 1 
ATOM   249  C CG2 . THR A 1 42  ? -40.157 22.648  -16.742 1.00 45.33  ? 83  THR A CG2 1 
ATOM   250  N N   . SER A 1 43  ? -36.187 19.885  -15.688 1.00 33.23  ? 84  SER A N   1 
ATOM   251  C CA  . SER A 1 43  ? -35.385 18.743  -16.115 1.00 32.30  ? 84  SER A CA  1 
ATOM   252  C C   . SER A 1 43  ? -34.369 18.410  -14.998 1.00 31.70  ? 84  SER A C   1 
ATOM   253  O O   . SER A 1 43  ? -33.915 19.295  -14.257 1.00 30.22  ? 84  SER A O   1 
ATOM   254  C CB  . SER A 1 43  ? -34.763 19.023  -17.479 1.00 33.24  ? 84  SER A CB  1 
ATOM   255  O OG  . SER A 1 43  ? -33.784 20.033  -17.295 1.00 39.42  ? 84  SER A OG  1 
ATOM   256  N N   . LEU A 1 44  ? -34.127 17.114  -14.776 1.00 26.59  ? 85  LEU A N   1 
ATOM   257  C CA  . LEU A 1 44  ? -33.136 16.641  -13.798 1.00 24.41  ? 85  LEU A CA  1 
ATOM   258  C C   . LEU A 1 44  ? -31.721 16.989  -14.275 1.00 16.90  ? 85  LEU A C   1 
ATOM   259  O O   . LEU A 1 44  ? -31.455 17.096  -15.445 1.00 23.32  ? 85  LEU A O   1 
ATOM   260  C CB  . LEU A 1 44  ? -33.229 15.094  -13.686 1.00 24.06  ? 85  LEU A CB  1 
ATOM   261  C CG  . LEU A 1 44  ? -34.565 14.487  -13.339 1.00 26.10  ? 85  LEU A CG  1 
ATOM   262  C CD1 . LEU A 1 44  ? -34.450 12.960  -13.356 1.00 28.33  ? 85  LEU A CD1 1 
ATOM   263  C CD2 . LEU A 1 44  ? -34.827 15.010  -11.919 1.00 28.92  ? 85  LEU A CD2 1 
ATOM   264  N N   . ARG A 1 45  ? -30.834 17.244  -13.368 1.00 19.44  ? 86  ARG A N   1 
ATOM   265  C CA  . ARG A 1 45  ? -29.427 17.391  -13.689 1.00 20.85  ? 86  ARG A CA  1 
ATOM   266  C C   . ARG A 1 45  ? -28.891 16.053  -14.332 1.00 22.61  ? 86  ARG A C   1 
ATOM   267  O O   . ARG A 1 45  ? -29.423 14.964  -14.040 1.00 23.01  ? 86  ARG A O   1 
ATOM   268  C CB  . ARG A 1 45  ? -28.652 17.697  -12.413 1.00 20.79  ? 86  ARG A CB  1 
ATOM   269  C CG  . ARG A 1 45  ? -28.620 16.580  -11.383 1.00 20.79  ? 86  ARG A CG  1 
ATOM   270  C CD  . ARG A 1 45  ? -27.351 15.619  -11.560 1.00 24.95  ? 86  ARG A CD  1 
ATOM   271  N NE  . ARG A 1 45  ? -27.386 14.622  -10.470 1.00 23.25  ? 86  ARG A NE  1 
ATOM   272  C CZ  . ARG A 1 45  ? -28.038 13.440  -10.524 1.00 24.92  ? 86  ARG A CZ  1 
ATOM   273  N NH1 . ARG A 1 45  ? -28.688 13.034  -11.634 1.00 25.23  ? 86  ARG A NH1 1 
ATOM   274  N NH2 . ARG A 1 45  ? -27.957 12.638  -9.478  1.00 23.87  ? 86  ARG A NH2 1 
ATOM   275  N N   . VAL A 1 46  ? -27.897 16.160  -15.209 1.00 20.42  ? 87  VAL A N   1 
ATOM   276  C CA  . VAL A 1 46  ? -27.379 14.974  -15.942 1.00 23.25  ? 87  VAL A CA  1 
ATOM   277  C C   . VAL A 1 46  ? -25.932 14.836  -15.479 1.00 27.12  ? 87  VAL A C   1 
ATOM   278  O O   . VAL A 1 46  ? -25.191 15.831  -15.365 1.00 26.61  ? 87  VAL A O   1 
ATOM   279  C CB  . VAL A 1 46  ? -27.437 15.080  -17.428 1.00 22.51  ? 87  VAL A CB  1 
ATOM   280  C CG1 . VAL A 1 46  ? -26.712 13.859  -18.142 1.00 25.64  ? 87  VAL A CG1 1 
ATOM   281  C CG2 . VAL A 1 46  ? -28.924 15.240  -17.929 1.00 25.24  ? 87  VAL A CG2 1 
ATOM   282  N N   . CYS A 1 47  ? -25.587 13.635  -15.056 1.00 27.24  ? 88  CYS A N   1 
ATOM   283  C CA  . CYS A 1 47  ? -24.179 13.333  -14.670 1.00 28.60  ? 88  CYS A CA  1 
ATOM   284  C C   . CYS A 1 47  ? -23.483 12.556  -15.791 1.00 30.66  ? 88  CYS A C   1 
ATOM   285  O O   . CYS A 1 47  ? -24.121 11.712  -16.504 1.00 27.98  ? 88  CYS A O   1 
ATOM   286  C CB  . CYS A 1 47  ? -24.165 12.459  -13.465 1.00 23.72  ? 88  CYS A CB  1 
ATOM   287  S SG  . CYS A 1 47  ? -25.032 13.032  -12.041 1.00 29.09  ? 88  CYS A SG  1 
ATOM   288  N N   . SER A 1 48  ? -22.185 12.837  -15.976 1.00 31.61  ? 89  SER A N   1 
ATOM   289  C CA  . SER A 1 48  ? -21.364 12.070  -16.878 1.00 29.81  ? 89  SER A CA  1 
ATOM   290  C C   . SER A 1 48  ? -20.093 11.474  -16.188 1.00 31.57  ? 89  SER A C   1 
ATOM   291  O O   . SER A 1 48  ? -19.576 12.039  -15.202 1.00 28.20  ? 89  SER A O   1 
ATOM   292  C CB  . SER A 1 48  ? -20.925 12.922  -18.062 1.00 30.74  ? 89  SER A CB  1 
ATOM   293  O OG  . SER A 1 48  ? -21.987 13.241  -18.932 1.00 35.21  ? 89  SER A OG  1 
ATOM   294  N N   . SER A 1 49  ? -19.553 10.359  -16.719 1.00 31.22  ? 90  SER A N   1 
ATOM   295  C CA  . SER A 1 49  ? -18.398 9.753   -16.019 1.00 31.31  ? 90  SER A CA  1 
ATOM   296  C C   . SER A 1 49  ? -17.134 10.624  -16.275 1.00 26.13  ? 90  SER A C   1 
ATOM   297  O O   . SER A 1 49  ? -16.976 11.252  -17.359 1.00 32.37  ? 90  SER A O   1 
ATOM   298  C CB  . SER A 1 49  ? -18.255 8.227   -16.360 1.00 34.90  ? 90  SER A CB  1 
ATOM   299  O OG  . SER A 1 49  ? -18.251 8.082   -17.743 1.00 41.56  ? 90  SER A OG  1 
ATOM   300  N N   . CYS A 1 50  ? -16.310 10.749  -15.242 1.00 29.61  ? 91  CYS A N   1 
ATOM   301  C CA  . CYS A 1 50  ? -15.045 11.489  -15.329 1.00 29.65  ? 91  CYS A CA  1 
ATOM   302  C C   . CYS A 1 50  ? -14.273 10.929  -16.491 1.00 33.44  ? 91  CYS A C   1 
ATOM   303  O O   . CYS A 1 50  ? -14.093 9.750   -16.583 1.00 38.52  ? 91  CYS A O   1 
ATOM   304  C CB  . CYS A 1 50  ? -14.220 11.262  -14.049 1.00 29.23  ? 91  CYS A CB  1 
ATOM   305  S SG  . CYS A 1 50  ? -14.874 12.078  -12.603 1.00 32.51  ? 91  CYS A SG  1 
ATOM   306  N N   . PRO A 1 51  ? -13.776 11.772  -17.372 1.00 35.68  ? 92  PRO A N   1 
ATOM   307  C CA  . PRO A 1 51  ? -13.022 11.301  -18.507 1.00 33.15  ? 92  PRO A CA  1 
ATOM   308  C C   . PRO A 1 51  ? -11.653 10.621  -18.090 1.00 34.54  ? 92  PRO A C   1 
ATOM   309  O O   . PRO A 1 51  ? -11.137 10.837  -17.001 1.00 29.28  ? 92  PRO A O   1 
ATOM   310  C CB  . PRO A 1 51  ? -12.660 12.583  -19.208 1.00 33.95  ? 92  PRO A CB  1 
ATOM   311  C CG  . PRO A 1 51  ? -13.581 13.612  -18.642 1.00 38.26  ? 92  PRO A CG  1 
ATOM   312  C CD  . PRO A 1 51  ? -13.735 13.229  -17.234 1.00 34.84  ? 92  PRO A CD  1 
ATOM   313  N N   . VAL A 1 52  ? -11.070 9.843   -18.972 1.00 37.39  ? 93  VAL A N   1 
ATOM   314  C CA  . VAL A 1 52  ? -9.806  9.142   -18.629 1.00 36.95  ? 93  VAL A CA  1 
ATOM   315  C C   . VAL A 1 52  ? -8.826  10.170  -18.108 1.00 36.90  ? 93  VAL A C   1 
ATOM   316  O O   . VAL A 1 52  ? -8.662  11.147  -18.745 1.00 39.97  ? 93  VAL A O   1 
ATOM   317  C CB  . VAL A 1 52  ? -9.272  8.524   -19.905 1.00 40.68  ? 93  VAL A CB  1 
ATOM   318  C CG1 . VAL A 1 52  ? -7.774  8.237   -19.771 1.00 48.15  ? 93  VAL A CG1 1 
ATOM   319  C CG2 . VAL A 1 52  ? -10.068 7.247   -20.188 1.00 40.04  ? 93  VAL A CG2 1 
ATOM   320  N N   . GLY A 1 53  ? -8.237  10.032  -16.923 1.00 32.73  ? 94  GLY A N   1 
ATOM   321  C CA  . GLY A 1 53  ? -7.170  10.982  -16.549 1.00 29.99  ? 94  GLY A CA  1 
ATOM   322  C C   . GLY A 1 53  ? -7.618  11.916  -15.450 1.00 29.82  ? 94  GLY A C   1 
ATOM   323  O O   . GLY A 1 53  ? -6.814  12.678  -14.913 1.00 39.04  ? 94  GLY A O   1 
ATOM   324  N N   . THR A 1 54  ? -8.918  11.851  -15.089 1.00 30.79  ? 95  THR A N   1 
ATOM   325  C CA  . THR A 1 54  ? -9.550  12.712  -14.032 1.00 28.94  ? 95  THR A CA  1 
ATOM   326  C C   . THR A 1 54  ? -10.345 11.917  -12.990 1.00 26.90  ? 95  THR A C   1 
ATOM   327  O O   . THR A 1 54  ? -10.708 10.762  -13.218 1.00 30.56  ? 95  THR A O   1 
ATOM   328  C CB  . THR A 1 54  ? -10.512 13.746  -14.745 1.00 30.98  ? 95  THR A CB  1 
ATOM   329  O OG1 . THR A 1 54  ? -11.643 13.045  -15.302 1.00 30.54  ? 95  THR A OG1 1 
ATOM   330  C CG2 . THR A 1 54  ? -9.804  14.368  -15.930 1.00 25.50  ? 95  THR A CG2 1 
ATOM   331  N N   . PHE A 1 55  ? -10.590 12.484  -11.820 1.00 26.26  ? 96  PHE A N   1 
ATOM   332  C CA  . PHE A 1 55  ? -11.340 11.810  -10.813 1.00 27.40  ? 96  PHE A CA  1 
ATOM   333  C C   . PHE A 1 55  ? -12.237 12.773  -10.000 1.00 32.86  ? 96  PHE A C   1 
ATOM   334  O O   . PHE A 1 55  ? -11.978 13.996  -9.944  1.00 33.38  ? 96  PHE A O   1 
ATOM   335  C CB  . PHE A 1 55  ? -10.324 11.156  -9.849  1.00 30.82  ? 96  PHE A CB  1 
ATOM   336  C CG  . PHE A 1 55  ? -9.556  12.138  -9.002  1.00 29.86  ? 96  PHE A CG  1 
ATOM   337  C CD1 . PHE A 1 55  ? -8.451  12.780  -9.517  1.00 31.07  ? 96  PHE A CD1 1 
ATOM   338  C CD2 . PHE A 1 55  ? -9.922  12.363  -7.700  1.00 32.30  ? 96  PHE A CD2 1 
ATOM   339  C CE1 . PHE A 1 55  ? -7.749  13.676  -8.754  1.00 28.07  ? 96  PHE A CE1 1 
ATOM   340  C CE2 . PHE A 1 55  ? -9.226  13.242  -6.918  1.00 34.10  ? 96  PHE A CE2 1 
ATOM   341  C CZ  . PHE A 1 55  ? -8.148  13.911  -7.472  1.00 33.33  ? 96  PHE A CZ  1 
ATOM   342  N N   . THR A 1 56  ? -13.214 12.228  -9.290  1.00 26.21  ? 97  THR A N   1 
ATOM   343  C CA  . THR A 1 56  ? -13.785 12.951  -8.172  1.00 28.19  ? 97  THR A CA  1 
ATOM   344  C C   . THR A 1 56  ? -13.979 11.963  -7.102  1.00 29.41  ? 97  THR A C   1 
ATOM   345  O O   . THR A 1 56  ? -14.416 10.853  -7.376  1.00 30.70  ? 97  THR A O   1 
ATOM   346  C CB  . THR A 1 56  ? -15.185 13.593  -8.543  1.00 29.86  ? 97  THR A CB  1 
ATOM   347  O OG1 . THR A 1 56  ? -16.120 12.568  -8.999  1.00 31.77  ? 97  THR A OG1 1 
ATOM   348  C CG2 . THR A 1 56  ? -15.026 14.598  -9.671  1.00 25.71  ? 97  THR A CG2 1 
ATOM   349  N N   . ARG A 1 57  ? -13.693 12.325  -5.876  1.00 32.61  ? 98  ARG A N   1 
ATOM   350  C CA  . ARG A 1 57  ? -13.669 11.326  -4.844  1.00 36.55  ? 98  ARG A CA  1 
ATOM   351  C C   . ARG A 1 57  ? -14.969 11.267  -4.129  1.00 39.32  ? 98  ARG A C   1 
ATOM   352  O O   . ARG A 1 57  ? -15.174 10.346  -3.369  1.00 31.97  ? 98  ARG A O   1 
ATOM   353  C CB  . ARG A 1 57  ? -12.613 11.651  -3.790  1.00 41.29  ? 98  ARG A CB  1 
ATOM   354  C CG  . ARG A 1 57  ? -11.157 11.627  -4.227  1.00 44.69  ? 98  ARG A CG  1 
ATOM   355  C CD  . ARG A 1 57  ? -10.272 11.634  -2.979  1.00 53.00  ? 98  ARG A CD  1 
ATOM   356  N NE  . ARG A 1 57  ? -8.932  12.148  -3.263  1.00 63.33  ? 98  ARG A NE  1 
ATOM   357  C CZ  . ARG A 1 57  ? -7.916  11.481  -3.848  1.00 65.36  ? 98  ARG A CZ  1 
ATOM   358  N NH1 . ARG A 1 57  ? -8.027  10.197  -4.309  1.00 44.15  ? 98  ARG A NH1 1 
ATOM   359  N NH2 . ARG A 1 57  ? -6.764  12.145  -4.006  1.00 58.34  ? 98  ARG A NH2 1 
ATOM   360  N N   . HIS A 1 58  ? -15.847 12.259  -4.323  1.00 35.42  ? 99  HIS A N   1 
ATOM   361  C CA  . HIS A 1 58  ? -17.070 12.409  -3.498  1.00 33.01  ? 99  HIS A CA  1 
ATOM   362  C C   . HIS A 1 58  ? -18.202 12.852  -4.349  1.00 29.91  ? 99  HIS A C   1 
ATOM   363  O O   . HIS A 1 58  ? -18.011 13.290  -5.467  1.00 30.19  ? 99  HIS A O   1 
ATOM   364  C CB  . HIS A 1 58  ? -16.865 13.463  -2.461  1.00 37.00  ? 99  HIS A CB  1 
ATOM   365  C CG  . HIS A 1 58  ? -15.818 13.113  -1.466  1.00 49.89  ? 99  HIS A CG  1 
ATOM   366  N ND1 . HIS A 1 58  ? -14.634 13.753  -1.403  1.00 48.32  ? 99  HIS A ND1 1 
ATOM   367  C CD2 . HIS A 1 58  ? -15.796 12.135  -0.485  1.00 52.61  ? 99  HIS A CD2 1 
ATOM   368  C CE1 . HIS A 1 58  ? -13.895 13.218  -0.427  1.00 53.20  ? 99  HIS A CE1 1 
ATOM   369  N NE2 . HIS A 1 58  ? -14.600 12.229  0.134   1.00 57.47  ? 99  HIS A NE2 1 
ATOM   370  N N   . GLU A 1 59  ? -19.408 12.642  -3.868  1.00 29.26  ? 100 GLU A N   1 
ATOM   371  C CA  . GLU A 1 59  ? -20.564 13.081  -4.594  1.00 36.50  ? 100 GLU A CA  1 
ATOM   372  C C   . GLU A 1 59  ? -20.401 14.633  -4.641  1.00 38.05  ? 100 GLU A C   1 
ATOM   373  O O   . GLU A 1 59  ? -19.939 15.241  -3.692  1.00 36.42  ? 100 GLU A O   1 
ATOM   374  C CB  . GLU A 1 59  ? -21.826 12.542  -3.920  1.00 37.27  ? 100 GLU A CB  1 
ATOM   375  C CG  . GLU A 1 59  ? -22.217 13.316  -2.722  1.00 42.93  ? 100 GLU A CG  1 
ATOM   376  C CD  . GLU A 1 59  ? -23.538 12.825  -2.132  1.00 45.38  ? 100 GLU A CD  1 
ATOM   377  O OE1 . GLU A 1 59  ? -24.014 11.740  -2.443  1.00 44.86  ? 100 GLU A OE1 1 
ATOM   378  O OE2 . GLU A 1 59  ? -24.063 13.526  -1.285  1.00 51.68  ? 100 GLU A OE2 1 
ATOM   379  N N   . ASN A 1 60  ? -20.664 15.229  -5.792  1.00 31.64  ? 101 ASN A N   1 
ATOM   380  C CA  . ASN A 1 60  ? -20.274 16.622  -6.038  1.00 35.83  ? 101 ASN A CA  1 
ATOM   381  C C   . ASN A 1 60  ? -21.330 17.348  -6.908  1.00 30.22  ? 101 ASN A C   1 
ATOM   382  O O   . ASN A 1 60  ? -22.142 16.696  -7.574  1.00 28.19  ? 101 ASN A O   1 
ATOM   383  C CB  . ASN A 1 60  ? -18.968 16.575  -6.826  1.00 27.10  ? 101 ASN A CB  1 
ATOM   384  C CG  . ASN A 1 60  ? -19.152 15.889  -8.154  1.00 31.32  ? 101 ASN A CG  1 
ATOM   385  O OD1 . ASN A 1 60  ? -19.586 16.514  -9.107  1.00 34.81  ? 101 ASN A OD1 1 
ATOM   386  N ND2 . ASN A 1 60  ? -18.873 14.561  -8.229  1.00 32.57  ? 101 ASN A ND2 1 
ATOM   387  N N   . GLY A 1 61  ? -21.276 18.679  -6.953  1.00 31.17  ? 102 GLY A N   1 
ATOM   388  C CA  . GLY A 1 61  ? -21.996 19.410  -7.996  1.00 28.91  ? 102 GLY A CA  1 
ATOM   389  C C   . GLY A 1 61  ? -21.075 20.074  -9.010  1.00 34.59  ? 102 GLY A C   1 
ATOM   390  O O   . GLY A 1 61  ? -21.391 21.130  -9.535  1.00 35.73  ? 102 GLY A O   1 
ATOM   391  N N   . ILE A 1 62  ? -19.934 19.472  -9.327  1.00 31.10  ? 103 ILE A N   1 
ATOM   392  C CA  . ILE A 1 62  ? -18.947 20.225  -10.077 1.00 34.80  ? 103 ILE A CA  1 
ATOM   393  C C   . ILE A 1 62  ? -19.055 19.865  -11.565 1.00 29.54  ? 103 ILE A C   1 
ATOM   394  O O   . ILE A 1 62  ? -19.515 18.769  -11.937 1.00 28.15  ? 103 ILE A O   1 
ATOM   395  C CB  . ILE A 1 62  ? -17.559 19.960  -9.442  1.00 40.43  ? 103 ILE A CB  1 
ATOM   396  C CG1 . ILE A 1 62  ? -16.570 21.133  -9.625  1.00 51.97  ? 103 ILE A CG1 1 
ATOM   397  C CG2 . ILE A 1 62  ? -17.021 18.600  -9.939  1.00 41.14  ? 103 ILE A CG2 1 
ATOM   398  C CD1 . ILE A 1 62  ? -17.120 22.479  -10.139 1.00 63.08  ? 103 ILE A CD1 1 
ATOM   399  N N   . GLU A 1 63  ? -18.601 20.781  -12.402 1.00 23.61  ? 104 GLU A N   1 
ATOM   400  C CA  . GLU A 1 63  ? -18.733 20.759  -13.840 1.00 28.32  ? 104 GLU A CA  1 
ATOM   401  C C   . GLU A 1 63  ? -17.564 20.131  -14.547 1.00 24.95  ? 104 GLU A C   1 
ATOM   402  O O   . GLU A 1 63  ? -17.574 20.010  -15.769 1.00 25.09  ? 104 GLU A O   1 
ATOM   403  C CB  . GLU A 1 63  ? -18.772 22.214  -14.363 1.00 32.04  ? 104 GLU A CB  1 
ATOM   404  C CG  . GLU A 1 63  ? -20.177 22.819  -14.299 1.00 43.51  ? 104 GLU A CG  1 
ATOM   405  C CD  . GLU A 1 63  ? -20.218 23.873  -13.248 1.00 50.90  ? 104 GLU A CD  1 
ATOM   406  O OE1 . GLU A 1 63  ? -19.242 23.948  -12.448 1.00 56.63  ? 104 GLU A OE1 1 
ATOM   407  O OE2 . GLU A 1 63  ? -21.205 24.624  -13.229 1.00 39.61  ? 104 GLU A OE2 1 
ATOM   408  N N   . LYS A 1 64  ? -16.514 19.802  -13.807 1.00 26.80  ? 105 LYS A N   1 
ATOM   409  C CA  . LYS A 1 64  ? -15.376 19.064  -14.427 1.00 33.62  ? 105 LYS A CA  1 
ATOM   410  C C   . LYS A 1 64  ? -14.683 18.238  -13.326 1.00 31.23  ? 105 LYS A C   1 
ATOM   411  O O   . LYS A 1 64  ? -14.714 18.600  -12.164 1.00 35.10  ? 105 LYS A O   1 
ATOM   412  C CB  . LYS A 1 64  ? -14.357 20.018  -15.087 1.00 38.34  ? 105 LYS A CB  1 
ATOM   413  C CG  . LYS A 1 64  ? -13.057 20.196  -14.308 1.00 57.81  ? 105 LYS A CG  1 
ATOM   414  C CD  . LYS A 1 64  ? -12.686 21.635  -13.975 1.00 69.29  ? 105 LYS A CD  1 
ATOM   415  C CE  . LYS A 1 64  ? -13.055 21.962  -12.526 1.00 79.14  ? 105 LYS A CE  1 
ATOM   416  N NZ  . LYS A 1 64  ? -13.468 23.401  -12.349 1.00 88.94  ? 105 LYS A NZ  1 
ATOM   417  N N   . CYS A 1 65  ? -14.107 17.098  -13.694 1.00 31.99  ? 106 CYS A N   1 
ATOM   418  C CA  . CYS A 1 65  ? -13.445 16.245  -12.699 1.00 32.89  ? 106 CYS A CA  1 
ATOM   419  C C   . CYS A 1 65  ? -12.024 16.784  -12.467 1.00 39.12  ? 106 CYS A C   1 
ATOM   420  O O   . CYS A 1 65  ? -11.508 17.516  -13.327 1.00 37.25  ? 106 CYS A O   1 
ATOM   421  C CB  . CYS A 1 65  ? -13.389 14.821  -13.265 1.00 33.06  ? 106 CYS A CB  1 
ATOM   422  S SG  . CYS A 1 65  ? -15.023 14.051  -13.368 1.00 38.50  ? 106 CYS A SG  1 
ATOM   423  N N   . HIS A 1 66  ? -11.399 16.466  -11.335 1.00 36.61  ? 107 HIS A N   1 
ATOM   424  C CA  . HIS A 1 66  ? -9.991  16.850  -11.157 1.00 38.10  ? 107 HIS A CA  1 
ATOM   425  C C   . HIS A 1 66  ? -8.972  16.061  -11.951 1.00 42.93  ? 107 HIS A C   1 
ATOM   426  O O   . HIS A 1 66  ? -9.066  14.829  -12.032 1.00 39.82  ? 107 HIS A O   1 
ATOM   427  C CB  . HIS A 1 66  ? -9.677  16.650  -9.734  1.00 34.05  ? 107 HIS A CB  1 
ATOM   428  C CG  . HIS A 1 66  ? -10.704 17.198  -8.839  1.00 38.10  ? 107 HIS A CG  1 
ATOM   429  N ND1 . HIS A 1 66  ? -10.857 18.525  -8.647  1.00 39.47  ? 107 HIS A ND1 1 
ATOM   430  C CD2 . HIS A 1 66  ? -11.577 16.573  -7.960  1.00 42.99  ? 107 HIS A CD2 1 
ATOM   431  C CE1 . HIS A 1 66  ? -11.812 18.728  -7.706  1.00 35.68  ? 107 HIS A CE1 1 
ATOM   432  N NE2 . HIS A 1 66  ? -12.243 17.534  -7.290  1.00 39.09  ? 107 HIS A NE2 1 
ATOM   433  N N   . ASP A 1 67  ? -7.971  16.740  -12.526 1.00 37.85  ? 108 ASP A N   1 
ATOM   434  C CA  . ASP A 1 67  ? -6.875  16.055  -13.201 1.00 39.52  ? 108 ASP A CA  1 
ATOM   435  C C   . ASP A 1 67  ? -6.126  15.144  -12.214 1.00 35.18  ? 108 ASP A C   1 
ATOM   436  O O   . ASP A 1 67  ? -5.931  15.487  -11.037 1.00 31.05  ? 108 ASP A O   1 
ATOM   437  C CB  . ASP A 1 67  ? -5.881  17.043  -13.809 1.00 44.41  ? 108 ASP A CB  1 
ATOM   438  C CG  . ASP A 1 67  ? -6.362  17.618  -15.123 1.00 49.38  ? 108 ASP A CG  1 
ATOM   439  O OD1 . ASP A 1 67  ? -7.410  17.183  -15.657 1.00 49.26  ? 108 ASP A OD1 1 
ATOM   440  O OD2 . ASP A 1 67  ? -5.644  18.475  -15.668 1.00 56.12  ? 108 ASP A OD2 1 
ATOM   441  N N   . CYS A 1 68  ? -5.742  13.956  -12.682 1.00 36.86  ? 109 CYS A N   1 
ATOM   442  C CA  . CYS A 1 68  ? -4.906  13.101  -11.797 1.00 35.70  ? 109 CYS A CA  1 
ATOM   443  C C   . CYS A 1 68  ? -3.498  13.688  -11.722 1.00 38.54  ? 109 CYS A C   1 
ATOM   444  O O   . CYS A 1 68  ? -3.091  14.359  -12.675 1.00 36.79  ? 109 CYS A O   1 
ATOM   445  C CB  . CYS A 1 68  ? -4.806  11.756  -12.465 1.00 36.84  ? 109 CYS A CB  1 
ATOM   446  S SG  . CYS A 1 68  ? -6.204  10.712  -11.961 1.00 36.91  ? 109 CYS A SG  1 
ATOM   447  N N   . SER A 1 69  ? -2.745  13.405  -10.651 1.00 38.94  ? 110 SER A N   1 
ATOM   448  C CA  . SER A 1 69  ? -1.316  13.780  -10.659 1.00 38.54  ? 110 SER A CA  1 
ATOM   449  C C   . SER A 1 69  ? -0.538  13.129  -11.757 1.00 36.02  ? 110 SER A C   1 
ATOM   450  O O   . SER A 1 69  ? -1.029  12.226  -12.394 1.00 36.43  ? 110 SER A O   1 
ATOM   451  C CB  . SER A 1 69  ? -0.651  13.515  -9.324  1.00 36.24  ? 110 SER A CB  1 
ATOM   452  O OG  . SER A 1 69  ? -1.603  13.648  -8.282  1.00 42.14  ? 110 SER A OG  1 
ATOM   453  N N   . GLN A 1 70  ? 0.689   13.613  -11.973 1.00 37.93  ? 111 GLN A N   1 
ATOM   454  C CA  . GLN A 1 70  ? 1.654   13.083  -12.942 1.00 41.24  ? 111 GLN A CA  1 
ATOM   455  C C   . GLN A 1 70  ? 2.013   11.633  -12.623 1.00 32.32  ? 111 GLN A C   1 
ATOM   456  O O   . GLN A 1 70  ? 1.901   11.237  -11.472 1.00 31.54  ? 111 GLN A O   1 
ATOM   457  C CB  . GLN A 1 70  ? 2.977   13.898  -12.879 1.00 50.58  ? 111 GLN A CB  1 
ATOM   458  C CG  . GLN A 1 70  ? 2.921   15.308  -13.441 1.00 59.18  ? 111 GLN A CG  1 
ATOM   459  C CD  . GLN A 1 70  ? 2.481   15.349  -14.911 1.00 66.79  ? 111 GLN A CD  1 
ATOM   460  O OE1 . GLN A 1 70  ? 3.179   14.874  -15.809 1.00 79.24  ? 111 GLN A OE1 1 
ATOM   461  N NE2 . GLN A 1 70  ? 1.322   15.926  -15.151 1.00 64.49  ? 111 GLN A NE2 1 
ATOM   462  N N   . PRO A 1 71  ? 2.438   10.866  -13.653 1.00 33.78  ? 112 PRO A N   1 
ATOM   463  C CA  . PRO A 1 71  ? 2.910   9.460   -13.618 1.00 37.24  ? 112 PRO A CA  1 
ATOM   464  C C   . PRO A 1 71  ? 3.923   9.312   -12.492 1.00 38.46  ? 112 PRO A C   1 
ATOM   465  O O   . PRO A 1 71  ? 4.602   10.286  -12.142 1.00 35.05  ? 112 PRO A O   1 
ATOM   466  C CB  . PRO A 1 71  ? 3.567   9.284   -14.985 1.00 37.09  ? 112 PRO A CB  1 
ATOM   467  C CG  . PRO A 1 71  ? 2.805   10.220  -15.883 1.00 35.83  ? 112 PRO A CG  1 
ATOM   468  C CD  . PRO A 1 71  ? 2.509   11.417  -15.021 1.00 34.27  ? 112 PRO A CD  1 
ATOM   469  N N   . CYS A 1 72  ? 3.949   8.159   -11.840 1.00 33.73  ? 113 CYS A N   1 
ATOM   470  C CA  . CYS A 1 72  ? 4.898   7.985   -10.748 1.00 33.63  ? 113 CYS A CA  1 
ATOM   471  C C   . CYS A 1 72  ? 6.371   8.060   -11.315 1.00 31.92  ? 113 CYS A C   1 
ATOM   472  O O   . CYS A 1 72  ? 6.660   7.455   -12.319 1.00 34.71  ? 113 CYS A O   1 
ATOM   473  C CB  . CYS A 1 72  ? 4.631   6.632   -10.064 1.00 34.31  ? 113 CYS A CB  1 
ATOM   474  S SG  . CYS A 1 72  ? 2.963   6.558   -9.363  1.00 39.71  ? 113 CYS A SG  1 
ATOM   475  N N   . PRO A 1 73  ? 7.291   8.748   -10.615 1.00 34.60  ? 114 PRO A N   1 
ATOM   476  C CA  . PRO A 1 73  ? 8.716   8.728   -11.034 1.00 37.32  ? 114 PRO A CA  1 
ATOM   477  C C   . PRO A 1 73  ? 9.372   7.366   -10.712 1.00 38.17  ? 114 PRO A C   1 
ATOM   478  O O   . PRO A 1 73  ? 9.356   6.906   -9.556  1.00 35.82  ? 114 PRO A O   1 
ATOM   479  C CB  . PRO A 1 73  ? 9.325   9.845   -10.202 1.00 33.62  ? 114 PRO A CB  1 
ATOM   480  C CG  . PRO A 1 73  ? 8.466   9.957   -8.988  1.00 37.66  ? 114 PRO A CG  1 
ATOM   481  C CD  . PRO A 1 73  ? 7.090   9.479   -9.337  1.00 36.30  ? 114 PRO A CD  1 
ATOM   482  N N   . TRP A 1 74  ? 9.834   6.682   -11.745 1.00 42.56  ? 115 TRP A N   1 
ATOM   483  C CA  . TRP A 1 74  ? 10.655  5.449   -11.600 1.00 48.43  ? 115 TRP A CA  1 
ATOM   484  C C   . TRP A 1 74  ? 11.727  5.649   -10.509 1.00 42.51  ? 115 TRP A C   1 
ATOM   485  O O   . TRP A 1 74  ? 12.280  6.744   -10.381 1.00 42.72  ? 115 TRP A O   1 
ATOM   486  C CB  . TRP A 1 74  ? 11.261  5.022   -12.959 1.00 50.54  ? 115 TRP A CB  1 
ATOM   487  C CG  . TRP A 1 74  ? 12.138  3.781   -12.845 1.00 59.13  ? 115 TRP A CG  1 
ATOM   488  C CD1 . TRP A 1 74  ? 11.821  2.464   -13.202 1.00 57.38  ? 115 TRP A CD1 1 
ATOM   489  C CD2 . TRP A 1 74  ? 13.513  3.704   -12.274 1.00 56.76  ? 115 TRP A CD2 1 
ATOM   490  N NE1 . TRP A 1 74  ? 12.871  1.620   -12.924 1.00 58.37  ? 115 TRP A NE1 1 
ATOM   491  C CE2 . TRP A 1 74  ? 13.909  2.296   -12.355 1.00 58.85  ? 115 TRP A CE2 1 
ATOM   492  C CE3 . TRP A 1 74  ? 14.410  4.635   -11.711 1.00 56.11  ? 115 TRP A CE3 1 
ATOM   493  C CZ2 . TRP A 1 74  ? 15.151  1.854   -11.878 1.00 61.86  ? 115 TRP A CZ2 1 
ATOM   494  C CZ3 . TRP A 1 74  ? 15.655  4.178   -11.241 1.00 61.05  ? 115 TRP A CZ3 1 
ATOM   495  C CH2 . TRP A 1 74  ? 16.010  2.821   -11.311 1.00 57.44  ? 115 TRP A CH2 1 
ATOM   496  N N   . PRO A 1 75  ? 11.977  4.633   -9.653  1.00 38.87  ? 116 PRO A N   1 
ATOM   497  C CA  . PRO A 1 75  ? 11.386  3.304   -9.682  1.00 38.91  ? 116 PRO A CA  1 
ATOM   498  C C   . PRO A 1 75  ? 10.032  3.173   -8.955  1.00 36.14  ? 116 PRO A C   1 
ATOM   499  O O   . PRO A 1 75  ? 9.549   2.047   -8.792  1.00 35.93  ? 116 PRO A O   1 
ATOM   500  C CB  . PRO A 1 75  ? 12.444  2.466   -8.970  1.00 41.51  ? 116 PRO A CB  1 
ATOM   501  C CG  . PRO A 1 75  ? 13.015  3.439   -7.939  1.00 38.75  ? 116 PRO A CG  1 
ATOM   502  C CD  . PRO A 1 75  ? 12.839  4.823   -8.460  1.00 39.89  ? 116 PRO A CD  1 
ATOM   503  N N   . MET A 1 76  ? 9.438   4.281   -8.499  1.00 36.50  ? 117 MET A N   1 
ATOM   504  C CA  . MET A 1 76  ? 8.103   4.184   -7.848  1.00 34.75  ? 117 MET A CA  1 
ATOM   505  C C   . MET A 1 76  ? 7.083   3.623   -8.780  1.00 30.06  ? 117 MET A C   1 
ATOM   506  O O   . MET A 1 76  ? 7.192   3.750   -9.959  1.00 32.63  ? 117 MET A O   1 
ATOM   507  C CB  . MET A 1 76  ? 7.671   5.487   -7.286  1.00 35.01  ? 117 MET A CB  1 
ATOM   508  C CG  . MET A 1 76  ? 8.506   5.719   -6.071  1.00 40.23  ? 117 MET A CG  1 
ATOM   509  S SD  . MET A 1 76  ? 7.981   7.278   -5.530  1.00 51.77  ? 117 MET A SD  1 
ATOM   510  C CE  . MET A 1 76  ? 6.919   6.881   -4.132  1.00 49.40  ? 117 MET A CE  1 
ATOM   511  N N   . ILE A 1 77  ? 6.142   2.893   -8.240  1.00 31.03  ? 118 ILE A N   1 
ATOM   512  C CA  . ILE A 1 77  ? 5.074   2.405   -9.056  1.00 32.10  ? 118 ILE A CA  1 
ATOM   513  C C   . ILE A 1 77  ? 3.716   2.784   -8.461  1.00 28.99  ? 118 ILE A C   1 
ATOM   514  O O   . ILE A 1 77  ? 3.658   3.302   -7.347  1.00 30.26  ? 118 ILE A O   1 
ATOM   515  C CB  . ILE A 1 77  ? 5.117   0.865   -9.124  1.00 33.50  ? 118 ILE A CB  1 
ATOM   516  C CG1 . ILE A 1 77  ? 4.956   0.284   -7.711  1.00 33.88  ? 118 ILE A CG1 1 
ATOM   517  C CG2 . ILE A 1 77  ? 6.325   0.420   -9.953  1.00 35.84  ? 118 ILE A CG2 1 
ATOM   518  C CD1 . ILE A 1 77  ? 4.763   -1.226  -7.734  1.00 38.44  ? 118 ILE A CD1 1 
ATOM   519  N N   . GLU A 1 78  ? 2.626   2.467   -9.167  1.00 27.25  ? 119 GLU A N   1 
ATOM   520  C CA  . GLU A 1 78  ? 1.296   2.794   -8.603  1.00 28.24  ? 119 GLU A CA  1 
ATOM   521  C C   . GLU A 1 78  ? 0.782   1.777   -7.608  1.00 26.53  ? 119 GLU A C   1 
ATOM   522  O O   . GLU A 1 78  ? 0.810   0.600   -7.939  1.00 30.06  ? 119 GLU A O   1 
ATOM   523  C CB  . GLU A 1 78  ? 0.283   2.992   -9.759  1.00 27.47  ? 119 GLU A CB  1 
ATOM   524  C CG  . GLU A 1 78  ? 0.511   4.286   -10.569 1.00 29.47  ? 119 GLU A CG  1 
ATOM   525  C CD  . GLU A 1 78  ? -0.451  4.431   -11.787 1.00 34.49  ? 119 GLU A CD  1 
ATOM   526  O OE1 . GLU A 1 78  ? -1.472  3.692   -11.935 1.00 27.31  ? 119 GLU A OE1 1 
ATOM   527  O OE2 . GLU A 1 78  ? -0.163  5.262   -12.659 1.00 35.37  ? 119 GLU A OE2 1 
ATOM   528  N N   . LYS A 1 79  ? 0.317   2.188   -6.419  1.00 22.56  ? 120 LYS A N   1 
ATOM   529  C CA  . LYS A 1 79  ? -0.487  1.289   -5.634  1.00 26.76  ? 120 LYS A CA  1 
ATOM   530  C C   . LYS A 1 79  ? -1.993  1.558   -5.777  1.00 27.72  ? 120 LYS A C   1 
ATOM   531  O O   . LYS A 1 79  ? -2.789  0.766   -5.330  1.00 26.05  ? 120 LYS A O   1 
ATOM   532  C CB  . LYS A 1 79  ? -0.087  1.370   -4.192  1.00 28.90  ? 120 LYS A CB  1 
ATOM   533  C CG  . LYS A 1 79  ? -0.499  2.651   -3.528  1.00 37.59  ? 120 LYS A CG  1 
ATOM   534  C CD  . LYS A 1 79  ? 0.234   2.885   -2.221  1.00 41.86  ? 120 LYS A CD  1 
ATOM   535  C CE  . LYS A 1 79  ? -0.244  2.052   -1.040  1.00 50.32  ? 120 LYS A CE  1 
ATOM   536  N NZ  . LYS A 1 79  ? -0.159  2.907   0.198   1.00 61.44  ? 120 LYS A NZ  1 
ATOM   537  N N   . LEU A 1 80  ? -2.365  2.706   -6.370  1.00 30.30  ? 121 LEU A N   1 
ATOM   538  C CA  . LEU A 1 80  ? -3.756  3.007   -6.800  1.00 27.00  ? 121 LEU A CA  1 
ATOM   539  C C   . LEU A 1 80  ? -3.653  3.661   -8.152  1.00 24.04  ? 121 LEU A C   1 
ATOM   540  O O   . LEU A 1 80  ? -2.753  4.467   -8.385  1.00 28.56  ? 121 LEU A O   1 
ATOM   541  C CB  . LEU A 1 80  ? -4.500  3.879   -5.808  1.00 27.79  ? 121 LEU A CB  1 
ATOM   542  C CG  . LEU A 1 80  ? -5.132  3.408   -4.527  1.00 33.29  ? 121 LEU A CG  1 
ATOM   543  C CD1 . LEU A 1 80  ? -5.797  4.604   -3.783  1.00 30.17  ? 121 LEU A CD1 1 
ATOM   544  C CD2 . LEU A 1 80  ? -6.139  2.266   -4.740  1.00 31.04  ? 121 LEU A CD2 1 
ATOM   545  N N   . PRO A 1 81  ? -4.504  3.263   -9.092  1.00 21.61  ? 122 PRO A N   1 
ATOM   546  C CA  . PRO A 1 81  ? -4.442  3.824   -10.403 1.00 24.71  ? 122 PRO A CA  1 
ATOM   547  C C   . PRO A 1 81  ? -5.060  5.255   -10.486 1.00 28.37  ? 122 PRO A C   1 
ATOM   548  O O   . PRO A 1 81  ? -5.679  5.702   -9.549  1.00 24.80  ? 122 PRO A O   1 
ATOM   549  C CB  . PRO A 1 81  ? -5.331  2.911   -11.199 1.00 23.26  ? 122 PRO A CB  1 
ATOM   550  C CG  . PRO A 1 81  ? -6.406  2.581   -10.214 1.00 22.61  ? 122 PRO A CG  1 
ATOM   551  C CD  . PRO A 1 81  ? -5.680  2.382   -8.915  1.00 21.40  ? 122 PRO A CD  1 
ATOM   552  N N   . CYS A 1 82  ? -4.869  5.937   -11.604 1.00 30.13  ? 123 CYS A N   1 
ATOM   553  C CA  . CYS A 1 82  ? -5.726  7.129   -11.899 1.00 31.55  ? 123 CYS A CA  1 
ATOM   554  C C   . CYS A 1 82  ? -7.027  6.566   -12.415 1.00 25.67  ? 123 CYS A C   1 
ATOM   555  O O   . CYS A 1 82  ? -7.047  5.977   -13.486 1.00 30.18  ? 123 CYS A O   1 
ATOM   556  C CB  . CYS A 1 82  ? -5.125  8.013   -12.987 1.00 36.37  ? 123 CYS A CB  1 
ATOM   557  S SG  . CYS A 1 82  ? -6.191  9.432   -13.494 1.00 42.01  ? 123 CYS A SG  1 
ATOM   558  N N   . ALA A 1 83  ? -8.090  6.660   -11.635 1.00 23.28  ? 124 ALA A N   1 
ATOM   559  C CA  . ALA A 1 83  ? -9.377  6.125   -12.110 1.00 24.89  ? 124 ALA A CA  1 
ATOM   560  C C   . ALA A 1 83  ? -10.484 7.112   -11.712 1.00 28.14  ? 124 ALA A C   1 
ATOM   561  O O   . ALA A 1 83  ? -10.238 8.134   -10.989 1.00 25.69  ? 124 ALA A O   1 
ATOM   562  C CB  . ALA A 1 83  ? -9.661  4.721   -11.524 1.00 21.13  ? 124 ALA A CB  1 
ATOM   563  N N   . ALA A 1 84  ? -11.724 6.751   -12.038 1.00 27.19  ? 125 ALA A N   1 
ATOM   564  C CA  . ALA A 1 84  ? -12.797 7.745   -11.895 1.00 28.40  ? 125 ALA A CA  1 
ATOM   565  C C   . ALA A 1 84  ? -12.953 8.251   -10.463 1.00 28.35  ? 125 ALA A C   1 
ATOM   566  O O   . ALA A 1 84  ? -13.206 9.411   -10.261 1.00 29.36  ? 125 ALA A O   1 
ATOM   567  C CB  . ALA A 1 84  ? -14.100 7.254   -12.522 1.00 30.01  ? 125 ALA A CB  1 
ATOM   568  N N   . LEU A 1 85  ? -12.716 7.412   -9.470  1.00 28.69  ? 126 LEU A N   1 
ATOM   569  C CA  . LEU A 1 85  ? -12.933 7.699   -8.057  1.00 28.24  ? 126 LEU A CA  1 
ATOM   570  C C   . LEU A 1 85  ? -11.604 8.069   -7.309  1.00 29.96  ? 126 LEU A C   1 
ATOM   571  O O   . LEU A 1 85  ? -11.623 8.456   -6.117  1.00 31.39  ? 126 LEU A O   1 
ATOM   572  C CB  . LEU A 1 85  ? -13.516 6.421   -7.429  1.00 38.08  ? 126 LEU A CB  1 
ATOM   573  C CG  . LEU A 1 85  ? -13.706 6.360   -5.889  1.00 52.64  ? 126 LEU A CG  1 
ATOM   574  C CD1 . LEU A 1 85  ? -14.999 7.140   -5.667  1.00 51.91  ? 126 LEU A CD1 1 
ATOM   575  C CD2 . LEU A 1 85  ? -13.759 4.985   -5.134  1.00 46.47  ? 126 LEU A CD2 1 
ATOM   576  N N   . THR A 1 86  ? -10.460 8.011   -7.988  1.00 31.60  ? 127 THR A N   1 
ATOM   577  C CA  . THR A 1 86  ? -9.141  8.079   -7.240  1.00 30.98  ? 127 THR A CA  1 
ATOM   578  C C   . THR A 1 86  ? -8.070  8.664   -8.126  1.00 27.03  ? 127 THR A C   1 
ATOM   579  O O   . THR A 1 86  ? -7.953  8.331   -9.331  1.00 26.31  ? 127 THR A O   1 
ATOM   580  C CB  . THR A 1 86  ? -8.615  6.692   -6.777  1.00 33.46  ? 127 THR A CB  1 
ATOM   581  O OG1 . THR A 1 86  ? -8.455  5.829   -7.922  1.00 31.27  ? 127 THR A OG1 1 
ATOM   582  C CG2 . THR A 1 86  ? -9.601  5.968   -5.884  1.00 34.25  ? 127 THR A CG2 1 
ATOM   583  N N   . ASP A 1 87  ? -7.298  9.570   -7.523  1.00 30.90  ? 128 ASP A N   1 
ATOM   584  C CA  . ASP A 1 87  ? -6.012  9.973   -8.079  1.00 34.35  ? 128 ASP A CA  1 
ATOM   585  C C   . ASP A 1 87  ? -5.024  8.781   -7.977  1.00 28.95  ? 128 ASP A C   1 
ATOM   586  O O   . ASP A 1 87  ? -5.104  8.008   -7.011  1.00 26.38  ? 128 ASP A O   1 
ATOM   587  C CB  . ASP A 1 87  ? -5.448  11.091  -7.211  1.00 36.34  ? 128 ASP A CB  1 
ATOM   588  C CG  . ASP A 1 87  ? -4.348  11.871  -7.904  1.00 32.65  ? 128 ASP A CG  1 
ATOM   589  O OD1 . ASP A 1 87  ? -3.960  11.614  -9.082  1.00 31.54  ? 128 ASP A OD1 1 
ATOM   590  O OD2 . ASP A 1 87  ? -3.911  12.784  -7.206  1.00 41.43  ? 128 ASP A OD2 1 
ATOM   591  N N   . ARG A 1 88  ? -4.089  8.681   -8.899  1.00 28.64  ? 129 ARG A N   1 
ATOM   592  C CA  . ARG A 1 88  ? -2.982  7.708   -8.763  1.00 32.03  ? 129 ARG A CA  1 
ATOM   593  C C   . ARG A 1 88  ? -2.257  7.918   -7.480  1.00 32.03  ? 129 ARG A C   1 
ATOM   594  O O   . ARG A 1 88  ? -2.156  9.022   -7.001  1.00 34.87  ? 129 ARG A O   1 
ATOM   595  C CB  . ARG A 1 88  ? -1.997  7.683   -9.967  1.00 31.36  ? 129 ARG A CB  1 
ATOM   596  C CG  . ARG A 1 88  ? -0.693  8.468   -9.817  1.00 37.92  ? 129 ARG A CG  1 
ATOM   597  C CD  . ARG A 1 88  ? -0.523  9.347   -11.026 1.00 38.77  ? 129 ARG A CD  1 
ATOM   598  N NE  . ARG A 1 88  ? -0.756  8.439   -12.061 1.00 41.52  ? 129 ARG A NE  1 
ATOM   599  C CZ  . ARG A 1 88  ? -1.223  8.678   -13.259 1.00 38.75  ? 129 ARG A CZ  1 
ATOM   600  N NH1 . ARG A 1 88  ? -1.550  9.872   -13.759 1.00 37.25  ? 129 ARG A NH1 1 
ATOM   601  N NH2 . ARG A 1 88  ? -1.349  7.620   -13.980 1.00 32.68  ? 129 ARG A NH2 1 
ATOM   602  N N   . GLU A 1 89  ? -1.827  6.836   -6.863  1.00 32.35  ? 130 GLU A N   1 
ATOM   603  C CA  . GLU A 1 89  ? -0.998  6.923   -5.658  1.00 29.71  ? 130 GLU A CA  1 
ATOM   604  C C   . GLU A 1 89  ? 0.274   6.069   -5.877  1.00 32.57  ? 130 GLU A C   1 
ATOM   605  O O   . GLU A 1 89  ? 0.171   4.922   -6.314  1.00 30.53  ? 130 GLU A O   1 
ATOM   606  C CB  . GLU A 1 89  ? -1.772  6.416   -4.509  1.00 32.39  ? 130 GLU A CB  1 
ATOM   607  C CG  . GLU A 1 89  ? -0.932  6.365   -3.292  1.00 41.77  ? 130 GLU A CG  1 
ATOM   608  C CD  . GLU A 1 89  ? -1.668  5.791   -2.078  1.00 56.12  ? 130 GLU A CD  1 
ATOM   609  O OE1 . GLU A 1 89  ? -2.935  5.759   -2.083  1.00 55.67  ? 130 GLU A OE1 1 
ATOM   610  O OE2 . GLU A 1 89  ? -0.955  5.370   -1.108  1.00 65.20  ? 130 GLU A OE2 1 
ATOM   611  N N   . CYS A 1 90  ? 1.438   6.641   -5.577  1.00 29.35  ? 131 CYS A N   1 
ATOM   612  C CA  . CYS A 1 90  ? 2.750   6.142   -6.018  1.00 30.29  ? 131 CYS A CA  1 
ATOM   613  C C   . CYS A 1 90  ? 3.397   5.541   -4.823  1.00 32.45  ? 131 CYS A C   1 
ATOM   614  O O   . CYS A 1 90  ? 3.192   6.025   -3.728  1.00 29.23  ? 131 CYS A O   1 
ATOM   615  C CB  . CYS A 1 90  ? 3.671   7.269   -6.446  1.00 31.85  ? 131 CYS A CB  1 
ATOM   616  S SG  . CYS A 1 90  ? 3.027   7.959   -7.959  1.00 37.98  ? 131 CYS A SG  1 
ATOM   617  N N   . THR A 1 91  ? 4.187   4.499   -5.015  1.00 27.72  ? 132 THR A N   1 
ATOM   618  C CA  . THR A 1 91  ? 4.875   3.882   -3.875  1.00 28.69  ? 132 THR A CA  1 
ATOM   619  C C   . THR A 1 91  ? 6.203   3.224   -4.369  1.00 25.20  ? 132 THR A C   1 
ATOM   620  O O   . THR A 1 91  ? 6.346   2.871   -5.520  1.00 28.99  ? 132 THR A O   1 
ATOM   621  C CB  . THR A 1 91  ? 3.998   2.789   -3.209  1.00 30.44  ? 132 THR A CB  1 
ATOM   622  O OG1 . THR A 1 91  ? 4.702   2.250   -2.102  1.00 33.53  ? 132 THR A OG1 1 
ATOM   623  C CG2 . THR A 1 91  ? 3.764   1.658   -4.186  1.00 28.48  ? 132 THR A CG2 1 
ATOM   624  N N   . CYS A 1 92  ? 7.181   3.123   -3.480  1.00 29.34  ? 133 CYS A N   1 
ATOM   625  C CA  . CYS A 1 92  ? 8.375   2.286   -3.740  1.00 32.14  ? 133 CYS A CA  1 
ATOM   626  C C   . CYS A 1 92  ? 7.851   0.859   -3.896  1.00 27.67  ? 133 CYS A C   1 
ATOM   627  O O   . CYS A 1 92  ? 6.920   0.421   -3.195  1.00 29.72  ? 133 CYS A O   1 
ATOM   628  C CB  . CYS A 1 92  ? 9.310   2.376   -2.537  1.00 33.72  ? 133 CYS A CB  1 
ATOM   629  S SG  . CYS A 1 92  ? 10.164  3.961   -2.524  1.00 37.35  ? 133 CYS A SG  1 
ATOM   630  N N   . PRO A 1 93  ? 8.382   0.149   -4.851  1.00 27.14  ? 134 PRO A N   1 
ATOM   631  C CA  . PRO A 1 93  ? 7.872   -1.201  -5.081  1.00 29.17  ? 134 PRO A CA  1 
ATOM   632  C C   . PRO A 1 93  ? 8.277   -2.214  -3.961  1.00 29.70  ? 134 PRO A C   1 
ATOM   633  O O   . PRO A 1 93  ? 9.057   -1.875  -3.063  1.00 26.94  ? 134 PRO A O   1 
ATOM   634  C CB  . PRO A 1 93  ? 8.492   -1.569  -6.388  1.00 26.78  ? 134 PRO A CB  1 
ATOM   635  C CG  . PRO A 1 93  ? 9.734   -0.742  -6.501  1.00 31.41  ? 134 PRO A CG  1 
ATOM   636  C CD  . PRO A 1 93  ? 9.527   0.509   -5.709  1.00 29.22  ? 134 PRO A CD  1 
ATOM   637  N N   . PRO A 1 94  ? 7.689   -3.412  -3.955  1.00 27.49  ? 135 PRO A N   1 
ATOM   638  C CA  . PRO A 1 94  ? 7.993   -4.397  -2.898  1.00 27.52  ? 135 PRO A CA  1 
ATOM   639  C C   . PRO A 1 94  ? 9.535   -4.672  -2.804  1.00 24.41  ? 135 PRO A C   1 
ATOM   640  O O   . PRO A 1 94  ? 10.255  -4.581  -3.792  1.00 25.09  ? 135 PRO A O   1 
ATOM   641  C CB  . PRO A 1 94  ? 7.171   -5.622  -3.348  1.00 32.15  ? 135 PRO A CB  1 
ATOM   642  C CG  . PRO A 1 94  ? 5.985   -4.981  -4.141  1.00 31.32  ? 135 PRO A CG  1 
ATOM   643  C CD  . PRO A 1 94  ? 6.774   -3.977  -4.969  1.00 30.60  ? 135 PRO A CD  1 
ATOM   644  N N   . GLY A 1 95  ? 10.048  -4.759  -1.605  1.00 27.82  ? 136 GLY A N   1 
ATOM   645  C CA  . GLY A 1 95  ? 11.489  -4.989  -1.419  1.00 26.26  ? 136 GLY A CA  1 
ATOM   646  C C   . GLY A 1 95  ? 12.203  -3.673  -1.326  1.00 29.38  ? 136 GLY A C   1 
ATOM   647  O O   . GLY A 1 95  ? 13.403  -3.683  -1.052  1.00 24.13  ? 136 GLY A O   1 
ATOM   648  N N   . MET A 1 96  ? 11.513  -2.527  -1.567  1.00 25.06  ? 137 MET A N   1 
ATOM   649  C CA  . MET A 1 96  ? 12.205  -1.199  -1.372  1.00 22.09  ? 137 MET A CA  1 
ATOM   650  C C   . MET A 1 96  ? 11.461  -0.288  -0.402  1.00 24.54  ? 137 MET A C   1 
ATOM   651  O O   . MET A 1 96  ? 10.275  -0.498  -0.175  1.00 21.28  ? 137 MET A O   1 
ATOM   652  C CB  . MET A 1 96  ? 12.385  -0.475  -2.705  1.00 24.84  ? 137 MET A CB  1 
ATOM   653  C CG  . MET A 1 96  ? 12.890  -1.381  -3.809  1.00 26.19  ? 137 MET A CG  1 
ATOM   654  S SD  . MET A 1 96  ? 13.370  -0.502  -5.282  1.00 31.82  ? 137 MET A SD  1 
ATOM   655  C CE  . MET A 1 96  ? 14.873  0.413   -4.963  1.00 26.06  ? 137 MET A CE  1 
ATOM   656  N N   . PHE A 1 97  ? 12.112  0.764   0.088   1.00 22.59  ? 138 PHE A N   1 
ATOM   657  C CA  . PHE A 1 97  ? 11.432  1.657   1.054   1.00 28.00  ? 138 PHE A CA  1 
ATOM   658  C C   . PHE A 1 97  ? 11.878  3.056   0.674   1.00 31.61  ? 138 PHE A C   1 
ATOM   659  O O   . PHE A 1 97  ? 12.943  3.220   -0.008  1.00 31.35  ? 138 PHE A O   1 
ATOM   660  C CB  . PHE A 1 97  ? 11.804  1.325   2.502   1.00 24.43  ? 138 PHE A CB  1 
ATOM   661  C CG  . PHE A 1 97  ? 13.196  1.779   2.876   1.00 28.37  ? 138 PHE A CG  1 
ATOM   662  C CD1 . PHE A 1 97  ? 13.412  2.955   3.578   1.00 27.06  ? 138 PHE A CD1 1 
ATOM   663  C CD2 . PHE A 1 97  ? 14.302  0.992   2.562   1.00 27.30  ? 138 PHE A CD2 1 
ATOM   664  C CE1 . PHE A 1 97  ? 14.705  3.311   3.990   1.00 28.54  ? 138 PHE A CE1 1 
ATOM   665  C CE2 . PHE A 1 97  ? 15.579  1.363   2.946   1.00 26.96  ? 138 PHE A CE2 1 
ATOM   666  C CZ  . PHE A 1 97  ? 15.807  2.528   3.622   1.00 28.25  ? 138 PHE A CZ  1 
ATOM   667  N N   . GLN A 1 98  ? 11.044  4.046   1.018   1.00 28.92  ? 139 GLN A N   1 
ATOM   668  C CA  . GLN A 1 98  ? 11.266  5.402   0.522   1.00 34.48  ? 139 GLN A CA  1 
ATOM   669  C C   . GLN A 1 98  ? 12.313  6.031   1.395   1.00 32.11  ? 139 GLN A C   1 
ATOM   670  O O   . GLN A 1 98  ? 12.205  5.953   2.639   1.00 34.05  ? 139 GLN A O   1 
ATOM   671  C CB  . GLN A 1 98  ? 9.975   6.250   0.606   1.00 40.12  ? 139 GLN A CB  1 
ATOM   672  C CG  . GLN A 1 98  ? 10.129  7.585   -0.144  1.00 47.73  ? 139 GLN A CG  1 
ATOM   673  C CD  . GLN A 1 98  ? 8.801   8.147   -0.694  1.00 63.98  ? 139 GLN A CD  1 
ATOM   674  O OE1 . GLN A 1 98  ? 7.781   7.427   -0.839  1.00 59.43  ? 139 GLN A OE1 1 
ATOM   675  N NE2 . GLN A 1 98  ? 8.807   9.446   -1.003  1.00 62.92  ? 139 GLN A NE2 1 
ATOM   676  N N   . SER A 1 99  ? 13.361  6.568   0.780   1.00 33.43  ? 140 SER A N   1 
ATOM   677  C CA  . SER A 1 99  ? 14.353  7.354   1.569   1.00 50.61  ? 140 SER A CA  1 
ATOM   678  C C   . SER A 1 99  ? 14.708  8.541   0.732   1.00 61.87  ? 140 SER A C   1 
ATOM   679  O O   . SER A 1 99  ? 15.308  8.381   -0.377  1.00 52.35  ? 140 SER A O   1 
ATOM   680  C CB  . SER A 1 99  ? 15.660  6.648   1.926   1.00 46.96  ? 140 SER A CB  1 
ATOM   681  O OG  . SER A 1 99  ? 15.669  5.326   1.487   1.00 58.82  ? 140 SER A OG  1 
ATOM   682  N N   . ASN A 1 100 ? 14.305  9.693   1.305   1.00 70.56  ? 141 ASN A N   1 
ATOM   683  C CA  . ASN A 1 100 ? 14.469  11.046  0.796   1.00 73.32  ? 141 ASN A CA  1 
ATOM   684  C C   . ASN A 1 100 ? 13.884  11.111  -0.607  1.00 76.68  ? 141 ASN A C   1 
ATOM   685  O O   . ASN A 1 100 ? 12.658  11.104  -0.791  1.00 78.96  ? 141 ASN A O   1 
ATOM   686  C CB  . ASN A 1 100 ? 15.938  11.472  0.800   1.00 20.00  ? 141 ASN A CB  1 
ATOM   687  C CG  . ASN A 1 100 ? 16.461  11.745  2.197   1.00 20.00  ? 141 ASN A CG  1 
ATOM   688  O OD1 . ASN A 1 100 ? 15.693  12.033  3.115   1.00 20.00  ? 141 ASN A OD1 1 
ATOM   689  N ND2 . ASN A 1 100 ? 17.776  11.655  2.364   1.00 20.00  ? 141 ASN A ND2 1 
ATOM   690  N N   . ALA A 1 101 ? 14.771  11.126  -1.593  1.00 83.00  ? 142 ALA A N   1 
ATOM   691  C CA  . ALA A 1 101 ? 14.389  11.208  -2.994  1.00 84.97  ? 142 ALA A CA  1 
ATOM   692  C C   . ALA A 1 101 ? 13.464  10.065  -3.348  1.00 78.04  ? 142 ALA A C   1 
ATOM   693  O O   . ALA A 1 101 ? 12.272  10.267  -3.569  1.00 73.58  ? 142 ALA A O   1 
ATOM   694  C CB  . ALA A 1 101 ? 15.620  11.202  -3.887  1.00 20.00  ? 142 ALA A CB  1 
ATOM   695  N N   . THR A 1 102 ? 14.047  8.864   -3.321  1.00 65.03  ? 143 THR A N   1 
ATOM   696  C CA  . THR A 1 102 ? 13.557  7.710   -4.051  1.00 58.64  ? 143 THR A CA  1 
ATOM   697  C C   . THR A 1 102 ? 13.474  6.536   -3.090  1.00 50.66  ? 143 THR A C   1 
ATOM   698  O O   . THR A 1 102 ? 13.163  6.680   -1.893  1.00 52.10  ? 143 THR A O   1 
ATOM   699  C CB  . THR A 1 102 ? 14.585  7.308   -5.112  1.00 62.12  ? 143 THR A CB  1 
ATOM   700  O OG1 . THR A 1 102 ? 15.855  7.812   -4.662  1.00 53.46  ? 143 THR A OG1 1 
ATOM   701  C CG2 . THR A 1 102 ? 14.217  7.821   -6.539  1.00 63.51  ? 143 THR A CG2 1 
ATOM   702  N N   . CYS A 1 103 ? 13.811  5.378   -3.643  1.00 38.57  ? 144 CYS A N   1 
ATOM   703  C CA  . CYS A 1 103 ? 13.514  4.093   -3.053  1.00 36.43  ? 144 CYS A CA  1 
ATOM   704  C C   . CYS A 1 103 ? 14.906  3.414   -2.893  1.00 33.05  ? 144 CYS A C   1 
ATOM   705  O O   . CYS A 1 103 ? 15.742  3.583   -3.744  1.00 33.18  ? 144 CYS A O   1 
ATOM   706  C CB  . CYS A 1 103 ? 12.676  3.386   -4.114  1.00 35.45  ? 144 CYS A CB  1 
ATOM   707  S SG  . CYS A 1 103 ? 11.042  4.216   -4.352  1.00 34.58  ? 144 CYS A SG  1 
ATOM   708  N N   . ALA A 1 104 ? 15.137  2.671   -1.833  1.00 28.67  ? 145 ALA A N   1 
ATOM   709  C CA  . ALA A 1 104 ? 16.404  1.941   -1.656  1.00 28.41  ? 145 ALA A CA  1 
ATOM   710  C C   . ALA A 1 104 ? 16.010  0.509   -1.316  1.00 27.26  ? 145 ALA A C   1 
ATOM   711  O O   . ALA A 1 104 ? 14.934  0.321   -0.690  1.00 25.62  ? 145 ALA A O   1 
ATOM   712  C CB  . ALA A 1 104 ? 17.168  2.594   -0.533  1.00 27.38  ? 145 ALA A CB  1 
ATOM   713  N N   . PRO A 1 105 ? 16.825  -0.521  -1.723  1.00 26.28  ? 146 PRO A N   1 
ATOM   714  C CA  . PRO A 1 105 ? 16.424  -1.858  -1.324  1.00 23.48  ? 146 PRO A CA  1 
ATOM   715  C C   . PRO A 1 105 ? 16.419  -1.990  0.208   1.00 22.80  ? 146 PRO A C   1 
ATOM   716  O O   . PRO A 1 105 ? 17.192  -1.359  0.869   1.00 21.80  ? 146 PRO A O   1 
ATOM   717  C CB  . PRO A 1 105 ? 17.445  -2.790  -1.991  1.00 29.25  ? 146 PRO A CB  1 
ATOM   718  C CG  . PRO A 1 105 ? 18.078  -1.975  -3.123  1.00 32.01  ? 146 PRO A CG  1 
ATOM   719  C CD  . PRO A 1 105 ? 17.913  -0.500  -2.731  1.00 28.87  ? 146 PRO A CD  1 
ATOM   720  N N   . HIS A 1 106 ? 15.541  -2.786  0.768   1.00 17.73  ? 147 HIS A N   1 
ATOM   721  C CA  . HIS A 1 106 ? 15.530  -2.957  2.223   1.00 18.33  ? 147 HIS A CA  1 
ATOM   722  C C   . HIS A 1 106 ? 16.880  -3.594  2.617   1.00 20.38  ? 147 HIS A C   1 
ATOM   723  O O   . HIS A 1 106 ? 17.455  -4.307  1.787   1.00 18.76  ? 147 HIS A O   1 
ATOM   724  C CB  . HIS A 1 106 ? 14.501  -4.049  2.501   1.00 19.10  ? 147 HIS A CB  1 
ATOM   725  C CG  . HIS A 1 106 ? 13.051  -3.547  2.479   1.00 21.33  ? 147 HIS A CG  1 
ATOM   726  N ND1 . HIS A 1 106 ? 12.025  -4.319  2.116   1.00 22.25  ? 147 HIS A ND1 1 
ATOM   727  C CD2 . HIS A 1 106 ? 12.508  -2.311  2.851   1.00 22.55  ? 147 HIS A CD2 1 
ATOM   728  C CE1 . HIS A 1 106 ? 10.847  -3.638  2.247   1.00 22.62  ? 147 HIS A CE1 1 
ATOM   729  N NE2 . HIS A 1 106 ? 11.139  -2.410  2.714   1.00 22.66  ? 147 HIS A NE2 1 
ATOM   730  N N   . THR A 1 107 ? 17.294  -3.416  3.869   1.00 18.76  ? 148 THR A N   1 
ATOM   731  C CA  . THR A 1 107 ? 18.393  -4.127  4.466   1.00 19.59  ? 148 THR A CA  1 
ATOM   732  C C   . THR A 1 107 ? 18.201  -5.645  4.302   1.00 19.72  ? 148 THR A C   1 
ATOM   733  O O   . THR A 1 107 ? 17.109  -6.189  4.546   1.00 17.46  ? 148 THR A O   1 
ATOM   734  C CB  . THR A 1 107 ? 18.518  -3.754  5.986   1.00 20.11  ? 148 THR A CB  1 
ATOM   735  O OG1 . THR A 1 107 ? 18.898  -2.366  6.047   1.00 20.58  ? 148 THR A OG1 1 
ATOM   736  C CG2 . THR A 1 107 ? 19.676  -4.581  6.639   1.00 18.97  ? 148 THR A CG2 1 
ATOM   737  N N   . VAL A 1 108 ? 19.275  -6.332  3.902   1.00 17.55  ? 149 VAL A N   1 
ATOM   738  C CA  . VAL A 1 108 ? 19.315  -7.845  4.020   1.00 18.22  ? 149 VAL A CA  1 
ATOM   739  C C   . VAL A 1 108 ? 19.922  -8.229  5.367   1.00 18.92  ? 149 VAL A C   1 
ATOM   740  O O   . VAL A 1 108 ? 21.098  -7.874  5.609   1.00 18.79  ? 149 VAL A O   1 
ATOM   741  C CB  . VAL A 1 108 ? 20.191  -8.431  2.876   1.00 19.68  ? 149 VAL A CB  1 
ATOM   742  C CG1 . VAL A 1 108 ? 20.255  -9.966  3.013   1.00 19.89  ? 149 VAL A CG1 1 
ATOM   743  C CG2 . VAL A 1 108 ? 19.614  -7.939  1.514   1.00 18.60  ? 149 VAL A CG2 1 
ATOM   744  N N   . CYS A 1 109 ? 19.162  -8.905  6.275   1.00 16.30  ? 150 CYS A N   1 
ATOM   745  C CA  . CYS A 1 109 ? 19.750  -9.373  7.533   1.00 17.78  ? 150 CYS A CA  1 
ATOM   746  C C   . CYS A 1 109 ? 20.630  -10.587 7.188   1.00 17.58  ? 150 CYS A C   1 
ATOM   747  O O   . CYS A 1 109 ? 20.178  -11.469 6.465   1.00 19.40  ? 150 CYS A O   1 
ATOM   748  C CB  . CYS A 1 109 ? 18.693  -9.819  8.542   1.00 17.39  ? 150 CYS A CB  1 
ATOM   749  S SG  . CYS A 1 109 ? 17.382  -8.494  8.775   1.00 20.31  ? 150 CYS A SG  1 
ATOM   750  N N   . PRO A 1 110 ? 21.879  -10.610 7.699   1.00 15.85  ? 151 PRO A N   1 
ATOM   751  C CA  . PRO A 1 110 ? 22.861  -11.650 7.190   1.00 16.46  ? 151 PRO A CA  1 
ATOM   752  C C   . PRO A 1 110 ? 22.549  -12.920 7.962   1.00 18.01  ? 151 PRO A C   1 
ATOM   753  O O   . PRO A 1 110 ? 21.653  -12.906 8.875   1.00 18.04  ? 151 PRO A O   1 
ATOM   754  C CB  . PRO A 1 110 ? 24.261  -11.088 7.639   1.00 15.09  ? 151 PRO A CB  1 
ATOM   755  C CG  . PRO A 1 110 ? 23.900  -10.197 8.821   1.00 18.10  ? 151 PRO A CG  1 
ATOM   756  C CD  . PRO A 1 110 ? 22.552  -9.508  8.434   1.00 15.20  ? 151 PRO A CD  1 
ATOM   757  N N   . VAL A 1 111 ? 23.264  -13.986 7.651   1.00 17.52  ? 152 VAL A N   1 
ATOM   758  C CA  . VAL A 1 111 ? 23.208  -15.168 8.507   1.00 16.09  ? 152 VAL A CA  1 
ATOM   759  C C   . VAL A 1 111 ? 23.552  -14.793 9.958   1.00 15.42  ? 152 VAL A C   1 
ATOM   760  O O   . VAL A 1 111 ? 24.369  -13.872 10.224  1.00 16.33  ? 152 VAL A O   1 
ATOM   761  C CB  . VAL A 1 111 ? 24.123  -16.297 7.951   1.00 17.11  ? 152 VAL A CB  1 
ATOM   762  C CG1 . VAL A 1 111 ? 23.690  -16.628 6.496   1.00 15.09  ? 152 VAL A CG1 1 
ATOM   763  C CG2 . VAL A 1 111 ? 25.633  -15.947 7.951   1.00 15.73  ? 152 VAL A CG2 1 
ATOM   764  N N   . GLY A 1 112 ? 22.875  -15.456 10.895  1.00 16.14  ? 153 GLY A N   1 
ATOM   765  C CA  . GLY A 1 112 ? 23.025  -15.197 12.331  1.00 16.49  ? 153 GLY A CA  1 
ATOM   766  C C   . GLY A 1 112 ? 22.180  -14.028 12.821  1.00 19.16  ? 153 GLY A C   1 
ATOM   767  O O   . GLY A 1 112 ? 22.249  -13.689 14.022  1.00 19.90  ? 153 GLY A O   1 
ATOM   768  N N   . TRP A 1 113 ? 21.479  -13.341 11.880  1.00 19.24  ? 154 TRP A N   1 
ATOM   769  C CA  . TRP A 1 113 ? 20.504  -12.252 12.231  1.00 19.81  ? 154 TRP A CA  1 
ATOM   770  C C   . TRP A 1 113 ? 19.154  -12.529 11.621  1.00 20.89  ? 154 TRP A C   1 
ATOM   771  O O   . TRP A 1 113 ? 19.030  -13.339 10.707  1.00 19.68  ? 154 TRP A O   1 
ATOM   772  C CB  . TRP A 1 113 ? 20.970  -10.922 11.650  1.00 18.00  ? 154 TRP A CB  1 
ATOM   773  C CG  . TRP A 1 113 ? 22.239  -10.395 12.312  1.00 18.69  ? 154 TRP A CG  1 
ATOM   774  C CD1 . TRP A 1 113 ? 23.511  -10.998 12.357  1.00 17.61  ? 154 TRP A CD1 1 
ATOM   775  C CD2 . TRP A 1 113 ? 22.351  -9.142  13.047  1.00 18.00  ? 154 TRP A CD2 1 
ATOM   776  N NE1 . TRP A 1 113 ? 24.403  -10.176 13.061  1.00 19.86  ? 154 TRP A NE1 1 
ATOM   777  C CE2 . TRP A 1 113 ? 23.738  -9.027  13.485  1.00 18.63  ? 154 TRP A CE2 1 
ATOM   778  C CE3 . TRP A 1 113 ? 21.464  -8.119  13.341  1.00 18.68  ? 154 TRP A CE3 1 
ATOM   779  C CZ2 . TRP A 1 113 ? 24.182  -7.946  14.211  1.00 21.26  ? 154 TRP A CZ2 1 
ATOM   780  C CZ3 . TRP A 1 113 ? 21.904  -7.049  14.113  1.00 22.08  ? 154 TRP A CZ3 1 
ATOM   781  C CH2 . TRP A 1 113 ? 23.254  -6.952  14.523  1.00 22.39  ? 154 TRP A CH2 1 
ATOM   782  N N   . GLY A 1 114 ? 18.112  -11.844 12.109  1.00 20.43  ? 155 GLY A N   1 
ATOM   783  C CA  . GLY A 1 114 ? 16.811  -12.081 11.531  1.00 18.67  ? 155 GLY A CA  1 
ATOM   784  C C   . GLY A 1 114 ? 15.963  -10.810 11.587  1.00 20.33  ? 155 GLY A C   1 
ATOM   785  O O   . GLY A 1 114 ? 16.324  -9.802  12.255  1.00 21.75  ? 155 GLY A O   1 
ATOM   786  N N   . VAL A 1 115 ? 14.874  -10.832 10.852  1.00 19.87  ? 156 VAL A N   1 
ATOM   787  C CA  . VAL A 1 115 ? 14.010  -9.649  10.814  1.00 21.15  ? 156 VAL A CA  1 
ATOM   788  C C   . VAL A 1 115 ? 13.325  -9.494  12.223  1.00 22.36  ? 156 VAL A C   1 
ATOM   789  O O   . VAL A 1 115 ? 12.680  -10.425 12.688  1.00 22.05  ? 156 VAL A O   1 
ATOM   790  C CB  . VAL A 1 115 ? 12.939  -9.821  9.769   1.00 20.95  ? 156 VAL A CB  1 
ATOM   791  C CG1 . VAL A 1 115 ? 11.846  -8.685  9.879   1.00 21.21  ? 156 VAL A CG1 1 
ATOM   792  C CG2 . VAL A 1 115 ? 13.659  -9.772  8.392   1.00 22.06  ? 156 VAL A CG2 1 
ATOM   793  N N   . ARG A 1 116 ? 13.502  -8.338  12.824  1.00 27.12  ? 157 ARG A N   1 
ATOM   794  C CA  . ARG A 1 116 ? 12.805  -7.961  14.070  1.00 33.11  ? 157 ARG A CA  1 
ATOM   795  C C   . ARG A 1 116 ? 11.620  -7.132  13.619  1.00 33.58  ? 157 ARG A C   1 
ATOM   796  O O   . ARG A 1 116 ? 10.521  -7.320  14.068  1.00 36.53  ? 157 ARG A O   1 
ATOM   797  C CB  . ARG A 1 116 ? 13.697  -7.079  14.950  1.00 29.76  ? 157 ARG A CB  1 
ATOM   798  C CG  . ARG A 1 116 ? 12.993  -6.659  16.245  1.00 46.46  ? 157 ARG A CG  1 
ATOM   799  C CD  . ARG A 1 116 ? 13.658  -5.510  17.036  1.00 48.60  ? 157 ARG A CD  1 
ATOM   800  N NE  . ARG A 1 116 ? 13.711  -4.186  16.359  1.00 63.78  ? 157 ARG A NE  1 
ATOM   801  C CZ  . ARG A 1 116 ? 12.724  -3.265  16.275  1.00 68.45  ? 157 ARG A CZ  1 
ATOM   802  N NH1 . ARG A 1 116 ? 11.502  -3.469  16.790  1.00 61.00  ? 157 ARG A NH1 1 
ATOM   803  N NH2 . ARG A 1 116 ? 12.962  -2.112  15.643  1.00 64.63  ? 157 ARG A NH2 1 
ATOM   804  N N   . LYS A 1 117 ? 11.818  -6.183  12.739  1.00 27.28  ? 158 LYS A N   1 
ATOM   805  C CA  . LYS A 1 117 ? 10.607  -5.532  12.262  1.00 32.97  ? 158 LYS A CA  1 
ATOM   806  C C   . LYS A 1 117 ? 10.561  -5.481  10.724  1.00 26.68  ? 158 LYS A C   1 
ATOM   807  O O   . LYS A 1 117 ? 11.473  -5.045  10.101  1.00 22.33  ? 158 LYS A O   1 
ATOM   808  C CB  . LYS A 1 117 ? 10.532  -4.132  12.866  1.00 31.98  ? 158 LYS A CB  1 
ATOM   809  C CG  . LYS A 1 117 ? 9.410   -3.280  12.284  1.00 46.52  ? 158 LYS A CG  1 
ATOM   810  C CD  . LYS A 1 117 ? 9.189   -1.945  13.032  1.00 58.56  ? 158 LYS A CD  1 
ATOM   811  C CE  . LYS A 1 117 ? 8.941   -2.110  14.549  1.00 66.15  ? 158 LYS A CE  1 
ATOM   812  N NZ  . LYS A 1 117 ? 8.149   -3.308  15.003  1.00 65.18  ? 158 LYS A NZ  1 
ATOM   813  N N   . LYS A 1 118 ? 9.449   -5.822  10.147  1.00 25.46  ? 159 LYS A N   1 
ATOM   814  C CA  . LYS A 1 118 ? 9.336   -6.046  8.753   1.00 28.58  ? 159 LYS A CA  1 
ATOM   815  C C   . LYS A 1 118 ? 9.502   -4.768  7.975   1.00 31.51  ? 159 LYS A C   1 
ATOM   816  O O   . LYS A 1 118 ? 8.999   -3.739  8.394   1.00 27.59  ? 159 LYS A O   1 
ATOM   817  C CB  . LYS A 1 118 ? 7.925   -6.534  8.554   1.00 33.07  ? 159 LYS A CB  1 
ATOM   818  C CG  . LYS A 1 118 ? 7.641   -7.091  7.209   1.00 40.18  ? 159 LYS A CG  1 
ATOM   819  C CD  . LYS A 1 118 ? 6.124   -7.386  7.109   1.00 50.16  ? 159 LYS A CD  1 
ATOM   820  C CE  . LYS A 1 118 ? 5.645   -7.367  5.651   1.00 49.56  ? 159 LYS A CE  1 
ATOM   821  N NZ  . LYS A 1 118 ? 4.356   -8.110  5.466   1.00 62.10  ? 159 LYS A NZ  1 
ATOM   822  N N   . GLY A 1 119 ? 10.159  -4.814  6.817   1.00 26.34  ? 160 GLY A N   1 
ATOM   823  C CA  . GLY A 1 119 ? 10.375  -3.552  6.088   1.00 28.51  ? 160 GLY A CA  1 
ATOM   824  C C   . GLY A 1 119 ? 9.012   -3.174  5.490   1.00 29.72  ? 160 GLY A C   1 
ATOM   825  O O   . GLY A 1 119 ? 8.215   -4.054  5.283   1.00 27.69  ? 160 GLY A O   1 
ATOM   826  N N   . THR A 1 120 ? 8.774   -1.903  5.182   1.00 26.43  ? 161 THR A N   1 
ATOM   827  C CA  . THR A 1 120 ? 7.521   -1.456  4.516   1.00 29.53  ? 161 THR A CA  1 
ATOM   828  C C   . THR A 1 120 ? 7.890   -0.595  3.334   1.00 29.92  ? 161 THR A C   1 
ATOM   829  O O   . THR A 1 120 ? 9.065   -0.411  3.063   1.00 26.74  ? 161 THR A O   1 
ATOM   830  C CB  . THR A 1 120 ? 6.662   -0.578  5.489   1.00 26.56  ? 161 THR A CB  1 
ATOM   831  O OG1 . THR A 1 120 ? 7.369   0.634   5.743   1.00 30.41  ? 161 THR A OG1 1 
ATOM   832  C CG2 . THR A 1 120 ? 6.489   -1.270  6.801   1.00 28.40  ? 161 THR A CG2 1 
ATOM   833  N N   . GLU A 1 121 ? 6.906   0.012   2.659   1.00 30.44  ? 162 GLU A N   1 
ATOM   834  C CA  . GLU A 1 121 ? 7.191   0.999   1.595   1.00 29.84  ? 162 GLU A CA  1 
ATOM   835  C C   . GLU A 1 121 ? 7.807   2.285   2.153   1.00 25.11  ? 162 GLU A C   1 
ATOM   836  O O   . GLU A 1 121 ? 8.379   3.082   1.382   1.00 25.59  ? 162 GLU A O   1 
ATOM   837  C CB  . GLU A 1 121 ? 5.873   1.312   0.860   1.00 41.72  ? 162 GLU A CB  1 
ATOM   838  C CG  . GLU A 1 121 ? 5.082   0.029   0.671   1.00 49.42  ? 162 GLU A CG  1 
ATOM   839  C CD  . GLU A 1 121 ? 3.597   0.243   0.306   1.00 58.72  ? 162 GLU A CD  1 
ATOM   840  O OE1 . GLU A 1 121 ? 2.871   0.901   1.077   1.00 61.59  ? 162 GLU A OE1 1 
ATOM   841  O OE2 . GLU A 1 121 ? 3.146   -0.271  -0.752  1.00 46.61  ? 162 GLU A OE2 1 
ATOM   842  N N   . THR A 1 122 ? 7.736   2.520   3.464   1.00 23.86  ? 163 THR A N   1 
ATOM   843  C CA  . THR A 1 122 ? 8.304   3.788   3.998   1.00 28.42  ? 163 THR A CA  1 
ATOM   844  C C   . THR A 1 122 ? 9.418   3.597   5.015   1.00 31.70  ? 163 THR A C   1 
ATOM   845  O O   . THR A 1 122 ? 10.145  4.569   5.323   1.00 32.92  ? 163 THR A O   1 
ATOM   846  C CB  . THR A 1 122 ? 7.201   4.679   4.674   1.00 30.34  ? 163 THR A CB  1 
ATOM   847  O OG1 . THR A 1 122 ? 6.436   3.877   5.575   1.00 34.31  ? 163 THR A OG1 1 
ATOM   848  C CG2 . THR A 1 122 ? 6.236   5.189   3.643   1.00 34.84  ? 163 THR A CG2 1 
ATOM   849  N N   . GLU A 1 123 ? 9.537   2.382   5.584   1.00 27.18  ? 164 GLU A N   1 
ATOM   850  C CA  . GLU A 1 123 ? 10.615  2.143   6.583   1.00 27.71  ? 164 GLU A CA  1 
ATOM   851  C C   . GLU A 1 123 ? 11.381  0.891   6.220   1.00 24.88  ? 164 GLU A C   1 
ATOM   852  O O   . GLU A 1 123 ? 10.783  -0.135  5.830   1.00 22.54  ? 164 GLU A O   1 
ATOM   853  C CB  . GLU A 1 123 ? 10.095  1.790   7.995   1.00 29.44  ? 164 GLU A CB  1 
ATOM   854  C CG  . GLU A 1 123 ? 8.703   2.225   8.386   1.00 53.21  ? 164 GLU A CG  1 
ATOM   855  C CD  . GLU A 1 123 ? 8.717   3.643   8.814   1.00 59.15  ? 164 GLU A CD  1 
ATOM   856  O OE1 . GLU A 1 123 ? 9.777   4.058   9.341   1.00 74.14  ? 164 GLU A OE1 1 
ATOM   857  O OE2 . GLU A 1 123 ? 7.692   4.334   8.602   1.00 77.85  ? 164 GLU A OE2 1 
ATOM   858  N N   . ASP A 1 124 ? 12.655  0.915   6.525   1.00 27.41  ? 165 ASP A N   1 
ATOM   859  C CA  . ASP A 1 124 ? 13.540  -0.182  6.214   1.00 23.45  ? 165 ASP A CA  1 
ATOM   860  C C   . ASP A 1 124 ? 13.259  -1.317  7.187   1.00 27.31  ? 165 ASP A C   1 
ATOM   861  O O   . ASP A 1 124 ? 12.704  -1.119  8.295   1.00 23.98  ? 165 ASP A O   1 
ATOM   862  C CB  . ASP A 1 124 ? 14.965  0.312   6.364   1.00 25.04  ? 165 ASP A CB  1 
ATOM   863  C CG  . ASP A 1 124 ? 15.999  -0.689  5.743   1.00 27.60  ? 165 ASP A CG  1 
ATOM   864  O OD1 . ASP A 1 124 ? 15.627  -1.658  5.058   1.00 21.13  ? 165 ASP A OD1 1 
ATOM   865  O OD2 . ASP A 1 124 ? 17.171  -0.482  5.965   1.00 23.08  ? 165 ASP A OD2 1 
ATOM   866  N N   . VAL A 1 125 ? 13.633  -2.535  6.790   1.00 22.18  ? 166 VAL A N   1 
ATOM   867  C CA  . VAL A 1 125 ? 13.701  -3.647  7.689   1.00 23.55  ? 166 VAL A CA  1 
ATOM   868  C C   . VAL A 1 125 ? 14.526  -3.365  8.891   1.00 24.12  ? 166 VAL A C   1 
ATOM   869  O O   . VAL A 1 125 ? 15.498  -2.694  8.750   1.00 21.87  ? 166 VAL A O   1 
ATOM   870  C CB  . VAL A 1 125 ? 14.434  -4.835  6.970   1.00 26.82  ? 166 VAL A CB  1 
ATOM   871  C CG1 . VAL A 1 125 ? 14.499  -6.017  7.906   1.00 30.62  ? 166 VAL A CG1 1 
ATOM   872  C CG2 . VAL A 1 125 ? 13.593  -5.227  5.746   1.00 26.01  ? 166 VAL A CG2 1 
ATOM   873  N N   . ARG A 1 126 ? 14.200  -3.929  10.053  1.00 22.43  ? 167 ARG A N   1 
ATOM   874  C CA  . ARG A 1 126 ? 15.115  -3.806  11.196  1.00 25.22  ? 167 ARG A CA  1 
ATOM   875  C C   . ARG A 1 126 ? 15.523  -5.223  11.581  1.00 22.50  ? 167 ARG A C   1 
ATOM   876  O O   . ARG A 1 126 ? 14.618  -6.034  11.799  1.00 21.98  ? 167 ARG A O   1 
ATOM   877  C CB  . ARG A 1 126 ? 14.291  -3.200  12.385  1.00 34.10  ? 167 ARG A CB  1 
ATOM   878  C CG  . ARG A 1 126 ? 13.824  -1.791  12.033  1.00 41.87  ? 167 ARG A CG  1 
ATOM   879  C CD  . ARG A 1 126 ? 15.177  -1.143  11.803  1.00 64.02  ? 167 ARG A CD  1 
ATOM   880  N NE  . ARG A 1 126 ? 15.322  0.125   11.085  1.00 77.21  ? 167 ARG A NE  1 
ATOM   881  C CZ  . ARG A 1 126 ? 16.342  0.393   10.253  1.00 73.08  ? 167 ARG A CZ  1 
ATOM   882  N NH1 . ARG A 1 126 ? 17.276  -0.547  9.950   1.00 59.40  ? 167 ARG A NH1 1 
ATOM   883  N NH2 . ARG A 1 126 ? 16.394  1.591   9.686   1.00 75.71  ? 167 ARG A NH2 1 
ATOM   884  N N   . CYS A 1 127 ? 16.848  -5.525  11.585  1.00 17.82  ? 168 CYS A N   1 
ATOM   885  C CA  . CYS A 1 127 ? 17.435  -6.841  11.807  1.00 21.04  ? 168 CYS A CA  1 
ATOM   886  C C   . CYS A 1 127 ? 17.795  -6.956  13.283  1.00 24.31  ? 168 CYS A C   1 
ATOM   887  O O   . CYS A 1 127 ? 18.189  -5.968  13.851  1.00 26.16  ? 168 CYS A O   1 
ATOM   888  C CB  . CYS A 1 127 ? 18.789  -6.948  11.018  1.00 19.08  ? 168 CYS A CB  1 
ATOM   889  S SG  . CYS A 1 127 ? 18.460  -6.821  9.270   1.00 22.30  ? 168 CYS A SG  1 
ATOM   890  N N   . LYS A 1 128 ? 17.725  -8.124  13.898  1.00 22.54  ? 169 LYS A N   1 
ATOM   891  C CA  . LYS A 1 128 ? 18.361  -8.270  15.187  1.00 24.64  ? 169 LYS A CA  1 
ATOM   892  C C   . LYS A 1 128 ? 19.195  -9.535  15.145  1.00 21.02  ? 169 LYS A C   1 
ATOM   893  O O   . LYS A 1 128 ? 18.780  -10.530 14.455  1.00 21.30  ? 169 LYS A O   1 
ATOM   894  C CB  . LYS A 1 128 ? 17.324  -8.416  16.314  1.00 29.73  ? 169 LYS A CB  1 
ATOM   895  C CG  . LYS A 1 128 ? 16.415  -9.666  16.204  1.00 45.81  ? 169 LYS A CG  1 
ATOM   896  C CD  . LYS A 1 128 ? 15.555  -10.024 17.458  1.00 58.23  ? 169 LYS A CD  1 
ATOM   897  C CE  . LYS A 1 128 ? 16.285  -10.760 18.613  1.00 69.99  ? 169 LYS A CE  1 
ATOM   898  N NZ  . LYS A 1 128 ? 15.507  -11.012 19.896  1.00 64.18  ? 169 LYS A NZ  1 
ATOM   899  N N   . GLN A 1 129 ? 20.291  -9.609  15.922  1.00 22.43  ? 170 GLN A N   1 
ATOM   900  C CA  . GLN A 1 129 ? 20.989  -10.921 16.067  1.00 22.67  ? 170 GLN A CA  1 
ATOM   901  C C   . GLN A 1 129 ? 20.077  -11.999 16.570  1.00 26.66  ? 170 GLN A C   1 
ATOM   902  O O   . GLN A 1 129 ? 19.332  -11.736 17.457  1.00 26.73  ? 170 GLN A O   1 
ATOM   903  C CB  . GLN A 1 129 ? 22.174  -10.900 17.021  1.00 26.34  ? 170 GLN A CB  1 
ATOM   904  C CG  . GLN A 1 129 ? 23.165  -9.840  16.661  1.00 31.52  ? 170 GLN A CG  1 
ATOM   905  C CD  . GLN A 1 129 ? 24.090  -9.516  17.833  1.00 31.82  ? 170 GLN A CD  1 
ATOM   906  O OE1 . GLN A 1 129 ? 25.024  -10.240 18.033  1.00 30.56  ? 170 GLN A OE1 1 
ATOM   907  N NE2 . GLN A 1 129 ? 23.794  -8.428  18.619  1.00 32.33  ? 170 GLN A NE2 1 
ATOM   908  N N   . CYS A 1 130 ? 20.194  -13.246 16.090  1.00 23.17  ? 171 CYS A N   1 
ATOM   909  C CA  . CYS A 1 130 ? 19.282  -14.273 16.532  1.00 25.69  ? 171 CYS A CA  1 
ATOM   910  C C   . CYS A 1 130 ? 19.492  -14.530 18.047  1.00 29.57  ? 171 CYS A C   1 
ATOM   911  O O   . CYS A 1 130 ? 20.635  -14.675 18.500  1.00 24.29  ? 171 CYS A O   1 
ATOM   912  C CB  . CYS A 1 130 ? 19.545  -15.587 15.774  1.00 24.05  ? 171 CYS A CB  1 
ATOM   913  S SG  . CYS A 1 130 ? 19.016  -15.395 14.058  1.00 21.93  ? 171 CYS A SG  1 
ATOM   914  N N   . ALA A 1 131 ? 18.408  -14.634 18.809  1.00 30.96  ? 172 ALA A N   1 
ATOM   915  C CA  . ALA A 1 131 ? 18.562  -14.915 20.264  1.00 33.73  ? 172 ALA A CA  1 
ATOM   916  C C   . ALA A 1 131 ? 18.972  -16.341 20.451  1.00 33.50  ? 172 ALA A C   1 
ATOM   917  O O   . ALA A 1 131 ? 18.740  -17.209 19.564  1.00 31.34  ? 172 ALA A O   1 
ATOM   918  C CB  . ALA A 1 131 ? 17.267  -14.667 21.026  1.00 34.09  ? 172 ALA A CB  1 
ATOM   919  N N   . ARG A 1 132 ? 19.549  -16.611 21.626  1.00 38.57  ? 173 ARG A N   1 
ATOM   920  C CA  . ARG A 1 132 ? 19.968  -17.961 21.978  1.00 42.31  ? 173 ARG A CA  1 
ATOM   921  C C   . ARG A 1 132 ? 18.869  -18.954 21.787  1.00 36.02  ? 173 ARG A C   1 
ATOM   922  O O   . ARG A 1 132 ? 17.699  -18.647 21.961  1.00 37.06  ? 173 ARG A O   1 
ATOM   923  C CB  . ARG A 1 132 ? 20.640  -18.042 23.366  1.00 54.00  ? 173 ARG A CB  1 
ATOM   924  C CG  . ARG A 1 132 ? 22.167  -17.924 23.240  1.00 66.55  ? 173 ARG A CG  1 
ATOM   925  C CD  . ARG A 1 132 ? 22.951  -18.658 24.324  1.00 79.24  ? 173 ARG A CD  1 
ATOM   926  N NE  . ARG A 1 132 ? 23.559  -17.718 25.273  1.00 94.82  ? 173 ARG A NE  1 
ATOM   927  C CZ  . ARG A 1 132 ? 22.945  -17.147 26.319  1.00 104.57 ? 173 ARG A CZ  1 
ATOM   928  N NH1 . ARG A 1 132 ? 21.663  -17.401 26.600  1.00 103.26 ? 173 ARG A NH1 1 
ATOM   929  N NH2 . ARG A 1 132 ? 23.626  -16.306 27.098  1.00 98.05  ? 173 ARG A NH2 1 
ATOM   930  N N   . GLY A 1 133 ? 19.232  -20.125 21.279  1.00 38.96  ? 174 GLY A N   1 
ATOM   931  C CA  . GLY A 1 133 ? 18.218  -21.131 20.937  1.00 34.00  ? 174 GLY A CA  1 
ATOM   932  C C   . GLY A 1 133 ? 17.454  -20.912 19.625  1.00 30.35  ? 174 GLY A C   1 
ATOM   933  O O   . GLY A 1 133 ? 16.625  -21.713 19.301  1.00 30.22  ? 174 GLY A O   1 
ATOM   934  N N   . THR A 1 134 ? 17.779  -19.854 18.861  1.00 28.79  ? 175 THR A N   1 
ATOM   935  C CA  . THR A 1 134 ? 17.262  -19.634 17.498  1.00 24.63  ? 175 THR A CA  1 
ATOM   936  C C   . THR A 1 134 ? 18.398  -19.367 16.466  1.00 25.71  ? 175 THR A C   1 
ATOM   937  O O   . THR A 1 134 ? 19.506  -19.022 16.855  1.00 25.65  ? 175 THR A O   1 
ATOM   938  C CB  . THR A 1 134 ? 16.330  -18.417 17.459  1.00 26.12  ? 175 THR A CB  1 
ATOM   939  O OG1 . THR A 1 134 ? 17.107  -17.213 17.563  1.00 27.55  ? 175 THR A OG1 1 
ATOM   940  C CG2 . THR A 1 134 ? 15.269  -18.509 18.618  1.00 27.45  ? 175 THR A CG2 1 
ATOM   941  N N   . PHE A 1 135 ? 18.125  -19.468 15.158  1.00 23.45  ? 176 PHE A N   1 
ATOM   942  C CA  . PHE A 1 135 ? 19.204  -19.300 14.203  1.00 24.38  ? 176 PHE A CA  1 
ATOM   943  C C   . PHE A 1 135 ? 18.639  -18.834 12.907  1.00 24.12  ? 176 PHE A C   1 
ATOM   944  O O   . PHE A 1 135 ? 17.427  -19.016 12.676  1.00 23.09  ? 176 PHE A O   1 
ATOM   945  C CB  . PHE A 1 135 ? 19.867  -20.645 13.965  1.00 21.72  ? 176 PHE A CB  1 
ATOM   946  C CG  . PHE A 1 135 ? 19.016  -21.619 13.182  1.00 24.70  ? 176 PHE A CG  1 
ATOM   947  C CD1 . PHE A 1 135 ? 18.056  -22.397 13.808  1.00 23.06  ? 176 PHE A CD1 1 
ATOM   948  C CD2 . PHE A 1 135 ? 19.264  -21.837 11.832  1.00 22.92  ? 176 PHE A CD2 1 
ATOM   949  C CE1 . PHE A 1 135 ? 17.298  -23.352 13.114  1.00 23.29  ? 176 PHE A CE1 1 
ATOM   950  C CE2 . PHE A 1 135 ? 18.498  -22.748 11.101  1.00 23.89  ? 176 PHE A CE2 1 
ATOM   951  C CZ  . PHE A 1 135 ? 17.496  -23.527 11.739  1.00 24.59  ? 176 PHE A CZ  1 
ATOM   952  N N   . SER A 1 136 ? 19.501  -18.250 12.050  1.00 20.98  ? 177 SER A N   1 
ATOM   953  C CA  . SER A 1 136 ? 19.025  -17.960 10.675  1.00 19.89  ? 177 SER A CA  1 
ATOM   954  C C   . SER A 1 136 ? 20.171  -18.278 9.712   1.00 18.44  ? 177 SER A C   1 
ATOM   955  O O   . SER A 1 136 ? 21.268  -17.688 9.863   1.00 19.02  ? 177 SER A O   1 
ATOM   956  C CB  . SER A 1 136 ? 18.724  -16.466 10.568  1.00 18.30  ? 177 SER A CB  1 
ATOM   957  O OG  . SER A 1 136 ? 18.295  -16.235 9.264   1.00 19.94  ? 177 SER A OG  1 
ATOM   958  N N   . ASP A 1 137 ? 19.941  -19.172 8.764   1.00 18.41  ? 178 ASP A N   1 
ATOM   959  C CA  . ASP A 1 137 ? 21.045  -19.715 7.991   1.00 20.70  ? 178 ASP A CA  1 
ATOM   960  C C   . ASP A 1 137 ? 21.109  -19.147 6.610   1.00 20.81  ? 178 ASP A C   1 
ATOM   961  O O   . ASP A 1 137 ? 22.006  -19.518 5.841   1.00 21.90  ? 178 ASP A O   1 
ATOM   962  C CB  . ASP A 1 137 ? 20.954  -21.253 7.923   1.00 19.28  ? 178 ASP A CB  1 
ATOM   963  C CG  . ASP A 1 137 ? 19.675  -21.734 7.225   1.00 23.44  ? 178 ASP A CG  1 
ATOM   964  O OD1 . ASP A 1 137 ? 18.747  -20.942 6.996   1.00 28.38  ? 178 ASP A OD1 1 
ATOM   965  O OD2 . ASP A 1 137 ? 19.616  -22.901 6.867   1.00 23.64  ? 178 ASP A OD2 1 
ATOM   966  N N   . VAL A 1 138 ? 20.306  -18.129 6.314   1.00 19.59  ? 179 VAL A N   1 
ATOM   967  C CA  A VAL A 1 138 ? 20.207  -17.588 4.959   0.46 19.91  ? 179 VAL A CA  1 
ATOM   968  C CA  B VAL A 1 138 ? 20.298  -17.572 4.967   0.54 19.34  ? 179 VAL A CA  1 
ATOM   969  C C   . VAL A 1 138 ? 20.197  -16.039 5.051   1.00 21.80  ? 179 VAL A C   1 
ATOM   970  O O   . VAL A 1 138 ? 19.496  -15.474 5.954   1.00 23.54  ? 179 VAL A O   1 
ATOM   971  C CB  A VAL A 1 138 ? 18.902  -18.163 4.337   0.46 21.06  ? 179 VAL A CB  1 
ATOM   972  C CB  B VAL A 1 138 ? 19.165  -18.230 4.143   0.54 20.37  ? 179 VAL A CB  1 
ATOM   973  C CG1 A VAL A 1 138 ? 18.247  -17.222 3.370   0.46 22.42  ? 179 VAL A CG1 1 
ATOM   974  C CG1 B VAL A 1 138 ? 17.784  -17.847 4.681   0.54 16.79  ? 179 VAL A CG1 1 
ATOM   975  C CG2 A VAL A 1 138 ? 19.136  -19.523 3.679   0.46 18.62  ? 179 VAL A CG2 1 
ATOM   976  C CG2 B VAL A 1 138 ? 19.303  -17.970 2.647   0.54 21.84  ? 179 VAL A CG2 1 
ATOM   977  N N   . PRO A 1 139 ? 20.917  -15.318 4.162   1.00 20.09  ? 180 PRO A N   1 
ATOM   978  C CA  . PRO A 1 139 ? 20.730  -13.872 4.191   1.00 19.43  ? 180 PRO A CA  1 
ATOM   979  C C   . PRO A 1 139 ? 19.273  -13.599 3.787   1.00 21.33  ? 180 PRO A C   1 
ATOM   980  O O   . PRO A 1 139 ? 18.785  -14.268 2.916   1.00 18.60  ? 180 PRO A O   1 
ATOM   981  C CB  . PRO A 1 139 ? 21.555  -13.361 2.989   1.00 21.31  ? 180 PRO A CB  1 
ATOM   982  C CG  . PRO A 1 139 ? 22.605  -14.405 2.851   1.00 25.11  ? 180 PRO A CG  1 
ATOM   983  C CD  . PRO A 1 139 ? 21.864  -15.701 3.120   1.00 21.36  ? 180 PRO A CD  1 
ATOM   984  N N   . SER A 1 140 ? 18.563  -12.627 4.391   1.00 19.02  ? 181 SER A N   1 
ATOM   985  C CA  . SER A 1 140 ? 17.160  -12.399 3.861   1.00 19.48  ? 181 SER A CA  1 
ATOM   986  C C   . SER A 1 140 ? 16.704  -11.054 4.396   1.00 18.02  ? 181 SER A C   1 
ATOM   987  O O   . SER A 1 140 ? 16.924  -10.764 5.598   1.00 17.87  ? 181 SER A O   1 
ATOM   988  C CB  . SER A 1 140 ? 16.252  -13.480 4.494   1.00 19.18  ? 181 SER A CB  1 
ATOM   989  O OG  . SER A 1 140 ? 14.883  -13.205 4.185   1.00 22.24  ? 181 SER A OG  1 
ATOM   990  N N   . SER A 1 141 ? 15.973  -10.301 3.589   1.00 16.69  ? 182 SER A N   1 
ATOM   991  C CA  . SER A 1 141 ? 15.305  -9.117  4.116   1.00 19.84  ? 182 SER A CA  1 
ATOM   992  C C   . SER A 1 141 ? 13.909  -9.444  4.715   1.00 24.04  ? 182 SER A C   1 
ATOM   993  O O   . SER A 1 141 ? 13.181  -8.546  5.137   1.00 21.78  ? 182 SER A O   1 
ATOM   994  C CB  . SER A 1 141 ? 15.237  -8.056  3.016   1.00 19.35  ? 182 SER A CB  1 
ATOM   995  O OG  . SER A 1 141 ? 14.420  -8.596  1.993   1.00 23.29  ? 182 SER A OG  1 
ATOM   996  N N   . VAL A 1 142 ? 13.556  -10.726 4.818   1.00 21.94  ? 183 VAL A N   1 
ATOM   997  C CA  . VAL A 1 142 ? 12.196  -11.060 5.159   1.00 23.03  ? 183 VAL A CA  1 
ATOM   998  C C   . VAL A 1 142 ? 12.085  -12.038 6.321   1.00 25.57  ? 183 VAL A C   1 
ATOM   999  O O   . VAL A 1 142 ? 11.228  -11.873 7.162   1.00 29.13  ? 183 VAL A O   1 
ATOM   1000 C CB  . VAL A 1 142 ? 11.414  -11.544 3.920   1.00 28.96  ? 183 VAL A CB  1 
ATOM   1001 C CG1 . VAL A 1 142 ? 10.182  -12.286 4.346   1.00 33.20  ? 183 VAL A CG1 1 
ATOM   1002 C CG2 . VAL A 1 142 ? 10.937  -10.351 3.134   1.00 26.21  ? 183 VAL A CG2 1 
ATOM   1003 N N   . MET A 1 143 ? 13.010  -12.982 6.472   1.00 21.92  ? 184 MET A N   1 
ATOM   1004 C CA  . MET A 1 143 ? 12.791  -14.092 7.388   1.00 23.45  ? 184 MET A CA  1 
ATOM   1005 C C   . MET A 1 143 ? 13.226  -13.774 8.783   1.00 25.49  ? 184 MET A C   1 
ATOM   1006 O O   . MET A 1 143 ? 14.159  -13.024 8.973   1.00 22.82  ? 184 MET A O   1 
ATOM   1007 C CB  . MET A 1 143 ? 13.634  -15.278 6.890   1.00 26.23  ? 184 MET A CB  1 
ATOM   1008 C CG  . MET A 1 143 ? 13.076  -15.962 5.623   1.00 30.85  ? 184 MET A CG  1 
ATOM   1009 S SD  . MET A 1 143 ? 14.351  -17.021 4.866   1.00 34.68  ? 184 MET A SD  1 
ATOM   1010 C CE  . MET A 1 143 ? 14.561  -18.430 6.015   1.00 42.47  ? 184 MET A CE  1 
ATOM   1011 N N   . LYS A 1 144 ? 12.598  -14.441 9.743   1.00 23.29  ? 185 LYS A N   1 
ATOM   1012 C CA  . LYS A 1 144 ? 12.858  -14.329 11.144  1.00 25.07  ? 185 LYS A CA  1 
ATOM   1013 C C   . LYS A 1 144 ? 13.783  -15.434 11.537  1.00 22.84  ? 185 LYS A C   1 
ATOM   1014 O O   . LYS A 1 144 ? 13.860  -16.421 10.838  1.00 22.02  ? 185 LYS A O   1 
ATOM   1015 C CB  . LYS A 1 144 ? 11.533  -14.503 11.908  1.00 27.94  ? 185 LYS A CB  1 
ATOM   1016 C CG  . LYS A 1 144 ? 10.625  -13.294 11.584  1.00 33.07  ? 185 LYS A CG  1 
ATOM   1017 C CD  . LYS A 1 144 ? 9.617   -13.026 12.724  1.00 40.82  ? 185 LYS A CD  1 
ATOM   1018 C CE  . LYS A 1 144 ? 8.227   -13.486 12.326  1.00 49.71  ? 185 LYS A CE  1 
ATOM   1019 N NZ  . LYS A 1 144 ? 7.197   -13.285 13.395  1.00 60.10  ? 185 LYS A NZ  1 
ATOM   1020 N N   . CYS A 1 145 ? 14.521  -15.247 12.610  1.00 19.14  ? 186 CYS A N   1 
ATOM   1021 C CA  . CYS A 1 145 ? 15.276  -16.342 13.248  1.00 25.83  ? 186 CYS A CA  1 
ATOM   1022 C C   . CYS A 1 145 ? 14.329  -17.469 13.586  1.00 31.01  ? 186 CYS A C   1 
ATOM   1023 O O   . CYS A 1 145 ? 13.205  -17.211 13.815  1.00 30.27  ? 186 CYS A O   1 
ATOM   1024 C CB  . CYS A 1 145 ? 15.944  -15.881 14.503  1.00 23.30  ? 186 CYS A CB  1 
ATOM   1025 S SG  . CYS A 1 145 ? 17.081  -14.494 14.154  1.00 30.03  ? 186 CYS A SG  1 
ATOM   1026 N N   . LYS A 1 146 ? 14.803  -18.708 13.596  1.00 30.33  ? 187 LYS A N   1 
ATOM   1027 C CA  . LYS A 1 146 ? 13.949  -19.848 13.670  1.00 32.90  ? 187 LYS A CA  1 
ATOM   1028 C C   . LYS A 1 146 ? 14.428  -20.632 14.877  1.00 31.61  ? 187 LYS A C   1 
ATOM   1029 O O   . LYS A 1 146 ? 15.633  -20.735 15.091  1.00 28.96  ? 187 LYS A O   1 
ATOM   1030 C CB  . LYS A 1 146 ? 14.121  -20.702 12.412  1.00 37.95  ? 187 LYS A CB  1 
ATOM   1031 C CG  . LYS A 1 146 ? 12.931  -20.674 11.488  1.00 46.46  ? 187 LYS A CG  1 
ATOM   1032 C CD  . LYS A 1 146 ? 13.102  -19.819 10.269  1.00 53.72  ? 187 LYS A CD  1 
ATOM   1033 C CE  . LYS A 1 146 ? 12.199  -20.339 9.148   1.00 56.36  ? 187 LYS A CE  1 
ATOM   1034 N NZ  . LYS A 1 146 ? 11.836  -19.272 8.172   1.00 59.81  ? 187 LYS A NZ  1 
ATOM   1035 N N   . ALA A 1 147 ? 13.488  -21.142 15.689  1.00 27.81  ? 188 ALA A N   1 
ATOM   1036 C CA  . ALA A 1 147 ? 13.848  -21.909 16.895  1.00 28.40  ? 188 ALA A CA  1 
ATOM   1037 C C   . ALA A 1 147 ? 14.586  -23.193 16.481  1.00 26.43  ? 188 ALA A C   1 
ATOM   1038 O O   . ALA A 1 147 ? 14.267  -23.780 15.491  1.00 24.97  ? 188 ALA A O   1 
ATOM   1039 C CB  . ALA A 1 147 ? 12.562  -22.257 17.668  1.00 32.45  ? 188 ALA A CB  1 
ATOM   1040 N N   . TYR A 1 148 ? 15.589  -23.639 17.235  1.00 28.28  ? 189 TYR A N   1 
ATOM   1041 C CA  . TYR A 1 148 ? 16.215  -24.916 16.915  1.00 30.10  ? 189 TYR A CA  1 
ATOM   1042 C C   . TYR A 1 148 ? 15.211  -26.034 16.947  1.00 36.08  ? 189 TYR A C   1 
ATOM   1043 O O   . TYR A 1 148 ? 14.250  -25.919 17.647  1.00 36.61  ? 189 TYR A O   1 
ATOM   1044 C CB  . TYR A 1 148 ? 17.170  -25.295 18.039  1.00 33.01  ? 189 TYR A CB  1 
ATOM   1045 C CG  . TYR A 1 148 ? 18.434  -24.470 18.220  1.00 33.52  ? 189 TYR A CG  1 
ATOM   1046 C CD1 . TYR A 1 148 ? 19.001  -23.764 17.132  1.00 29.96  ? 189 TYR A CD1 1 
ATOM   1047 C CD2 . TYR A 1 148 ? 19.087  -24.419 19.483  1.00 31.54  ? 189 TYR A CD2 1 
ATOM   1048 C CE1 . TYR A 1 148 ? 20.185  -23.039 17.299  1.00 29.10  ? 189 TYR A CE1 1 
ATOM   1049 C CE2 . TYR A 1 148 ? 20.281  -23.710 19.638  1.00 32.82  ? 189 TYR A CE2 1 
ATOM   1050 C CZ  . TYR A 1 148 ? 20.795  -22.994 18.522  1.00 32.50  ? 189 TYR A CZ  1 
ATOM   1051 O OH  . TYR A 1 148 ? 21.939  -22.250 18.609  1.00 34.13  ? 189 TYR A OH  1 
ATOM   1052 N N   . THR A 1 149 ? 15.473  -27.129 16.228  1.00 36.48  ? 190 THR A N   1 
ATOM   1053 C CA  . THR A 1 149 ? 14.771  -28.397 16.363  1.00 42.69  ? 190 THR A CA  1 
ATOM   1054 C C   . THR A 1 149 ? 14.885  -28.871 17.785  1.00 43.58  ? 190 THR A C   1 
ATOM   1055 O O   . THR A 1 149 ? 15.996  -28.935 18.360  1.00 36.59  ? 190 THR A O   1 
ATOM   1056 C CB  . THR A 1 149 ? 15.380  -29.432 15.421  1.00 41.76  ? 190 THR A CB  1 
ATOM   1057 O OG1 . THR A 1 149 ? 15.253  -28.906 14.121  1.00 33.58  ? 190 THR A OG1 1 
ATOM   1058 C CG2 . THR A 1 149 ? 14.583  -30.789 15.415  1.00 41.27  ? 190 THR A CG2 1 
ATOM   1059 N N   . ASP A 1 150 ? 13.728  -29.150 18.385  1.00 51.27  ? 191 ASP A N   1 
ATOM   1060 C CA  . ASP A 1 150 ? 13.691  -29.575 19.807  1.00 51.99  ? 191 ASP A CA  1 
ATOM   1061 C C   . ASP A 1 150 ? 14.088  -31.053 19.888  1.00 55.59  ? 191 ASP A C   1 
ATOM   1062 O O   . ASP A 1 150 ? 13.237  -31.928 19.711  1.00 63.35  ? 191 ASP A O   1 
ATOM   1063 C CB  . ASP A 1 150 ? 12.277  -29.402 20.393  1.00 52.43  ? 191 ASP A CB  1 
ATOM   1064 C CG  . ASP A 1 150 ? 12.247  -29.331 21.955  1.00 64.30  ? 191 ASP A CG  1 
ATOM   1065 O OD1 . ASP A 1 150 ? 11.234  -28.787 22.450  1.00 69.45  ? 191 ASP A OD1 1 
ATOM   1066 O OD2 . ASP A 1 150 ? 13.179  -29.780 22.688  1.00 49.59  ? 191 ASP A OD2 1 
ATOM   1067 N N   . CYS A 1 151 ? 15.354  -31.335 20.181  1.00 49.51  ? 192 CYS A N   1 
ATOM   1068 C CA  . CYS A 1 151 ? 15.805  -32.721 20.172  1.00 61.64  ? 192 CYS A CA  1 
ATOM   1069 C C   . CYS A 1 151 ? 15.123  -33.520 21.314  1.00 65.77  ? 192 CYS A C   1 
ATOM   1070 O O   . CYS A 1 151 ? 14.716  -34.646 21.104  1.00 62.28  ? 192 CYS A O   1 
ATOM   1071 C CB  . CYS A 1 151 ? 17.326  -32.848 20.309  1.00 56.84  ? 192 CYS A CB  1 
ATOM   1072 S SG  . CYS A 1 151 ? 18.411  -32.101 19.051  1.00 57.51  ? 192 CYS A SG  1 
ATOM   1073 N N   . LEU A 1 152 ? 15.052  -32.950 22.516  1.00 71.34  ? 193 LEU A N   1 
ATOM   1074 C CA  . LEU A 1 152 ? 14.286  -33.547 23.619  1.00 77.15  ? 193 LEU A CA  1 
ATOM   1075 C C   . LEU A 1 152 ? 12.956  -34.113 23.089  1.00 74.50  ? 193 LEU A C   1 
ATOM   1076 O O   . LEU A 1 152 ? 12.808  -35.324 22.901  1.00 75.11  ? 193 LEU A O   1 
ATOM   1077 C CB  . LEU A 1 152 ? 14.047  -32.508 24.726  1.00 76.54  ? 193 LEU A CB  1 
ATOM   1078 C CG  . LEU A 1 152 ? 14.973  -32.444 25.961  1.00 79.30  ? 193 LEU A CG  1 
ATOM   1079 C CD1 . LEU A 1 152 ? 16.412  -32.888 25.697  1.00 72.35  ? 193 LEU A CD1 1 
ATOM   1080 C CD2 . LEU A 1 152 ? 14.919  -31.061 26.631  1.00 78.77  ? 193 LEU A CD2 1 
ATOM   1081 N N   . SER A 1 153 ? 12.018  -33.229 22.789  1.00 74.71  ? 194 SER A N   1 
ATOM   1082 C CA  . SER A 1 153 ? 10.705  -33.631 22.296  1.00 74.38  ? 194 SER A CA  1 
ATOM   1083 C C   . SER A 1 153 ? 10.756  -34.505 21.037  1.00 73.06  ? 194 SER A C   1 
ATOM   1084 O O   . SER A 1 153 ? 9.734   -34.798 20.446  1.00 87.01  ? 194 SER A O   1 
ATOM   1085 C CB  . SER A 1 153 ? 9.887   -32.379 21.993  1.00 73.21  ? 194 SER A CB  1 
ATOM   1086 O OG  . SER A 1 153 ? 10.456  -31.722 20.871  1.00 77.59  ? 194 SER A OG  1 
ATOM   1087 N N   . GLN A 1 154 ? 11.939  -34.894 20.608  1.00 71.31  ? 195 GLN A N   1 
ATOM   1088 C CA  . GLN A 1 154 ? 12.113  -35.592 19.341  1.00 77.90  ? 195 GLN A CA  1 
ATOM   1089 C C   . GLN A 1 154 ? 12.402  -37.047 19.731  1.00 89.92  ? 195 GLN A C   1 
ATOM   1090 O O   . GLN A 1 154 ? 12.505  -37.961 18.884  1.00 88.79  ? 195 GLN A O   1 
ATOM   1091 C CB  . GLN A 1 154 ? 13.313  -34.945 18.615  1.00 77.93  ? 195 GLN A CB  1 
ATOM   1092 C CG  . GLN A 1 154 ? 13.616  -35.399 17.201  1.00 85.93  ? 195 GLN A CG  1 
ATOM   1093 C CD  . GLN A 1 154 ? 12.517  -35.053 16.215  1.00 91.47  ? 195 GLN A CD  1 
ATOM   1094 O OE1 . GLN A 1 154 ? 12.128  -33.890 16.071  1.00 92.06  ? 195 GLN A OE1 1 
ATOM   1095 N NE2 . GLN A 1 154 ? 12.021  -36.066 15.515  1.00 87.36  ? 195 GLN A NE2 1 
ATOM   1096 N N   . ASN A 1 155 ? 12.513  -37.238 21.047  1.00 89.70  ? 196 ASN A N   1 
ATOM   1097 C CA  . ASN A 1 155 ? 13.177  -38.393 21.660  1.00 93.86  ? 196 ASN A CA  1 
ATOM   1098 C C   . ASN A 1 155 ? 14.691  -38.452 21.485  1.00 90.94  ? 196 ASN A C   1 
ATOM   1099 O O   . ASN A 1 155 ? 15.338  -39.263 22.127  1.00 86.85  ? 196 ASN A O   1 
ATOM   1100 C CB  . ASN A 1 155 ? 12.536  -39.726 21.259  1.00 100.18 ? 196 ASN A CB  1 
ATOM   1101 C CG  . ASN A 1 155 ? 11.590  -40.250 22.321  1.00 108.41 ? 196 ASN A CG  1 
ATOM   1102 O OD1 . ASN A 1 155 ? 10.719  -41.085 22.045  1.00 122.94 ? 196 ASN A OD1 1 
ATOM   1103 N ND2 . ASN A 1 155 ? 11.752  -39.754 23.552  1.00 100.46 ? 196 ASN A ND2 1 
ATOM   1104 N N   . LEU A 1 156 ? 15.259  -37.594 20.637  1.00 85.93  ? 197 LEU A N   1 
ATOM   1105 C CA  . LEU A 1 156 ? 16.700  -37.609 20.394  1.00 74.56  ? 197 LEU A CA  1 
ATOM   1106 C C   . LEU A 1 156 ? 17.484  -36.769 21.426  1.00 73.05  ? 197 LEU A C   1 
ATOM   1107 O O   . LEU A 1 156 ? 16.899  -36.135 22.310  1.00 73.61  ? 197 LEU A O   1 
ATOM   1108 C CB  . LEU A 1 156 ? 16.996  -37.239 18.933  1.00 66.46  ? 197 LEU A CB  1 
ATOM   1109 C CG  . LEU A 1 156 ? 16.340  -38.108 17.819  1.00 70.68  ? 197 LEU A CG  1 
ATOM   1110 C CD1 . LEU A 1 156 ? 16.591  -37.651 16.368  1.00 58.06  ? 197 LEU A CD1 1 
ATOM   1111 C CD2 . LEU A 1 156 ? 16.713  -39.580 17.945  1.00 71.91  ? 197 LEU A CD2 1 
ATOM   1112 N N   . VAL A 1 157 ? 18.810  -36.816 21.362  1.00 67.17  ? 198 VAL A N   1 
ATOM   1113 C CA  . VAL A 1 157 ? 19.648  -35.946 22.195  1.00 64.18  ? 198 VAL A CA  1 
ATOM   1114 C C   . VAL A 1 157 ? 20.419  -34.977 21.202  1.00 71.19  ? 198 VAL A C   1 
ATOM   1115 O O   . VAL A 1 157 ? 20.343  -35.167 19.972  1.00 61.88  ? 198 VAL A O   1 
ATOM   1116 C CB  . VAL A 1 157 ? 20.511  -36.830 23.171  1.00 76.70  ? 198 VAL A CB  1 
ATOM   1117 C CG1 . VAL A 1 157 ? 21.878  -37.218 22.584  1.00 69.15  ? 198 VAL A CG1 1 
ATOM   1118 C CG2 . VAL A 1 157 ? 20.558  -36.280 24.626  1.00 66.17  ? 198 VAL A CG2 1 
ATOM   1119 N N   . VAL A 1 158 ? 21.082  -33.919 21.679  1.00 64.94  ? 199 VAL A N   1 
ATOM   1120 C CA  . VAL A 1 158 ? 21.776  -33.035 20.720  1.00 62.22  ? 199 VAL A CA  1 
ATOM   1121 C C   . VAL A 1 158 ? 23.189  -33.566 20.419  1.00 59.61  ? 199 VAL A C   1 
ATOM   1122 O O   . VAL A 1 158 ? 24.088  -33.507 21.271  1.00 58.52  ? 199 VAL A O   1 
ATOM   1123 C CB  . VAL A 1 158 ? 21.729  -31.490 21.036  1.00 59.78  ? 199 VAL A CB  1 
ATOM   1124 C CG1 . VAL A 1 158 ? 20.332  -31.011 21.471  1.00 53.78  ? 199 VAL A CG1 1 
ATOM   1125 C CG2 . VAL A 1 158 ? 22.796  -31.063 22.026  1.00 63.04  ? 199 VAL A CG2 1 
ATOM   1126 N N   . ILE A 1 159 ? 23.340  -34.115 19.213  1.00 57.73  ? 200 ILE A N   1 
ATOM   1127 C CA  . ILE A 1 159 ? 24.645  -34.528 18.640  1.00 57.77  ? 200 ILE A CA  1 
ATOM   1128 C C   . ILE A 1 159 ? 25.659  -33.392 18.469  1.00 53.77  ? 200 ILE A C   1 
ATOM   1129 O O   . ILE A 1 159 ? 26.830  -33.588 18.765  1.00 50.95  ? 200 ILE A O   1 
ATOM   1130 C CB  . ILE A 1 159 ? 24.467  -35.252 17.283  1.00 55.85  ? 200 ILE A CB  1 
ATOM   1131 C CG1 . ILE A 1 159 ? 23.743  -36.559 17.502  1.00 66.53  ? 200 ILE A CG1 1 
ATOM   1132 C CG2 . ILE A 1 159 ? 25.807  -35.542 16.613  1.00 62.51  ? 200 ILE A CG2 1 
ATOM   1133 C CD1 . ILE A 1 159 ? 24.207  -37.303 18.750  1.00 62.86  ? 200 ILE A CD1 1 
ATOM   1134 N N   . LYS A 1 160 ? 25.209  -32.228 17.969  1.00 49.06  ? 201 LYS A N   1 
ATOM   1135 C CA  . LYS A 1 160 ? 26.058  -31.045 17.713  1.00 40.06  ? 201 LYS A CA  1 
ATOM   1136 C C   . LYS A 1 160 ? 25.214  -29.800 18.068  1.00 33.09  ? 201 LYS A C   1 
ATOM   1137 O O   . LYS A 1 160 ? 24.107  -29.627 17.552  1.00 36.31  ? 201 LYS A O   1 
ATOM   1138 C CB  . LYS A 1 160 ? 26.562  -31.038 16.215  1.00 42.73  ? 201 LYS A CB  1 
ATOM   1139 C CG  . LYS A 1 160 ? 27.746  -30.111 15.804  1.00 43.12  ? 201 LYS A CG  1 
ATOM   1140 C CD  . LYS A 1 160 ? 28.218  -30.429 14.359  1.00 48.34  ? 201 LYS A CD  1 
ATOM   1141 C CE  . LYS A 1 160 ? 28.717  -29.226 13.477  1.00 46.54  ? 201 LYS A CE  1 
ATOM   1142 N NZ  . LYS A 1 160 ? 28.454  -29.099 11.949  1.00 27.16  ? 201 LYS A NZ  1 
ATOM   1143 N N   . PRO A 1 161 ? 25.726  -28.931 18.940  1.00 30.28  ? 202 PRO A N   1 
ATOM   1144 C CA  . PRO A 1 161 ? 25.045  -27.679 19.263  1.00 33.19  ? 202 PRO A CA  1 
ATOM   1145 C C   . PRO A 1 161 ? 24.771  -26.829 17.990  1.00 38.55  ? 202 PRO A C   1 
ATOM   1146 O O   . PRO A 1 161 ? 25.436  -27.000 16.928  1.00 33.67  ? 202 PRO A O   1 
ATOM   1147 C CB  . PRO A 1 161 ? 26.025  -26.930 20.171  1.00 31.65  ? 202 PRO A CB  1 
ATOM   1148 C CG  . PRO A 1 161 ? 27.349  -27.615 20.021  1.00 38.43  ? 202 PRO A CG  1 
ATOM   1149 C CD  . PRO A 1 161 ? 27.038  -29.042 19.610  1.00 34.23  ? 202 PRO A CD  1 
ATOM   1150 N N   . GLY A 1 162 ? 23.764  -25.969 18.081  1.00 32.85  ? 203 GLY A N   1 
ATOM   1151 C CA  . GLY A 1 162 ? 23.464  -25.067 16.992  1.00 37.71  ? 203 GLY A CA  1 
ATOM   1152 C C   . GLY A 1 162 ? 24.252  -23.815 17.235  1.00 38.09  ? 203 GLY A C   1 
ATOM   1153 O O   . GLY A 1 162 ? 24.950  -23.704 18.271  1.00 33.88  ? 203 GLY A O   1 
ATOM   1154 N N   . THR A 1 163 ? 24.186  -22.888 16.274  1.00 31.88  ? 204 THR A N   1 
ATOM   1155 C CA  . THR A 1 163 ? 24.794  -21.585 16.478  1.00 27.36  ? 204 THR A CA  1 
ATOM   1156 C C   . THR A 1 163 ? 23.697  -20.545 16.096  1.00 28.39  ? 204 THR A C   1 
ATOM   1157 O O   . THR A 1 163 ? 22.543  -20.901 15.813  1.00 27.74  ? 204 THR A O   1 
ATOM   1158 C CB  . THR A 1 163 ? 26.043  -21.382 15.554  1.00 29.93  ? 204 THR A CB  1 
ATOM   1159 O OG1 . THR A 1 163 ? 25.631  -21.462 14.166  1.00 26.62  ? 204 THR A OG1 1 
ATOM   1160 C CG2 . THR A 1 163 ? 27.135  -22.441 15.862  1.00 29.91  ? 204 THR A CG2 1 
ATOM   1161 N N   . LYS A 1 164 ? 24.065  -19.284 15.995  1.00 24.33  ? 205 LYS A N   1 
ATOM   1162 C CA  . LYS A 1 164 ? 23.080  -18.272 15.500  1.00 24.95  ? 205 LYS A CA  1 
ATOM   1163 C C   . LYS A 1 164 ? 22.809  -18.458 14.001  1.00 23.42  ? 205 LYS A C   1 
ATOM   1164 O O   . LYS A 1 164 ? 21.854  -17.878 13.482  1.00 25.53  ? 205 LYS A O   1 
ATOM   1165 C CB  . LYS A 1 164 ? 23.545  -16.846 15.811  1.00 24.47  ? 205 LYS A CB  1 
ATOM   1166 C CG  . LYS A 1 164 ? 23.506  -16.501 17.359  1.00 25.92  ? 205 LYS A CG  1 
ATOM   1167 C CD  . LYS A 1 164 ? 24.078  -15.109 17.650  1.00 27.71  ? 205 LYS A CD  1 
ATOM   1168 C CE  . LYS A 1 164 ? 24.338  -14.925 19.169  1.00 32.77  ? 205 LYS A CE  1 
ATOM   1169 N NZ  . LYS A 1 164 ? 23.076  -15.268 19.959  1.00 34.75  ? 205 LYS A NZ  1 
ATOM   1170 N N   . GLU A 1 165 ? 23.670  -19.248 13.342  1.00 21.33  ? 206 GLU A N   1 
ATOM   1171 C CA  . GLU A 1 165 ? 23.577  -19.500 11.926  1.00 19.23  ? 206 GLU A CA  1 
ATOM   1172 C C   . GLU A 1 165 ? 23.031  -20.873 11.581  1.00 21.96  ? 206 GLU A C   1 
ATOM   1173 O O   . GLU A 1 165 ? 22.628  -21.073 10.422  1.00 23.81  ? 206 GLU A O   1 
ATOM   1174 C CB  . GLU A 1 165 ? 24.972  -19.376 11.239  1.00 18.81  ? 206 GLU A CB  1 
ATOM   1175 C CG  . GLU A 1 165 ? 25.560  -17.971 11.422  1.00 19.87  ? 206 GLU A CG  1 
ATOM   1176 C CD  . GLU A 1 165 ? 27.072  -17.950 11.102  1.00 24.87  ? 206 GLU A CD  1 
ATOM   1177 O OE1 . GLU A 1 165 ? 27.539  -19.024 10.766  1.00 20.97  ? 206 GLU A OE1 1 
ATOM   1178 O OE2 . GLU A 1 165 ? 27.762  -16.868 11.224  1.00 25.21  ? 206 GLU A OE2 1 
ATOM   1179 N N   . THR A 1 166 ? 23.070  -21.842 12.506  1.00 20.44  ? 207 THR A N   1 
ATOM   1180 C CA  . THR A 1 166 ? 22.767  -23.215 12.123  1.00 21.35  ? 207 THR A CA  1 
ATOM   1181 C C   . THR A 1 166 ? 21.926  -23.888 13.230  1.00 21.37  ? 207 THR A C   1 
ATOM   1182 O O   . THR A 1 166 ? 22.102  -23.621 14.379  1.00 20.71  ? 207 THR A O   1 
ATOM   1183 C CB  . THR A 1 166 ? 24.025  -24.101 11.866  1.00 25.07  ? 207 THR A CB  1 
ATOM   1184 O OG1 . THR A 1 166 ? 24.866  -24.042 13.019  1.00 25.76  ? 207 THR A OG1 1 
ATOM   1185 C CG2 . THR A 1 166 ? 24.863  -23.612 10.672  1.00 22.06  ? 207 THR A CG2 1 
ATOM   1186 N N   . ASP A 1 167 ? 21.026  -24.772 12.814  1.00 25.56  ? 208 ASP A N   1 
ATOM   1187 C CA  . ASP A 1 167 ? 20.209  -25.530 13.756  1.00 28.29  ? 208 ASP A CA  1 
ATOM   1188 C C   . ASP A 1 167 ? 21.076  -26.489 14.545  1.00 30.80  ? 208 ASP A C   1 
ATOM   1189 O O   . ASP A 1 167 ? 22.088  -26.970 14.029  1.00 30.85  ? 208 ASP A O   1 
ATOM   1190 C CB  . ASP A 1 167 ? 19.273  -26.398 12.959  1.00 26.55  ? 208 ASP A CB  1 
ATOM   1191 C CG  . ASP A 1 167 ? 18.116  -26.993 13.818  1.00 32.34  ? 208 ASP A CG  1 
ATOM   1192 O OD1 . ASP A 1 167 ? 17.984  -26.715 15.035  1.00 27.32  ? 208 ASP A OD1 1 
ATOM   1193 O OD2 . ASP A 1 167 ? 17.333  -27.702 13.205  1.00 32.09  ? 208 ASP A OD2 1 
ATOM   1194 N N   . ASN A 1 168 ? 20.660  -26.829 15.770  1.00 32.90  ? 209 ASN A N   1 
ATOM   1195 C CA  . ASN A 1 168 ? 21.325  -27.921 16.498  1.00 36.71  ? 209 ASN A CA  1 
ATOM   1196 C C   . ASN A 1 168 ? 21.116  -29.200 15.704  1.00 37.85  ? 209 ASN A C   1 
ATOM   1197 O O   . ASN A 1 168 ? 20.127  -29.292 15.002  1.00 34.22  ? 209 ASN A O   1 
ATOM   1198 C CB  . ASN A 1 168 ? 20.990  -27.965 18.026  1.00 35.55  ? 209 ASN A CB  1 
ATOM   1199 C CG  . ASN A 1 168 ? 19.531  -28.310 18.360  1.00 39.17  ? 209 ASN A CG  1 
ATOM   1200 O OD1 . ASN A 1 168 ? 18.692  -28.730 17.521  1.00 36.00  ? 209 ASN A OD1 1 
ATOM   1201 N ND2 . ASN A 1 168 ? 19.234  -28.146 19.625  1.00 36.45  ? 209 ASN A ND2 1 
ATOM   1202 N N   . VAL A 1 169 ? 22.095  -30.111 15.684  1.00 37.13  ? 210 VAL A N   1 
ATOM   1203 C CA  . VAL A 1 169 ? 21.851  -31.400 15.060  1.00 40.35  ? 210 VAL A CA  1 
ATOM   1204 C C   . VAL A 1 169 ? 21.494  -32.428 16.103  1.00 43.40  ? 210 VAL A C   1 
ATOM   1205 O O   . VAL A 1 169 ? 22.114  -32.487 17.169  1.00 47.00  ? 210 VAL A O   1 
ATOM   1206 C CB  . VAL A 1 169 ? 22.913  -31.861 14.030  1.00 43.53  ? 210 VAL A CB  1 
ATOM   1207 C CG1 . VAL A 1 169 ? 24.130  -30.989 14.061  1.00 46.01  ? 210 VAL A CG1 1 
ATOM   1208 C CG2 . VAL A 1 169 ? 23.279  -33.311 14.192  1.00 45.59  ? 210 VAL A CG2 1 
ATOM   1209 N N   . CYS A 1 170 ? 20.442  -33.184 15.808  1.00 51.69  ? 211 CYS A N   1 
ATOM   1210 C CA  . CYS A 1 170 ? 19.849  -34.127 16.768  1.00 53.84  ? 211 CYS A CA  1 
ATOM   1211 C C   . CYS A 1 170 ? 20.237  -35.579 16.469  1.00 55.27  ? 211 CYS A C   1 
ATOM   1212 O O   . CYS A 1 170 ? 20.351  -35.980 15.274  1.00 50.91  ? 211 CYS A O   1 
ATOM   1213 C CB  . CYS A 1 170 ? 18.323  -34.032 16.687  1.00 59.04  ? 211 CYS A CB  1 
ATOM   1214 S SG  . CYS A 1 170 ? 17.560  -32.523 17.313  1.00 53.10  ? 211 CYS A SG  1 
ATOM   1215 N N   . GLY A 1 171 ? 20.379  -36.386 17.520  1.00 54.20  ? 212 GLY A N   1 
ATOM   1216 C CA  . GLY A 1 171 ? 20.495  -37.849 17.308  1.00 65.88  ? 212 GLY A CA  1 
ATOM   1217 C C   . GLY A 1 171 ? 20.624  -38.629 18.599  1.00 82.64  ? 212 GLY A C   1 
ATOM   1218 O O   . GLY A 1 171 ? 20.139  -38.173 19.667  1.00 72.27  ? 212 GLY A O   1 
ATOM   1219 N N   . THR A 1 172 ? 21.293  -39.792 18.515  1.00 91.77  ? 213 THR A N   1 
ATOM   1220 C CA  . THR A 1 172 ? 21.477  -40.683 19.696  1.00 95.05  ? 213 THR A CA  1 
ATOM   1221 C C   . THR A 1 172 ? 22.868  -41.310 19.918  1.00 92.98  ? 213 THR A C   1 
ATOM   1222 O O   . THR A 1 172 ? 23.431  -41.932 19.026  1.00 88.36  ? 213 THR A O   1 
ATOM   1223 C CB  . THR A 1 172 ? 20.369  -41.764 19.807  1.00 86.54  ? 213 THR A CB  1 
ATOM   1224 O OG1 . THR A 1 172 ? 19.685  -41.889 18.541  1.00 81.89  ? 213 THR A OG1 1 
ATOM   1225 C CG2 . THR A 1 172 ? 19.372  -41.401 20.954  1.00 77.06  ? 213 THR A CG2 1 
ATOM   1226 N N   . LEU A 1 173 ? 23.372  -41.131 21.141  1.00 92.88  ? 214 LEU A N   1 
ATOM   1227 C CA  . LEU A 1 173 ? 24.640  -41.677 21.668  1.00 91.20  ? 214 LEU A CA  1 
ATOM   1228 C C   . LEU A 1 173 ? 25.548  -40.510 21.976  1.00 89.13  ? 214 LEU A C   1 
ATOM   1229 O O   . LEU A 1 173 ? 25.735  -40.174 23.139  1.00 87.04  ? 214 LEU A O   1 
ATOM   1230 C CB  . LEU A 1 173 ? 25.344  -42.710 20.752  1.00 89.37  ? 214 LEU A CB  1 
ATOM   1231 C CG  . LEU A 1 173 ? 25.344  -44.219 21.085  1.00 86.89  ? 214 LEU A CG  1 
ATOM   1232 C CD1 . LEU A 1 173 ? 25.255  -45.050 19.800  1.00 79.92  ? 214 LEU A CD1 1 
ATOM   1233 C CD2 . LEU A 1 173 ? 26.517  -44.657 21.992  1.00 72.36  ? 214 LEU A CD2 1 
HETATM 1234 O O   . HOH B 2 .   ? -31.856 17.104  -10.099 1.00 13.95  ? 401 HOH A O   1 
HETATM 1235 O O   . HOH B 2 .   ? 25.054  -13.233 5.439   1.00 12.33  ? 402 HOH A O   1 
HETATM 1236 O O   . HOH B 2 .   ? -17.373 6.985   -14.322 1.00 30.19  ? 403 HOH A O   1 
HETATM 1237 O O   . HOH B 2 .   ? 30.086  -16.907 12.468  1.00 18.64  ? 404 HOH A O   1 
HETATM 1238 O O   . HOH B 2 .   ? 16.558  -12.323 7.761   1.00 17.25  ? 405 HOH A O   1 
HETATM 1239 O O   . HOH B 2 .   ? 27.070  -14.209 10.957  0.50 18.61  ? 406 HOH A O   1 
HETATM 1240 O O   . HOH B 2 .   ? 10.040  -16.336 8.585   1.00 31.74  ? 407 HOH A O   1 
HETATM 1241 O O   . HOH B 2 .   ? -31.614 35.544  -9.470  1.00 17.31  ? 408 HOH A O   1 
HETATM 1242 O O   . HOH B 2 .   ? 18.984  -13.892 8.048   1.00 19.50  ? 409 HOH A O   1 
HETATM 1243 O O   . HOH B 2 .   ? -28.821 34.754  -15.309 1.00 22.93  ? 410 HOH A O   1 
HETATM 1244 O O   . HOH B 2 .   ? 19.946  -4.137  0.925   1.00 20.82  ? 411 HOH A O   1 
HETATM 1245 O O   . HOH B 2 .   ? 21.601  -24.611 7.494   1.00 28.89  ? 412 HOH A O   1 
HETATM 1246 O O   . HOH B 2 .   ? -24.962 28.649  -9.499  1.00 23.62  ? 413 HOH A O   1 
HETATM 1247 O O   . HOH B 2 .   ? -27.222 11.274  -15.120 1.00 23.00  ? 414 HOH A O   1 
HETATM 1248 O O   . HOH B 2 .   ? 15.872  -17.620 9.082   1.00 26.33  ? 415 HOH A O   1 
HETATM 1249 O O   . HOH B 2 .   ? 26.394  -27.393 12.087  1.00 24.26  ? 416 HOH A O   1 
HETATM 1250 O O   . HOH B 2 .   ? 20.837  -25.584 10.059  1.00 26.84  ? 417 HOH A O   1 
HETATM 1251 O O   . HOH B 2 .   ? 23.652  -8.512  4.771   1.00 24.41  ? 418 HOH A O   1 
HETATM 1252 O O   . HOH B 2 .   ? -27.725 27.251  -15.630 1.00 25.84  ? 419 HOH A O   1 
HETATM 1253 O O   . HOH B 2 .   ? -12.347 4.594   -9.305  1.00 39.58  ? 420 HOH A O   1 
HETATM 1254 O O   . HOH B 2 .   ? -34.929 23.400  -1.918  1.00 25.16  ? 421 HOH A O   1 
HETATM 1255 O O   . HOH B 2 .   ? 24.790  -26.933 14.256  1.00 39.47  ? 422 HOH A O   1 
HETATM 1256 O O   . HOH B 2 .   ? -29.988 25.397  -14.826 1.00 22.15  ? 423 HOH A O   1 
HETATM 1257 O O   . HOH B 2 .   ? -30.907 27.911  -17.848 1.00 23.03  ? 424 HOH A O   1 
HETATM 1258 O O   . HOH B 2 .   ? -24.083 25.374  -9.527  1.00 27.06  ? 425 HOH A O   1 
HETATM 1259 O O   . HOH B 2 .   ? 20.853  -7.438  17.690  1.00 27.86  ? 426 HOH A O   1 
HETATM 1260 O O   . HOH B 2 .   ? 15.344  -11.455 1.104   1.00 30.58  ? 427 HOH A O   1 
HETATM 1261 O O   . HOH B 2 .   ? -3.222  4.814   -13.507 1.00 28.53  ? 428 HOH A O   1 
HETATM 1262 O O   . HOH B 2 .   ? -24.929 10.890  -18.759 1.00 27.79  ? 429 HOH A O   1 
HETATM 1263 O O   . HOH B 2 .   ? 23.929  -11.136 3.859   1.00 24.52  ? 430 HOH A O   1 
HETATM 1264 O O   . HOH B 2 .   ? -30.730 36.336  -14.145 1.00 27.17  ? 431 HOH A O   1 
HETATM 1265 O O   . HOH B 2 .   ? 18.146  1.729   6.929   1.00 37.21  ? 432 HOH A O   1 
HETATM 1266 O O   . HOH B 2 .   ? -35.099 15.548  -16.928 1.00 30.69  ? 433 HOH A O   1 
HETATM 1267 O O   . HOH B 2 .   ? 25.239  -10.672 1.069   0.50 7.91   ? 434 HOH A O   1 
HETATM 1268 O O   . HOH B 2 .   ? 14.060  -12.505 13.914  1.00 30.84  ? 435 HOH A O   1 
HETATM 1269 O O   . HOH B 2 .   ? 13.837  3.469   7.440   1.00 32.01  ? 436 HOH A O   1 
HETATM 1270 O O   . HOH B 2 .   ? 10.760  -7.498  6.046   1.00 20.75  ? 437 HOH A O   1 
HETATM 1271 O O   . HOH B 2 .   ? -2.072  0.947   -11.649 1.00 25.03  ? 438 HOH A O   1 
HETATM 1272 O O   . HOH B 2 .   ? -26.053 23.152  -17.269 1.00 30.18  ? 439 HOH A O   1 
HETATM 1273 O O   . HOH B 2 .   ? 7.100   4.340   -0.750  1.00 31.09  ? 440 HOH A O   1 
HETATM 1274 O O   . HOH B 2 .   ? 16.797  -6.194  -0.210  1.00 24.93  ? 441 HOH A O   1 
HETATM 1275 O O   . HOH B 2 .   ? -4.723  2.655   -15.011 1.00 33.16  ? 442 HOH A O   1 
HETATM 1276 O O   . HOH B 2 .   ? 27.772  -21.018 12.531  1.00 25.16  ? 443 HOH A O   1 
HETATM 1277 O O   . HOH B 2 .   ? 14.459  -14.347 2.105   1.00 26.49  ? 444 HOH A O   1 
HETATM 1278 O O   . HOH B 2 .   ? 16.015  -8.441  -0.191  1.00 31.86  ? 445 HOH A O   1 
HETATM 1279 O O   . HOH B 2 .   ? -29.554 11.425  -18.981 1.00 27.15  ? 446 HOH A O   1 
HETATM 1280 O O   . HOH B 2 .   ? 26.241  -15.583 14.031  1.00 28.22  ? 447 HOH A O   1 
HETATM 1281 O O   . HOH B 2 .   ? 2.708   1.337   -11.709 1.00 37.09  ? 448 HOH A O   1 
HETATM 1282 O O   . HOH B 2 .   ? 21.336  -19.608 18.893  1.00 29.25  ? 449 HOH A O   1 
HETATM 1283 O O   . HOH B 2 .   ? 17.653  -24.371 7.502   1.00 34.74  ? 450 HOH A O   1 
HETATM 1284 O O   . HOH B 2 .   ? 19.831  -1.627  8.390   1.00 27.48  ? 451 HOH A O   1 
HETATM 1285 O O   . HOH B 2 .   ? -22.094 23.617  -8.905  1.00 29.64  ? 452 HOH A O   1 
HETATM 1286 O O   . HOH B 2 .   ? -26.964 27.332  -19.852 1.00 40.33  ? 453 HOH A O   1 
HETATM 1287 O O   . HOH B 2 .   ? 18.457  -3.170  11.134  1.00 31.25  ? 454 HOH A O   1 
HETATM 1288 O O   . HOH B 2 .   ? 10.676  -20.622 15.276  1.00 37.75  ? 455 HOH A O   1 
HETATM 1289 O O   . HOH B 2 .   ? -26.413 17.290  0.403   1.00 43.29  ? 456 HOH A O   1 
HETATM 1290 O O   . HOH B 2 .   ? -25.026 15.612  -20.315 1.00 37.62  ? 457 HOH A O   1 
HETATM 1291 O O   . HOH B 2 .   ? -20.605 9.065   -4.721  1.00 35.29  ? 458 HOH A O   1 
HETATM 1292 O O   . HOH B 2 .   ? -34.412 27.487  -17.280 1.00 38.34  ? 459 HOH A O   1 
HETATM 1293 O O   . HOH B 2 .   ? -31.334 13.818  -3.649  1.00 41.68  ? 460 HOH A O   1 
HETATM 1294 O O   . HOH B 2 .   ? -30.072 17.302  0.530   1.00 46.52  ? 461 HOH A O   1 
HETATM 1295 O O   . HOH B 2 .   ? 16.545  -27.246 10.883  1.00 33.11  ? 462 HOH A O   1 
HETATM 1296 O O   . HOH B 2 .   ? -37.914 25.352  -15.998 1.00 43.91  ? 463 HOH A O   1 
HETATM 1297 O O   . HOH B 2 .   ? -30.888 19.496  -16.750 1.00 32.91  ? 464 HOH A O   1 
HETATM 1298 O O   . HOH B 2 .   ? -32.409 15.094  -17.642 1.00 32.59  ? 465 HOH A O   1 
HETATM 1299 O O   . HOH B 2 .   ? -8.982  20.425  -9.812  1.00 47.69  ? 466 HOH A O   1 
HETATM 1300 O O   . HOH B 2 .   ? 23.293  -18.450 20.428  1.00 44.87  ? 467 HOH A O   1 
HETATM 1301 O O   . HOH B 2 .   ? -13.756 15.673  -4.636  1.00 35.85  ? 468 HOH A O   1 
HETATM 1302 O O   . HOH B 2 .   ? 2.294   6.289   -12.850 1.00 36.80  ? 469 HOH A O   1 
HETATM 1303 O O   . HOH B 2 .   ? -36.408 28.745  -19.057 1.00 40.58  ? 470 HOH A O   1 
HETATM 1304 O O   . HOH B 2 .   ? 1.437   16.081  -9.898  1.00 49.72  ? 471 HOH A O   1 
HETATM 1305 O O   . HOH B 2 .   ? 16.291  -21.147 6.021   1.00 42.73  ? 472 HOH A O   1 
HETATM 1306 O O   . HOH B 2 .   ? 11.992  -7.030  1.875   1.00 33.07  ? 473 HOH A O   1 
HETATM 1307 O O   . HOH B 2 .   ? 9.577   -9.828  7.235   1.00 30.63  ? 474 HOH A O   1 
HETATM 1308 O O   . HOH B 2 .   ? -1.288  -1.003  -7.899  1.00 32.61  ? 475 HOH A O   1 
HETATM 1309 O O   . HOH B 2 .   ? 1.389   9.361   -4.825  1.00 42.23  ? 476 HOH A O   1 
HETATM 1310 O O   . HOH B 2 .   ? 11.179  -28.953 16.616  1.00 47.92  ? 477 HOH A O   1 
HETATM 1311 O O   . HOH B 2 .   ? -10.600 15.753  -3.668  1.00 49.95  ? 478 HOH A O   1 
HETATM 1312 O O   . HOH B 2 .   ? 20.098  -14.289 23.507  1.00 48.23  ? 479 HOH A O   1 
HETATM 1313 O O   . HOH B 2 .   ? 7.125   -6.243  12.268  1.00 40.35  ? 480 HOH A O   1 
HETATM 1314 O O   . HOH B 2 .   ? 18.423  -26.334 9.081   1.00 32.44  ? 481 HOH A O   1 
HETATM 1315 O O   . HOH B 2 .   ? -39.159 29.254  -18.064 1.00 52.73  ? 482 HOH A O   1 
HETATM 1316 O O   . HOH B 2 .   ? 14.017  -25.090 20.387  1.00 44.49  ? 483 HOH A O   1 
HETATM 1317 O O   . HOH B 2 .   ? -19.284 20.065  -5.159  1.00 42.51  ? 484 HOH A O   1 
HETATM 1318 O O   . HOH B 2 .   ? 1.657   -1.202  -9.806  1.00 35.98  ? 485 HOH A O   1 
HETATM 1319 O O   . HOH B 2 .   ? -36.941 21.899  -5.174  1.00 39.76  ? 486 HOH A O   1 
HETATM 1320 O O   . HOH B 2 .   ? 6.659   -3.228  9.934   1.00 40.42  ? 487 HOH A O   1 
HETATM 1321 O O   . HOH B 2 .   ? 9.238   -6.824  4.198   1.00 39.58  ? 488 HOH A O   1 
HETATM 1322 O O   . HOH B 2 .   ? 5.356   -1.587  -2.415  1.00 39.78  ? 489 HOH A O   1 
HETATM 1323 O O   . HOH B 2 .   ? -35.377 23.581  -6.596  1.00 31.76  ? 490 HOH A O   1 
HETATM 1324 O O   . HOH B 2 .   ? 20.095  -5.624  -1.188  1.00 43.46  ? 491 HOH A O   1 
HETATM 1325 O O   . HOH B 2 .   ? -21.522 8.104   -17.562 1.00 42.41  ? 492 HOH A O   1 
HETATM 1326 O O   . HOH B 2 .   ? -12.071 8.138   -15.592 1.00 46.20  ? 493 HOH A O   1 
HETATM 1327 O O   . HOH B 2 .   ? 10.089  0.060   -10.024 1.00 41.55  ? 494 HOH A O   1 
HETATM 1328 O O   . HOH B 2 .   ? 19.279  -11.066 20.301  1.00 38.98  ? 495 HOH A O   1 
HETATM 1329 O O   . HOH B 2 .   ? 8.718   -2.530  -10.003 1.00 47.11  ? 496 HOH A O   1 
HETATM 1330 O O   . HOH B 2 .   ? 26.772  -17.938 15.433  1.00 45.53  ? 497 HOH A O   1 
HETATM 1331 O O   . HOH B 2 .   ? 2.024   11.443  -9.132  1.00 44.03  ? 498 HOH A O   1 
HETATM 1332 O O   . HOH B 2 .   ? -37.316 22.844  -9.114  1.00 47.17  ? 499 HOH A O   1 
HETATM 1333 O O   . HOH B 2 .   ? 5.424   -12.318 11.733  1.00 42.87  ? 500 HOH A O   1 
HETATM 1334 O O   . HOH B 2 .   ? -17.050 24.300  -8.390  1.00 58.74  ? 501 HOH A O   1 
HETATM 1335 O O   . HOH B 2 .   ? -12.501 9.740   -21.386 1.00 55.11  ? 502 HOH A O   1 
HETATM 1336 O O   . HOH B 2 .   ? 25.744  -12.324 16.970  1.00 47.59  ? 503 HOH A O   1 
HETATM 1337 O O   . HOH B 2 .   ? 15.942  -14.147 17.926  1.00 41.04  ? 504 HOH A O   1 
HETATM 1338 O O   . HOH B 2 .   ? 19.127  -30.093 12.337  1.00 49.46  ? 505 HOH A O   1 
HETATM 1339 O O   . HOH B 2 .   ? -25.319 12.829  -20.946 1.00 44.33  ? 506 HOH A O   1 
HETATM 1340 O O   . HOH B 2 .   ? 7.192   -4.782  -8.173  1.00 40.73  ? 507 HOH A O   1 
HETATM 1341 O O   . HOH B 2 .   ? 16.654  -15.736 1.100   1.00 43.80  ? 508 HOH A O   1 
HETATM 1342 O O   . HOH B 2 .   ? 15.382  -22.252 8.895   1.00 42.23  ? 509 HOH A O   1 
HETATM 1343 O O   . HOH B 2 .   ? 13.257  1.034   10.326  1.00 47.21  ? 510 HOH A O   1 
HETATM 1344 O O   . HOH B 2 .   ? 16.219  -18.422 1.221   1.00 39.11  ? 511 HOH A O   1 
HETATM 1345 O O   . HOH B 2 .   ? 15.478  -20.286 3.228   1.00 41.18  ? 512 HOH A O   1 
HETATM 1346 O O   . HOH B 2 .   ? -28.325 33.739  -20.287 1.00 42.53  ? 513 HOH A O   1 
HETATM 1347 O O   . HOH B 2 .   ? 0.097   11.027  -7.024  1.00 42.58  ? 514 HOH A O   1 
HETATM 1348 O O   . HOH B 2 .   ? 17.224  6.061   5.285   1.00 54.52  ? 515 HOH A O   1 
HETATM 1349 O O   . HOH B 2 .   ? 27.508  -13.751 18.667  1.00 42.05  ? 516 HOH A O   1 
HETATM 1350 O O   . HOH B 2 .   ? -38.537 27.552  -15.705 1.00 47.96  ? 517 HOH A O   1 
HETATM 1351 O O   . HOH B 2 .   ? 9.114   0.021   -12.712 1.00 53.19  ? 518 HOH A O   1 
HETATM 1352 O O   . HOH B 2 .   ? -28.581 26.671  -18.317 1.00 44.40  ? 519 HOH A O   1 
HETATM 1353 O O   . HOH B 2 .   ? 8.299   -2.132  -0.118  1.00 48.54  ? 520 HOH A O   1 
HETATM 1354 O O   . HOH B 2 .   ? -4.681  8.066   -17.094 1.00 49.36  ? 521 HOH A O   1 
HETATM 1355 O O   . HOH B 2 .   ? -3.761  0.400   -2.721  1.00 37.17  ? 522 HOH A O   1 
HETATM 1356 O O   . HOH B 2 .   ? -15.662 6.487   -16.082 1.00 44.48  ? 523 HOH A O   1 
HETATM 1357 O O   . HOH B 2 .   ? 12.582  5.716   5.666   1.00 53.33  ? 524 HOH A O   1 
HETATM 1358 O O   . HOH B 2 .   ? 10.358  -1.543  9.580   1.00 43.29  ? 525 HOH A O   1 
HETATM 1359 O O   . HOH B 2 .   ? 18.596  -19.272 -0.368  1.00 36.45  ? 526 HOH A O   1 
HETATM 1360 O O   . HOH B 2 .   ? -9.752  8.630   -14.620 1.00 55.46  ? 527 HOH A O   1 
HETATM 1361 O O   . HOH B 2 .   ? 12.925  -20.939 3.028   1.00 47.94  ? 528 HOH A O   1 
HETATM 1362 O O   . HOH B 2 .   ? 23.086  -8.390  0.155   1.00 43.75  ? 529 HOH A O   1 
HETATM 1363 O O   . HOH B 2 .   ? 14.995  -23.106 20.837  1.00 46.66  ? 530 HOH A O   1 
HETATM 1364 O O   . HOH B 2 .   ? -23.814 25.659  -4.975  1.00 36.59  ? 531 HOH A O   1 
HETATM 1365 O O   . HOH B 2 .   ? -4.452  2.511   -0.927  1.00 47.40  ? 532 HOH A O   1 
HETATM 1366 O O   . HOH B 2 .   ? -32.737 26.926  -19.666 1.00 53.30  ? 533 HOH A O   1 
HETATM 1367 O O   . HOH B 2 .   ? -28.358 12.882  -21.189 1.00 53.01  ? 534 HOH A O   1 
HETATM 1368 O O   . HOH B 2 .   ? -38.245 29.162  -13.080 1.00 41.35  ? 535 HOH A O   1 
HETATM 1369 O O   . HOH B 2 .   ? -10.199 18.134  -15.630 1.00 49.63  ? 536 HOH A O   1 
HETATM 1370 O O   . HOH B 2 .   ? 9.840   -8.072  -2.510  1.00 49.26  ? 537 HOH A O   1 
HETATM 1371 O O   . HOH B 2 .   ? 12.787  -9.913  18.886  1.00 58.07  ? 538 HOH A O   1 
HETATM 1372 O O   . HOH B 2 .   ? -25.645 24.281  2.519   1.00 65.96  ? 539 HOH A O   1 
HETATM 1373 O O   . HOH B 2 .   ? -25.852 23.411  -0.716  1.00 39.38  ? 540 HOH A O   1 
HETATM 1374 O O   . HOH B 2 .   ? -19.304 10.286  -1.426  1.00 48.88  ? 541 HOH A O   1 
HETATM 1375 O O   . HOH B 2 .   ? -28.782 24.012  -16.819 1.00 47.70  ? 542 HOH A O   1 
# 
